data_3NRY
# 
_entry.id   3NRY 
# 
_audit_conform.dict_name       mmcif_pdbx.dic 
_audit_conform.dict_version    5.399 
_audit_conform.dict_location   http://mmcif.pdb.org/dictionaries/ascii/mmcif_pdbx.dic 
# 
loop_
_database_2.database_id 
_database_2.database_code 
_database_2.pdbx_database_accession 
_database_2.pdbx_DOI 
PDB   3NRY         pdb_00003nry 10.2210/pdb3nry/pdb 
RCSB  RCSB060205   ?            ?                   
WWPDB D_1000060205 ?            ?                   
# 
loop_
_pdbx_audit_revision_history.ordinal 
_pdbx_audit_revision_history.data_content_type 
_pdbx_audit_revision_history.major_revision 
_pdbx_audit_revision_history.minor_revision 
_pdbx_audit_revision_history.revision_date 
1 'Structure model' 1 0 2010-08-25 
2 'Structure model' 1 1 2011-07-13 
3 'Structure model' 1 2 2023-12-27 
4 'Structure model' 1 3 2024-11-27 
# 
_pdbx_audit_revision_details.ordinal             1 
_pdbx_audit_revision_details.revision_ordinal    1 
_pdbx_audit_revision_details.data_content_type   'Structure model' 
_pdbx_audit_revision_details.provider            repository 
_pdbx_audit_revision_details.type                'Initial release' 
_pdbx_audit_revision_details.description         ? 
_pdbx_audit_revision_details.details             ? 
# 
loop_
_pdbx_audit_revision_group.ordinal 
_pdbx_audit_revision_group.revision_ordinal 
_pdbx_audit_revision_group.data_content_type 
_pdbx_audit_revision_group.group 
1 2 'Structure model' 'Version format compliance' 
2 3 'Structure model' 'Data collection'           
3 3 'Structure model' 'Database references'       
4 3 'Structure model' 'Derived calculations'      
5 4 'Structure model' 'Structure summary'         
# 
loop_
_pdbx_audit_revision_category.ordinal 
_pdbx_audit_revision_category.revision_ordinal 
_pdbx_audit_revision_category.data_content_type 
_pdbx_audit_revision_category.category 
1 3 'Structure model' chem_comp_atom            
2 3 'Structure model' chem_comp_bond            
3 3 'Structure model' database_2                
4 3 'Structure model' struct_conn               
5 3 'Structure model' struct_ref_seq_dif        
6 4 'Structure model' pdbx_entry_details        
7 4 'Structure model' pdbx_modification_feature 
# 
loop_
_pdbx_audit_revision_item.ordinal 
_pdbx_audit_revision_item.revision_ordinal 
_pdbx_audit_revision_item.data_content_type 
_pdbx_audit_revision_item.item 
1 3 'Structure model' '_database_2.pdbx_DOI'                
2 3 'Structure model' '_database_2.pdbx_database_accession' 
3 3 'Structure model' '_struct_conn.pdbx_leaving_atom_flag' 
4 3 'Structure model' '_struct_ref_seq_dif.details'         
# 
_pdbx_database_status.status_code                     REL 
_pdbx_database_status.entry_id                        3NRY 
_pdbx_database_status.recvd_initial_deposition_date   2010-07-01 
_pdbx_database_status.deposit_site                    RCSB 
_pdbx_database_status.process_site                    RCSB 
_pdbx_database_status.status_code_sf                  REL 
_pdbx_database_status.status_code_mr                  ? 
_pdbx_database_status.SG_entry                        ? 
_pdbx_database_status.pdb_format_compatible           Y 
_pdbx_database_status.status_code_cs                  ? 
_pdbx_database_status.status_code_nmr_data            ? 
_pdbx_database_status.methods_development_category    ? 
# 
_pdbx_database_related.db_name        PDB 
_pdbx_database_related.db_id          3NRX 
_pdbx_database_related.details        
'The related entry is the native protein. The current entry is the SelenoMethionine derivative' 
_pdbx_database_related.content_type   unspecified 
# 
loop_
_audit_author.name 
_audit_author.pdbx_ordinal 
'Kapoor, T.M.'         1 
'Subramanian, R.'      2 
'Wilson-Kubalek, E.M.' 3 
'Arthur, C.P.'         4 
'Bick, M.J.'           5 
'Campbell, E.A.'       6 
'Darst, S.A.'          7 
'Milligan, R.A.'       8 
# 
_citation.id                        primary 
_citation.title                     
'Insights into Antiparallel Microtubule Crosslinking by PRC1, a Conserved Nonmotor Microtubule Binding Protein.' 
_citation.journal_abbrev            'Cell(Cambridge,Mass.)' 
_citation.journal_volume            142 
_citation.page_first                433 
_citation.page_last                 443 
_citation.year                      2010 
_citation.journal_id_ASTM           CELLB5 
_citation.country                   US 
_citation.journal_id_ISSN           0092-8674 
_citation.journal_id_CSD            0998 
_citation.book_publisher            ? 
_citation.pdbx_database_id_PubMed   20691902 
_citation.pdbx_database_id_DOI      10.1016/j.cell.2010.07.012 
# 
loop_
_citation_author.citation_id 
_citation_author.name 
_citation_author.ordinal 
_citation_author.identifier_ORCID 
primary 'Subramanian, R.'      1 ? 
primary 'Wilson-Kubalek, E.M.' 2 ? 
primary 'Arthur, C.P.'         3 ? 
primary 'Bick, M.J.'           4 ? 
primary 'Campbell, E.A.'       5 ? 
primary 'Darst, S.A.'          6 ? 
primary 'Milligan, R.A.'       7 ? 
primary 'Kapoor, T.M.'         8 ? 
# 
loop_
_entity.id 
_entity.type 
_entity.src_method 
_entity.pdbx_description 
_entity.formula_weight 
_entity.pdbx_number_of_molecules 
_entity.pdbx_ec 
_entity.pdbx_mutation 
_entity.pdbx_fragment 
_entity.details 
1 polymer man 'Protein regulator of cytokinesis 1' 16072.549 1  ? ? 'UNP residues 341-466' ? 
2 water   nat water                                18.015    72 ? ? ?                      ? 
# 
_entity_poly.entity_id                      1 
_entity_poly.type                           'polypeptide(L)' 
_entity_poly.nstd_linkage                   no 
_entity_poly.nstd_monomer                   yes 
_entity_poly.pdbx_seq_one_letter_code       
;GAAALKNYYEVHKELFEGVQKWEETWRLFLEFERKASDPNRFTNRGGNLLKEEKQRAKLQK(MSE)LPKLEEELKARIEL
WEQEHSKAF(MSE)VNGQKF(MSE)EYVAEQWE(MSE)HRLEKERAKQERQLKNKKQTETE(MSE)LYGS
;
_entity_poly.pdbx_seq_one_letter_code_can   
;GAAALKNYYEVHKELFEGVQKWEETWRLFLEFERKASDPNRFTNRGGNLLKEEKQRAKLQKMLPKLEEELKARIELWEQE
HSKAFMVNGQKFMEYVAEQWEMHRLEKERAKQERQLKNKKQTETEMLYGS
;
_entity_poly.pdbx_strand_id                 A 
_entity_poly.pdbx_target_identifier         ? 
# 
_pdbx_entity_nonpoly.entity_id   2 
_pdbx_entity_nonpoly.name        water 
_pdbx_entity_nonpoly.comp_id     HOH 
# 
loop_
_entity_poly_seq.entity_id 
_entity_poly_seq.num 
_entity_poly_seq.mon_id 
_entity_poly_seq.hetero 
1 1   GLY n 
1 2   ALA n 
1 3   ALA n 
1 4   ALA n 
1 5   LEU n 
1 6   LYS n 
1 7   ASN n 
1 8   TYR n 
1 9   TYR n 
1 10  GLU n 
1 11  VAL n 
1 12  HIS n 
1 13  LYS n 
1 14  GLU n 
1 15  LEU n 
1 16  PHE n 
1 17  GLU n 
1 18  GLY n 
1 19  VAL n 
1 20  GLN n 
1 21  LYS n 
1 22  TRP n 
1 23  GLU n 
1 24  GLU n 
1 25  THR n 
1 26  TRP n 
1 27  ARG n 
1 28  LEU n 
1 29  PHE n 
1 30  LEU n 
1 31  GLU n 
1 32  PHE n 
1 33  GLU n 
1 34  ARG n 
1 35  LYS n 
1 36  ALA n 
1 37  SER n 
1 38  ASP n 
1 39  PRO n 
1 40  ASN n 
1 41  ARG n 
1 42  PHE n 
1 43  THR n 
1 44  ASN n 
1 45  ARG n 
1 46  GLY n 
1 47  GLY n 
1 48  ASN n 
1 49  LEU n 
1 50  LEU n 
1 51  LYS n 
1 52  GLU n 
1 53  GLU n 
1 54  LYS n 
1 55  GLN n 
1 56  ARG n 
1 57  ALA n 
1 58  LYS n 
1 59  LEU n 
1 60  GLN n 
1 61  LYS n 
1 62  MSE n 
1 63  LEU n 
1 64  PRO n 
1 65  LYS n 
1 66  LEU n 
1 67  GLU n 
1 68  GLU n 
1 69  GLU n 
1 70  LEU n 
1 71  LYS n 
1 72  ALA n 
1 73  ARG n 
1 74  ILE n 
1 75  GLU n 
1 76  LEU n 
1 77  TRP n 
1 78  GLU n 
1 79  GLN n 
1 80  GLU n 
1 81  HIS n 
1 82  SER n 
1 83  LYS n 
1 84  ALA n 
1 85  PHE n 
1 86  MSE n 
1 87  VAL n 
1 88  ASN n 
1 89  GLY n 
1 90  GLN n 
1 91  LYS n 
1 92  PHE n 
1 93  MSE n 
1 94  GLU n 
1 95  TYR n 
1 96  VAL n 
1 97  ALA n 
1 98  GLU n 
1 99  GLN n 
1 100 TRP n 
1 101 GLU n 
1 102 MSE n 
1 103 HIS n 
1 104 ARG n 
1 105 LEU n 
1 106 GLU n 
1 107 LYS n 
1 108 GLU n 
1 109 ARG n 
1 110 ALA n 
1 111 LYS n 
1 112 GLN n 
1 113 GLU n 
1 114 ARG n 
1 115 GLN n 
1 116 LEU n 
1 117 LYS n 
1 118 ASN n 
1 119 LYS n 
1 120 LYS n 
1 121 GLN n 
1 122 THR n 
1 123 GLU n 
1 124 THR n 
1 125 GLU n 
1 126 MSE n 
1 127 LEU n 
1 128 TYR n 
1 129 GLY n 
1 130 SER n 
# 
_entity_src_gen.entity_id                          1 
_entity_src_gen.pdbx_src_id                        1 
_entity_src_gen.pdbx_alt_source_flag               sample 
_entity_src_gen.pdbx_seq_type                      ? 
_entity_src_gen.pdbx_beg_seq_num                   ? 
_entity_src_gen.pdbx_end_seq_num                   ? 
_entity_src_gen.gene_src_common_name               human 
_entity_src_gen.gene_src_genus                     ? 
_entity_src_gen.pdbx_gene_src_gene                 PRC1 
_entity_src_gen.gene_src_species                   ? 
_entity_src_gen.gene_src_strain                    ? 
_entity_src_gen.gene_src_tissue                    ? 
_entity_src_gen.gene_src_tissue_fraction           ? 
_entity_src_gen.gene_src_details                   ? 
_entity_src_gen.pdbx_gene_src_fragment             ? 
_entity_src_gen.pdbx_gene_src_scientific_name      'Homo sapiens' 
_entity_src_gen.pdbx_gene_src_ncbi_taxonomy_id     9606 
_entity_src_gen.pdbx_gene_src_variant              ? 
_entity_src_gen.pdbx_gene_src_cell_line            ? 
_entity_src_gen.pdbx_gene_src_atcc                 ? 
_entity_src_gen.pdbx_gene_src_organ                ? 
_entity_src_gen.pdbx_gene_src_organelle            ? 
_entity_src_gen.pdbx_gene_src_cell                 ? 
_entity_src_gen.pdbx_gene_src_cellular_location    ? 
_entity_src_gen.host_org_common_name               ? 
_entity_src_gen.pdbx_host_org_scientific_name      'Escherichia coli' 
_entity_src_gen.pdbx_host_org_ncbi_taxonomy_id     562 
_entity_src_gen.host_org_genus                     ? 
_entity_src_gen.pdbx_host_org_gene                 ? 
_entity_src_gen.pdbx_host_org_organ                ? 
_entity_src_gen.host_org_species                   ? 
_entity_src_gen.pdbx_host_org_tissue               ? 
_entity_src_gen.pdbx_host_org_tissue_fraction      ? 
_entity_src_gen.pdbx_host_org_strain               ? 
_entity_src_gen.pdbx_host_org_variant              ? 
_entity_src_gen.pdbx_host_org_cell_line            ? 
_entity_src_gen.pdbx_host_org_atcc                 ? 
_entity_src_gen.pdbx_host_org_culture_collection   ? 
_entity_src_gen.pdbx_host_org_cell                 ? 
_entity_src_gen.pdbx_host_org_organelle            ? 
_entity_src_gen.pdbx_host_org_cellular_location    ? 
_entity_src_gen.pdbx_host_org_vector_type          ? 
_entity_src_gen.pdbx_host_org_vector               ? 
_entity_src_gen.host_org_details                   ? 
_entity_src_gen.expression_system_id               ? 
_entity_src_gen.plasmid_name                       ? 
_entity_src_gen.plasmid_details                    ? 
_entity_src_gen.pdbx_description                   ? 
# 
loop_
_chem_comp.id 
_chem_comp.type 
_chem_comp.mon_nstd_flag 
_chem_comp.name 
_chem_comp.pdbx_synonyms 
_chem_comp.formula 
_chem_comp.formula_weight 
ALA 'L-peptide linking' y ALANINE          ? 'C3 H7 N O2'     89.093  
ARG 'L-peptide linking' y ARGININE         ? 'C6 H15 N4 O2 1' 175.209 
ASN 'L-peptide linking' y ASPARAGINE       ? 'C4 H8 N2 O3'    132.118 
ASP 'L-peptide linking' y 'ASPARTIC ACID'  ? 'C4 H7 N O4'     133.103 
GLN 'L-peptide linking' y GLUTAMINE        ? 'C5 H10 N2 O3'   146.144 
GLU 'L-peptide linking' y 'GLUTAMIC ACID'  ? 'C5 H9 N O4'     147.129 
GLY 'peptide linking'   y GLYCINE          ? 'C2 H5 N O2'     75.067  
HIS 'L-peptide linking' y HISTIDINE        ? 'C6 H10 N3 O2 1' 156.162 
HOH non-polymer         . WATER            ? 'H2 O'           18.015  
ILE 'L-peptide linking' y ISOLEUCINE       ? 'C6 H13 N O2'    131.173 
LEU 'L-peptide linking' y LEUCINE          ? 'C6 H13 N O2'    131.173 
LYS 'L-peptide linking' y LYSINE           ? 'C6 H15 N2 O2 1' 147.195 
MSE 'L-peptide linking' n SELENOMETHIONINE ? 'C5 H11 N O2 Se' 196.106 
PHE 'L-peptide linking' y PHENYLALANINE    ? 'C9 H11 N O2'    165.189 
PRO 'L-peptide linking' y PROLINE          ? 'C5 H9 N O2'     115.130 
SER 'L-peptide linking' y SERINE           ? 'C3 H7 N O3'     105.093 
THR 'L-peptide linking' y THREONINE        ? 'C4 H9 N O3'     119.119 
TRP 'L-peptide linking' y TRYPTOPHAN       ? 'C11 H12 N2 O2'  204.225 
TYR 'L-peptide linking' y TYROSINE         ? 'C9 H11 N O3'    181.189 
VAL 'L-peptide linking' y VALINE           ? 'C5 H11 N O2'    117.146 
# 
loop_
_pdbx_poly_seq_scheme.asym_id 
_pdbx_poly_seq_scheme.entity_id 
_pdbx_poly_seq_scheme.seq_id 
_pdbx_poly_seq_scheme.mon_id 
_pdbx_poly_seq_scheme.ndb_seq_num 
_pdbx_poly_seq_scheme.pdb_seq_num 
_pdbx_poly_seq_scheme.auth_seq_num 
_pdbx_poly_seq_scheme.pdb_mon_id 
_pdbx_poly_seq_scheme.auth_mon_id 
_pdbx_poly_seq_scheme.pdb_strand_id 
_pdbx_poly_seq_scheme.pdb_ins_code 
_pdbx_poly_seq_scheme.hetero 
A 1 1   GLY 1   1   1   GLY GLY A . n 
A 1 2   ALA 2   2   2   ALA ALA A . n 
A 1 3   ALA 3   3   3   ALA ALA A . n 
A 1 4   ALA 4   4   4   ALA ALA A . n 
A 1 5   LEU 5   5   5   LEU LEU A . n 
A 1 6   LYS 6   6   6   LYS LYS A . n 
A 1 7   ASN 7   7   7   ASN ASN A . n 
A 1 8   TYR 8   8   8   TYR TYR A . n 
A 1 9   TYR 9   9   9   TYR TYR A . n 
A 1 10  GLU 10  10  10  GLU GLU A . n 
A 1 11  VAL 11  11  11  VAL VAL A . n 
A 1 12  HIS 12  12  12  HIS HIS A . n 
A 1 13  LYS 13  13  13  LYS LYS A . n 
A 1 14  GLU 14  14  14  GLU GLU A . n 
A 1 15  LEU 15  15  15  LEU LEU A . n 
A 1 16  PHE 16  16  16  PHE PHE A . n 
A 1 17  GLU 17  17  17  GLU GLU A . n 
A 1 18  GLY 18  18  18  GLY GLY A . n 
A 1 19  VAL 19  19  19  VAL VAL A . n 
A 1 20  GLN 20  20  20  GLN GLN A . n 
A 1 21  LYS 21  21  21  LYS LYS A . n 
A 1 22  TRP 22  22  22  TRP TRP A . n 
A 1 23  GLU 23  23  23  GLU GLU A . n 
A 1 24  GLU 24  24  24  GLU GLU A . n 
A 1 25  THR 25  25  25  THR THR A . n 
A 1 26  TRP 26  26  26  TRP TRP A . n 
A 1 27  ARG 27  27  27  ARG ARG A . n 
A 1 28  LEU 28  28  28  LEU LEU A . n 
A 1 29  PHE 29  29  29  PHE PHE A . n 
A 1 30  LEU 30  30  30  LEU LEU A . n 
A 1 31  GLU 31  31  31  GLU GLU A . n 
A 1 32  PHE 32  32  32  PHE PHE A . n 
A 1 33  GLU 33  33  33  GLU GLU A . n 
A 1 34  ARG 34  34  34  ARG ARG A . n 
A 1 35  LYS 35  35  35  LYS LYS A . n 
A 1 36  ALA 36  36  36  ALA ALA A . n 
A 1 37  SER 37  37  37  SER SER A . n 
A 1 38  ASP 38  38  38  ASP ASP A . n 
A 1 39  PRO 39  39  39  PRO PRO A . n 
A 1 40  ASN 40  40  40  ASN ASN A . n 
A 1 41  ARG 41  41  41  ARG ARG A . n 
A 1 42  PHE 42  42  42  PHE PHE A . n 
A 1 43  THR 43  43  43  THR THR A . n 
A 1 44  ASN 44  44  44  ASN ASN A . n 
A 1 45  ARG 45  45  ?   ?   ?   A . n 
A 1 46  GLY 46  46  ?   ?   ?   A . n 
A 1 47  GLY 47  47  ?   ?   ?   A . n 
A 1 48  ASN 48  48  ?   ?   ?   A . n 
A 1 49  LEU 49  49  ?   ?   ?   A . n 
A 1 50  LEU 50  50  50  LEU LEU A . n 
A 1 51  LYS 51  51  51  LYS LYS A . n 
A 1 52  GLU 52  52  52  GLU GLU A . n 
A 1 53  GLU 53  53  53  GLU GLU A . n 
A 1 54  LYS 54  54  54  LYS LYS A . n 
A 1 55  GLN 55  55  55  GLN GLN A . n 
A 1 56  ARG 56  56  56  ARG ARG A . n 
A 1 57  ALA 57  57  57  ALA ALA A . n 
A 1 58  LYS 58  58  58  LYS LYS A . n 
A 1 59  LEU 59  59  59  LEU LEU A . n 
A 1 60  GLN 60  60  60  GLN GLN A . n 
A 1 61  LYS 61  61  61  LYS LYS A . n 
A 1 62  MSE 62  62  62  MSE MSE A . n 
A 1 63  LEU 63  63  63  LEU LEU A . n 
A 1 64  PRO 64  64  64  PRO PRO A . n 
A 1 65  LYS 65  65  65  LYS LYS A . n 
A 1 66  LEU 66  66  66  LEU LEU A . n 
A 1 67  GLU 67  67  67  GLU GLU A . n 
A 1 68  GLU 68  68  68  GLU GLU A . n 
A 1 69  GLU 69  69  69  GLU GLU A . n 
A 1 70  LEU 70  70  70  LEU LEU A . n 
A 1 71  LYS 71  71  71  LYS LYS A . n 
A 1 72  ALA 72  72  72  ALA ALA A . n 
A 1 73  ARG 73  73  73  ARG ARG A . n 
A 1 74  ILE 74  74  74  ILE ILE A . n 
A 1 75  GLU 75  75  75  GLU GLU A . n 
A 1 76  LEU 76  76  76  LEU LEU A . n 
A 1 77  TRP 77  77  77  TRP TRP A . n 
A 1 78  GLU 78  78  78  GLU GLU A . n 
A 1 79  GLN 79  79  79  GLN GLN A . n 
A 1 80  GLU 80  80  80  GLU GLU A . n 
A 1 81  HIS 81  81  81  HIS HIS A . n 
A 1 82  SER 82  82  82  SER SER A . n 
A 1 83  LYS 83  83  83  LYS LYS A . n 
A 1 84  ALA 84  84  84  ALA ALA A . n 
A 1 85  PHE 85  85  85  PHE PHE A . n 
A 1 86  MSE 86  86  86  MSE MSE A . n 
A 1 87  VAL 87  87  87  VAL VAL A . n 
A 1 88  ASN 88  88  88  ASN ASN A . n 
A 1 89  GLY 89  89  89  GLY GLY A . n 
A 1 90  GLN 90  90  90  GLN GLN A . n 
A 1 91  LYS 91  91  91  LYS LYS A . n 
A 1 92  PHE 92  92  92  PHE PHE A . n 
A 1 93  MSE 93  93  93  MSE MSE A . n 
A 1 94  GLU 94  94  94  GLU GLU A . n 
A 1 95  TYR 95  95  95  TYR TYR A . n 
A 1 96  VAL 96  96  96  VAL VAL A . n 
A 1 97  ALA 97  97  97  ALA ALA A . n 
A 1 98  GLU 98  98  98  GLU GLU A . n 
A 1 99  GLN 99  99  99  GLN GLN A . n 
A 1 100 TRP 100 100 100 TRP TRP A . n 
A 1 101 GLU 101 101 101 GLU GLU A . n 
A 1 102 MSE 102 102 102 MSE MSE A . n 
A 1 103 HIS 103 103 103 HIS HIS A . n 
A 1 104 ARG 104 104 104 ARG ARG A . n 
A 1 105 LEU 105 105 105 LEU LEU A . n 
A 1 106 GLU 106 106 106 GLU GLU A . n 
A 1 107 LYS 107 107 107 LYS LYS A . n 
A 1 108 GLU 108 108 108 GLU GLU A . n 
A 1 109 ARG 109 109 109 ARG ARG A . n 
A 1 110 ALA 110 110 110 ALA ALA A . n 
A 1 111 LYS 111 111 111 LYS LYS A . n 
A 1 112 GLN 112 112 112 GLN GLN A . n 
A 1 113 GLU 113 113 113 GLU GLU A . n 
A 1 114 ARG 114 114 114 ARG ARG A . n 
A 1 115 GLN 115 115 115 GLN GLN A . n 
A 1 116 LEU 116 116 116 LEU LEU A . n 
A 1 117 LYS 117 117 117 LYS LYS A . n 
A 1 118 ASN 118 118 118 ASN ASN A . n 
A 1 119 LYS 119 119 119 LYS LYS A . n 
A 1 120 LYS 120 120 120 LYS LYS A . n 
A 1 121 GLN 121 121 121 GLN GLN A . n 
A 1 122 THR 122 122 122 THR THR A . n 
A 1 123 GLU 123 123 123 GLU GLU A . n 
A 1 124 THR 124 124 124 THR THR A . n 
A 1 125 GLU 125 125 125 GLU GLU A . n 
A 1 126 MSE 126 126 126 MSE MSE A . n 
A 1 127 LEU 127 127 127 LEU LEU A . n 
A 1 128 TYR 128 128 128 TYR TYR A . n 
A 1 129 GLY 129 129 129 GLY GLY A . n 
A 1 130 SER 130 130 130 SER SER A . n 
# 
loop_
_pdbx_nonpoly_scheme.asym_id 
_pdbx_nonpoly_scheme.entity_id 
_pdbx_nonpoly_scheme.mon_id 
_pdbx_nonpoly_scheme.ndb_seq_num 
_pdbx_nonpoly_scheme.pdb_seq_num 
_pdbx_nonpoly_scheme.auth_seq_num 
_pdbx_nonpoly_scheme.pdb_mon_id 
_pdbx_nonpoly_scheme.auth_mon_id 
_pdbx_nonpoly_scheme.pdb_strand_id 
_pdbx_nonpoly_scheme.pdb_ins_code 
B 2 HOH 1  201 201 HOH HOH A . 
B 2 HOH 2  202 202 HOH HOH A . 
B 2 HOH 3  203 203 HOH HOH A . 
B 2 HOH 4  204 204 HOH HOH A . 
B 2 HOH 5  205 205 HOH HOH A . 
B 2 HOH 6  206 206 HOH HOH A . 
B 2 HOH 7  207 207 HOH HOH A . 
B 2 HOH 8  208 208 HOH HOH A . 
B 2 HOH 9  209 209 HOH HOH A . 
B 2 HOH 10 210 210 HOH HOH A . 
B 2 HOH 11 211 211 HOH HOH A . 
B 2 HOH 12 212 212 HOH HOH A . 
B 2 HOH 13 213 213 HOH HOH A . 
B 2 HOH 14 214 214 HOH HOH A . 
B 2 HOH 15 215 215 HOH HOH A . 
B 2 HOH 16 216 216 HOH HOH A . 
B 2 HOH 17 217 217 HOH HOH A . 
B 2 HOH 18 218 218 HOH HOH A . 
B 2 HOH 19 219 219 HOH HOH A . 
B 2 HOH 20 220 220 HOH HOH A . 
B 2 HOH 21 221 221 HOH HOH A . 
B 2 HOH 22 222 222 HOH HOH A . 
B 2 HOH 23 223 223 HOH HOH A . 
B 2 HOH 24 224 224 HOH HOH A . 
B 2 HOH 25 225 225 HOH HOH A . 
B 2 HOH 26 226 226 HOH HOH A . 
B 2 HOH 27 227 227 HOH HOH A . 
B 2 HOH 28 228 228 HOH HOH A . 
B 2 HOH 29 229 229 HOH HOH A . 
B 2 HOH 30 230 230 HOH HOH A . 
B 2 HOH 31 231 231 HOH HOH A . 
B 2 HOH 32 232 232 HOH HOH A . 
B 2 HOH 33 233 233 HOH HOH A . 
B 2 HOH 34 234 234 HOH HOH A . 
B 2 HOH 35 235 235 HOH HOH A . 
B 2 HOH 36 236 236 HOH HOH A . 
B 2 HOH 37 237 237 HOH HOH A . 
B 2 HOH 38 238 238 HOH HOH A . 
B 2 HOH 39 239 239 HOH HOH A . 
B 2 HOH 40 240 240 HOH HOH A . 
B 2 HOH 41 241 241 HOH HOH A . 
B 2 HOH 42 242 242 HOH HOH A . 
B 2 HOH 43 243 243 HOH HOH A . 
B 2 HOH 44 244 244 HOH HOH A . 
B 2 HOH 45 245 245 HOH HOH A . 
B 2 HOH 46 246 246 HOH HOH A . 
B 2 HOH 47 247 247 HOH HOH A . 
B 2 HOH 48 248 248 HOH HOH A . 
B 2 HOH 49 249 249 HOH HOH A . 
B 2 HOH 50 250 250 HOH HOH A . 
B 2 HOH 51 251 251 HOH HOH A . 
B 2 HOH 52 252 252 HOH HOH A . 
B 2 HOH 53 253 253 HOH HOH A . 
B 2 HOH 54 254 254 HOH HOH A . 
B 2 HOH 55 255 255 HOH HOH A . 
B 2 HOH 56 256 256 HOH HOH A . 
B 2 HOH 57 257 257 HOH HOH A . 
B 2 HOH 58 258 258 HOH HOH A . 
B 2 HOH 59 259 259 HOH HOH A . 
B 2 HOH 60 260 260 HOH HOH A . 
B 2 HOH 61 261 261 HOH HOH A . 
B 2 HOH 62 262 262 HOH HOH A . 
B 2 HOH 63 263 263 HOH HOH A . 
B 2 HOH 64 264 264 HOH HOH A . 
B 2 HOH 65 265 265 HOH HOH A . 
B 2 HOH 66 266 266 HOH HOH A . 
B 2 HOH 67 267 267 HOH HOH A . 
B 2 HOH 68 268 268 HOH HOH A . 
B 2 HOH 69 269 269 HOH HOH A . 
B 2 HOH 70 270 270 HOH HOH A . 
B 2 HOH 71 271 271 HOH HOH A . 
B 2 HOH 72 272 272 HOH HOH A . 
# 
loop_
_pdbx_unobs_or_zero_occ_atoms.id 
_pdbx_unobs_or_zero_occ_atoms.PDB_model_num 
_pdbx_unobs_or_zero_occ_atoms.polymer_flag 
_pdbx_unobs_or_zero_occ_atoms.occupancy_flag 
_pdbx_unobs_or_zero_occ_atoms.auth_asym_id 
_pdbx_unobs_or_zero_occ_atoms.auth_comp_id 
_pdbx_unobs_or_zero_occ_atoms.auth_seq_id 
_pdbx_unobs_or_zero_occ_atoms.PDB_ins_code 
_pdbx_unobs_or_zero_occ_atoms.auth_atom_id 
_pdbx_unobs_or_zero_occ_atoms.label_alt_id 
_pdbx_unobs_or_zero_occ_atoms.label_asym_id 
_pdbx_unobs_or_zero_occ_atoms.label_comp_id 
_pdbx_unobs_or_zero_occ_atoms.label_seq_id 
_pdbx_unobs_or_zero_occ_atoms.label_atom_id 
1  1 Y 1 A GLU 31  ? CD  ? A GLU 31  CD  
2  1 Y 1 A GLU 31  ? OE1 ? A GLU 31  OE1 
3  1 Y 1 A GLU 31  ? OE2 ? A GLU 31  OE2 
4  1 Y 1 A ARG 34  ? CG  ? A ARG 34  CG  
5  1 Y 1 A ARG 34  ? CD  ? A ARG 34  CD  
6  1 Y 1 A ARG 34  ? NE  ? A ARG 34  NE  
7  1 Y 1 A ARG 34  ? CZ  ? A ARG 34  CZ  
8  1 Y 1 A ARG 34  ? NH1 ? A ARG 34  NH1 
9  1 Y 1 A ARG 34  ? NH2 ? A ARG 34  NH2 
10 1 Y 1 A LYS 51  ? CG  ? A LYS 51  CG  
11 1 Y 1 A LYS 51  ? CD  ? A LYS 51  CD  
12 1 Y 1 A LYS 51  ? CE  ? A LYS 51  CE  
13 1 Y 1 A LYS 51  ? NZ  ? A LYS 51  NZ  
14 1 Y 1 A LYS 54  ? CG  ? A LYS 54  CG  
15 1 Y 1 A LYS 54  ? CD  ? A LYS 54  CD  
16 1 Y 1 A LYS 54  ? CE  ? A LYS 54  CE  
17 1 Y 1 A LYS 54  ? NZ  ? A LYS 54  NZ  
18 1 Y 1 A LYS 58  ? CG  ? A LYS 58  CG  
19 1 Y 1 A LYS 58  ? CD  ? A LYS 58  CD  
20 1 Y 1 A LYS 58  ? CE  ? A LYS 58  CE  
21 1 Y 1 A LYS 58  ? NZ  ? A LYS 58  NZ  
22 1 Y 1 A LYS 65  ? CG  ? A LYS 65  CG  
23 1 Y 1 A LYS 65  ? CD  ? A LYS 65  CD  
24 1 Y 1 A LYS 65  ? CE  ? A LYS 65  CE  
25 1 Y 1 A LYS 65  ? NZ  ? A LYS 65  NZ  
26 1 Y 1 A GLU 68  ? CG  ? A GLU 68  CG  
27 1 Y 1 A GLU 68  ? CD  ? A GLU 68  CD  
28 1 Y 1 A GLU 68  ? OE1 ? A GLU 68  OE1 
29 1 Y 1 A GLU 68  ? OE2 ? A GLU 68  OE2 
30 1 Y 1 A GLU 106 ? CD  ? A GLU 106 CD  
31 1 Y 1 A GLU 106 ? OE1 ? A GLU 106 OE1 
32 1 Y 1 A GLU 106 ? OE2 ? A GLU 106 OE2 
33 1 Y 1 A GLU 125 ? CG  ? A GLU 125 CG  
34 1 Y 1 A GLU 125 ? CD  ? A GLU 125 CD  
35 1 Y 1 A GLU 125 ? OE1 ? A GLU 125 OE1 
36 1 Y 1 A GLU 125 ? OE2 ? A GLU 125 OE2 
# 
loop_
_software.name 
_software.classification 
_software.version 
_software.citation_id 
_software.pdbx_ordinal 
ADSC     'data collection' Quantum ? 1 
SHARP    phasing           .       ? 2 
REFMAC   refinement        5.0     ? 3 
HKL-2000 'data reduction'  .       ? 4 
HKL-2000 'data scaling'    .       ? 5 
# 
_cell.entry_id           3NRY 
_cell.length_a           51.043 
_cell.length_b           51.043 
_cell.length_c           90.347 
_cell.angle_alpha        90.00 
_cell.angle_beta         90.00 
_cell.angle_gamma        120.00 
_cell.Z_PDB              6 
_cell.pdbx_unique_axis   ? 
_cell.length_a_esd       ? 
_cell.length_b_esd       ? 
_cell.length_c_esd       ? 
_cell.angle_alpha_esd    ? 
_cell.angle_beta_esd     ? 
_cell.angle_gamma_esd    ? 
# 
_symmetry.entry_id                         3NRY 
_symmetry.space_group_name_H-M             'P 62' 
_symmetry.pdbx_full_space_group_name_H-M   ? 
_symmetry.cell_setting                     ? 
_symmetry.Int_Tables_number                171 
_symmetry.space_group_name_Hall            ? 
# 
_exptl.entry_id          3NRY 
_exptl.method            'X-RAY DIFFRACTION' 
_exptl.crystals_number   1 
# 
_exptl_crystal.id                    1 
_exptl_crystal.density_meas          ? 
_exptl_crystal.density_Matthews      2.11 
_exptl_crystal.density_percent_sol   41.81 
_exptl_crystal.description           ? 
_exptl_crystal.F_000                 ? 
_exptl_crystal.preparation           ? 
# 
_exptl_crystal_grow.crystal_id      1 
_exptl_crystal_grow.method          'VAPOR DIFFUSION, HANGING DROP' 
_exptl_crystal_grow.temp            277 
_exptl_crystal_grow.temp_details    ? 
_exptl_crystal_grow.pH              9.5 
_exptl_crystal_grow.pdbx_details    
;1:1 v/v protein (50 mg/ml in 80 mM PIPES, pH 6.8, 1 mM MgCl2, 1 mM EDTA, 150 mM KCl) and reservoir buffer (100 mM CHES pH 9.5, 30 % PEG 3000), VAPOR DIFFUSION, HANGING DROP, temperature 277K
;
_exptl_crystal_grow.pdbx_pH_range   ? 
# 
_diffrn.id                     1 
_diffrn.ambient_temp           173 
_diffrn.ambient_temp_details   ? 
_diffrn.crystal_id             1 
# 
_diffrn_detector.diffrn_id              1 
_diffrn_detector.detector               CCD 
_diffrn_detector.type                   'ADSC QUANTUM 315' 
_diffrn_detector.pdbx_collection_date   2009-04-21 
_diffrn_detector.details                'Single crystal side bounce' 
# 
_diffrn_radiation.diffrn_id                        1 
_diffrn_radiation.wavelength_id                    1 
_diffrn_radiation.pdbx_monochromatic_or_laue_m_l   M 
_diffrn_radiation.monochromator                    'single crystal side bounce monochromator' 
_diffrn_radiation.pdbx_diffrn_protocol             'SINGLE WAVELENGTH' 
_diffrn_radiation.pdbx_scattering_type             x-ray 
# 
_diffrn_radiation_wavelength.id           1 
_diffrn_radiation_wavelength.wavelength   .97918 
_diffrn_radiation_wavelength.wt           1.0 
# 
_diffrn_source.diffrn_id                   1 
_diffrn_source.source                      SYNCHROTRON 
_diffrn_source.type                        'APS BEAMLINE 24-ID-E' 
_diffrn_source.pdbx_synchrotron_site       APS 
_diffrn_source.pdbx_synchrotron_beamline   24-ID-E 
_diffrn_source.pdbx_wavelength             ? 
_diffrn_source.pdbx_wavelength_list        .97918 
# 
_reflns.entry_id                     3NRY 
_reflns.observed_criterion_sigma_I   0 
_reflns.observed_criterion_sigma_F   0 
_reflns.d_resolution_low             25.00 
_reflns.d_resolution_high            2.00 
_reflns.number_obs                   17342 
_reflns.number_all                   17696 
_reflns.percent_possible_obs         98.3 
_reflns.pdbx_Rmerge_I_obs            0.082 
_reflns.pdbx_Rsym_value              0.082 
_reflns.pdbx_netI_over_sigmaI        20.1 
_reflns.B_iso_Wilson_estimate        ? 
_reflns.pdbx_redundancy              3.5 
_reflns.R_free_details               ? 
_reflns.limit_h_max                  ? 
_reflns.limit_h_min                  ? 
_reflns.limit_k_max                  ? 
_reflns.limit_k_min                  ? 
_reflns.limit_l_max                  ? 
_reflns.limit_l_min                  ? 
_reflns.observed_criterion_F_max     ? 
_reflns.observed_criterion_F_min     ? 
_reflns.pdbx_chi_squared             ? 
_reflns.pdbx_scaling_rejects         ? 
_reflns.pdbx_diffrn_id               1 
_reflns.pdbx_ordinal                 1 
# 
_reflns_shell.d_res_high             2.00 
_reflns_shell.d_res_low              2.03 
_reflns_shell.percent_possible_all   97.3 
_reflns_shell.Rmerge_I_obs           0.469 
_reflns_shell.pdbx_Rsym_value        0.469 
_reflns_shell.meanI_over_sigI_obs    2 
_reflns_shell.pdbx_redundancy        2.8 
_reflns_shell.percent_possible_obs   ? 
_reflns_shell.number_unique_all      914 
_reflns_shell.number_measured_all    ? 
_reflns_shell.number_measured_obs    ? 
_reflns_shell.number_unique_obs      ? 
_reflns_shell.pdbx_chi_squared       ? 
_reflns_shell.pdbx_diffrn_id         ? 
_reflns_shell.pdbx_ordinal           1 
# 
_refine.entry_id                                 3NRY 
_refine.ls_number_reflns_obs                     8670 
_refine.ls_number_reflns_all                     17696 
_refine.pdbx_ls_sigma_I                          ? 
_refine.pdbx_ls_sigma_F                          . 
_refine.pdbx_data_cutoff_high_absF               ? 
_refine.pdbx_data_cutoff_low_absF                ? 
_refine.pdbx_data_cutoff_high_rms_absF           ? 
_refine.ls_d_res_low                             25 
_refine.ls_d_res_high                            2.0 
_refine.ls_percent_reflns_obs                    99.76 
_refine.ls_R_factor_obs                          0.23953 
_refine.ls_R_factor_all                          0.239 
_refine.ls_R_factor_R_work                       0.23788 
_refine.ls_R_factor_R_free                       0.27378 
_refine.ls_R_factor_R_free_error                 ? 
_refine.ls_R_factor_R_free_error_details         ? 
_refine.ls_percent_reflns_R_free                 4.8 
_refine.ls_number_reflns_R_free                  435 
_refine.ls_number_parameters                     ? 
_refine.ls_number_restraints                     ? 
_refine.occupancy_min                            ? 
_refine.occupancy_max                            ? 
_refine.correlation_coeff_Fo_to_Fc               0.932 
_refine.correlation_coeff_Fo_to_Fc_free          0.902 
_refine.B_iso_mean                               24.778 
_refine.aniso_B[1][1]                            1.42 
_refine.aniso_B[2][2]                            1.42 
_refine.aniso_B[3][3]                            -2.13 
_refine.aniso_B[1][2]                            0.71 
_refine.aniso_B[1][3]                            0.00 
_refine.aniso_B[2][3]                            0.00 
_refine.solvent_model_details                    MASK 
_refine.solvent_model_param_ksol                 ? 
_refine.solvent_model_param_bsol                 ? 
_refine.pdbx_solvent_vdw_probe_radii             1.40 
_refine.pdbx_solvent_ion_probe_radii             0.80 
_refine.pdbx_solvent_shrinkage_radii             0.80 
_refine.pdbx_ls_cross_valid_method               THROUGHOUT 
_refine.details                                  'HYDROGENS HAVE BEEN ADDED IN THE RIDING POSITIONS' 
_refine.pdbx_starting_model                      ? 
_refine.pdbx_method_to_determine_struct          SAD 
_refine.pdbx_isotropic_thermal_model             ? 
_refine.pdbx_stereochemistry_target_values       'MAXIMUM LIKELIHOOD WITH PHASES' 
_refine.pdbx_stereochem_target_val_spec_case     ? 
_refine.pdbx_R_Free_selection_details            RANDOM 
_refine.pdbx_overall_ESU_R_Free                  0.199 
_refine.overall_SU_ML                            0.142 
_refine.overall_SU_B                             5.103 
_refine.overall_SU_R_Cruickshank_DPI             ? 
_refine.ls_redundancy_reflns_obs                 ? 
_refine.B_iso_min                                ? 
_refine.B_iso_max                                ? 
_refine.overall_SU_R_free                        ? 
_refine.ls_wR_factor_R_free                      ? 
_refine.ls_wR_factor_R_work                      ? 
_refine.overall_FOM_free_R_set                   ? 
_refine.overall_FOM_work_R_set                   ? 
_refine.pdbx_overall_phase_error                 ? 
_refine.pdbx_refine_id                           'X-RAY DIFFRACTION' 
_refine.pdbx_overall_ESU_R                       ? 
_refine.pdbx_diffrn_id                           1 
_refine.pdbx_TLS_residual_ADP_flag               ? 
_refine.pdbx_overall_SU_R_free_Cruickshank_DPI   ? 
_refine.pdbx_overall_SU_R_Blow_DPI               ? 
_refine.pdbx_overall_SU_R_free_Blow_DPI          ? 
# 
_refine_hist.pdbx_refine_id                   'X-RAY DIFFRACTION' 
_refine_hist.cycle_id                         LAST 
_refine_hist.pdbx_number_atoms_protein        1042 
_refine_hist.pdbx_number_atoms_nucleic_acid   0 
_refine_hist.pdbx_number_atoms_ligand         0 
_refine_hist.number_atoms_solvent             72 
_refine_hist.number_atoms_total               1114 
_refine_hist.d_res_high                       2.0 
_refine_hist.d_res_low                        25 
# 
loop_
_refine_ls_restr.type 
_refine_ls_restr.dev_ideal 
_refine_ls_restr.dev_ideal_target 
_refine_ls_restr.weight 
_refine_ls_restr.number 
_refine_ls_restr.pdbx_refine_id 
_refine_ls_restr.pdbx_restraint_function 
r_bond_refined_d             0.010  0.022  ? 1063 'X-RAY DIFFRACTION' ? 
r_bond_other_d               0.001  0.020  ? 757  'X-RAY DIFFRACTION' ? 
r_angle_refined_deg          1.047  1.938  ? 1422 'X-RAY DIFFRACTION' ? 
r_angle_other_deg            0.791  3.000  ? 1834 'X-RAY DIFFRACTION' ? 
r_dihedral_angle_1_deg       4.966  5.000  ? 123  'X-RAY DIFFRACTION' ? 
r_dihedral_angle_2_deg       36.338 24.655 ? 58   'X-RAY DIFFRACTION' ? 
r_dihedral_angle_3_deg       15.982 15.000 ? 208  'X-RAY DIFFRACTION' ? 
r_dihedral_angle_4_deg       21.597 15.000 ? 7    'X-RAY DIFFRACTION' ? 
r_chiral_restr               0.064  0.200  ? 143  'X-RAY DIFFRACTION' ? 
r_gen_planes_refined         0.004  0.020  ? 1166 'X-RAY DIFFRACTION' ? 
r_gen_planes_other           0.001  0.020  ? 221  'X-RAY DIFFRACTION' ? 
r_nbd_refined                ?      ?      ? ?    'X-RAY DIFFRACTION' ? 
r_nbd_other                  ?      ?      ? ?    'X-RAY DIFFRACTION' ? 
r_nbtor_refined              ?      ?      ? ?    'X-RAY DIFFRACTION' ? 
r_nbtor_other                ?      ?      ? ?    'X-RAY DIFFRACTION' ? 
r_xyhbond_nbd_refined        ?      ?      ? ?    'X-RAY DIFFRACTION' ? 
r_xyhbond_nbd_other          ?      ?      ? ?    'X-RAY DIFFRACTION' ? 
r_metal_ion_refined          ?      ?      ? ?    'X-RAY DIFFRACTION' ? 
r_metal_ion_other            ?      ?      ? ?    'X-RAY DIFFRACTION' ? 
r_symmetry_vdw_refined       ?      ?      ? ?    'X-RAY DIFFRACTION' ? 
r_symmetry_vdw_other         ?      ?      ? ?    'X-RAY DIFFRACTION' ? 
r_symmetry_hbond_refined     ?      ?      ? ?    'X-RAY DIFFRACTION' ? 
r_symmetry_hbond_other       ?      ?      ? ?    'X-RAY DIFFRACTION' ? 
r_symmetry_metal_ion_refined ?      ?      ? ?    'X-RAY DIFFRACTION' ? 
r_symmetry_metal_ion_other   ?      ?      ? ?    'X-RAY DIFFRACTION' ? 
r_mcbond_it                  0.660  1.500  ? 621  'X-RAY DIFFRACTION' ? 
r_mcbond_other               0.114  1.500  ? 250  'X-RAY DIFFRACTION' ? 
r_mcangle_it                 1.298  2.000  ? 981  'X-RAY DIFFRACTION' ? 
r_scbond_it                  1.966  3.000  ? 442  'X-RAY DIFFRACTION' ? 
r_scangle_it                 3.319  4.500  ? 441  'X-RAY DIFFRACTION' ? 
r_rigid_bond_restr           ?      ?      ? ?    'X-RAY DIFFRACTION' ? 
r_sphericity_free            ?      ?      ? ?    'X-RAY DIFFRACTION' ? 
r_sphericity_bonded          ?      ?      ? ?    'X-RAY DIFFRACTION' ? 
# 
_refine_ls_shell.pdbx_total_number_of_bins_used   20 
_refine_ls_shell.d_res_high                       1.995 
_refine_ls_shell.d_res_low                        2.046 
_refine_ls_shell.number_reflns_R_work             650 
_refine_ls_shell.R_factor_R_work                  0.275 
_refine_ls_shell.percent_reflns_obs               98.69 
_refine_ls_shell.R_factor_R_free                  0.279 
_refine_ls_shell.R_factor_R_free_error            ? 
_refine_ls_shell.percent_reflns_R_free            ? 
_refine_ls_shell.number_reflns_R_free             29 
_refine_ls_shell.number_reflns_all                ? 
_refine_ls_shell.R_factor_all                     ? 
_refine_ls_shell.number_reflns_obs                ? 
_refine_ls_shell.redundancy_reflns_obs            ? 
_refine_ls_shell.pdbx_refine_id                   'X-RAY DIFFRACTION' 
# 
_struct.entry_id                  3NRY 
_struct.title                     
'Insights into anti-parallel microtubule crosslinking by PRC1, a conserved microtubule binding protein' 
_struct.pdbx_model_details        ? 
_struct.pdbx_CASP_flag            ? 
_struct.pdbx_model_type_details   ? 
# 
_struct_keywords.entry_id        3NRY 
_struct_keywords.pdbx_keywords   'PROTEIN BINDING' 
_struct_keywords.text            'spectrin fold, microtubule binding protein, PROTEIN BINDING' 
# 
loop_
_struct_asym.id 
_struct_asym.pdbx_blank_PDB_chainid_flag 
_struct_asym.pdbx_modified 
_struct_asym.entity_id 
_struct_asym.details 
A N N 1 ? 
B N N 2 ? 
# 
_struct_ref.id                         1 
_struct_ref.db_name                    UNP 
_struct_ref.db_code                    PRC1_HUMAN 
_struct_ref.pdbx_db_accession          O43663 
_struct_ref.entity_id                  1 
_struct_ref.pdbx_seq_one_letter_code   
;LKNYYEVHKELFEGVQKWEETWRLFLEFERKASDPNRFTNRGGNLLKEEKQRAKLQKMLPKLEEELKARIELWEQEHSKA
FMVNGQKFMEYVAEQWEMHRLEKERAKQERQLKNKKQTETEMLYGS
;
_struct_ref.pdbx_align_begin           341 
_struct_ref.pdbx_db_isoform            ? 
# 
_struct_ref_seq.align_id                      1 
_struct_ref_seq.ref_id                        1 
_struct_ref_seq.pdbx_PDB_id_code              3NRY 
_struct_ref_seq.pdbx_strand_id                A 
_struct_ref_seq.seq_align_beg                 5 
_struct_ref_seq.pdbx_seq_align_beg_ins_code   ? 
_struct_ref_seq.seq_align_end                 130 
_struct_ref_seq.pdbx_seq_align_end_ins_code   ? 
_struct_ref_seq.pdbx_db_accession             O43663 
_struct_ref_seq.db_align_beg                  341 
_struct_ref_seq.pdbx_db_align_beg_ins_code    ? 
_struct_ref_seq.db_align_end                  466 
_struct_ref_seq.pdbx_db_align_end_ins_code    ? 
_struct_ref_seq.pdbx_auth_seq_align_beg       5 
_struct_ref_seq.pdbx_auth_seq_align_end       130 
# 
loop_
_struct_ref_seq_dif.align_id 
_struct_ref_seq_dif.pdbx_pdb_id_code 
_struct_ref_seq_dif.mon_id 
_struct_ref_seq_dif.pdbx_pdb_strand_id 
_struct_ref_seq_dif.seq_num 
_struct_ref_seq_dif.pdbx_pdb_ins_code 
_struct_ref_seq_dif.pdbx_seq_db_name 
_struct_ref_seq_dif.pdbx_seq_db_accession_code 
_struct_ref_seq_dif.db_mon_id 
_struct_ref_seq_dif.pdbx_seq_db_seq_num 
_struct_ref_seq_dif.details 
_struct_ref_seq_dif.pdbx_auth_seq_num 
_struct_ref_seq_dif.pdbx_ordinal 
1 3NRY GLY A 1 ? UNP O43663 ? ? 'expression tag' 1 1 
1 3NRY ALA A 2 ? UNP O43663 ? ? 'expression tag' 2 2 
1 3NRY ALA A 3 ? UNP O43663 ? ? 'expression tag' 3 3 
1 3NRY ALA A 4 ? UNP O43663 ? ? 'expression tag' 4 4 
# 
_pdbx_struct_assembly.id                   1 
_pdbx_struct_assembly.details              author_and_software_defined_assembly 
_pdbx_struct_assembly.method_details       PISA 
_pdbx_struct_assembly.oligomeric_details   monomeric 
_pdbx_struct_assembly.oligomeric_count     1 
# 
_pdbx_struct_assembly_gen.assembly_id       1 
_pdbx_struct_assembly_gen.oper_expression   1 
_pdbx_struct_assembly_gen.asym_id_list      A,B 
# 
_pdbx_struct_oper_list.id                   1 
_pdbx_struct_oper_list.type                 'identity operation' 
_pdbx_struct_oper_list.name                 1_555 
_pdbx_struct_oper_list.symmetry_operation   x,y,z 
_pdbx_struct_oper_list.matrix[1][1]         1.0000000000 
_pdbx_struct_oper_list.matrix[1][2]         0.0000000000 
_pdbx_struct_oper_list.matrix[1][3]         0.0000000000 
_pdbx_struct_oper_list.vector[1]            0.0000000000 
_pdbx_struct_oper_list.matrix[2][1]         0.0000000000 
_pdbx_struct_oper_list.matrix[2][2]         1.0000000000 
_pdbx_struct_oper_list.matrix[2][3]         0.0000000000 
_pdbx_struct_oper_list.vector[2]            0.0000000000 
_pdbx_struct_oper_list.matrix[3][1]         0.0000000000 
_pdbx_struct_oper_list.matrix[3][2]         0.0000000000 
_pdbx_struct_oper_list.matrix[3][3]         1.0000000000 
_pdbx_struct_oper_list.vector[3]            0.0000000000 
# 
_struct_biol.id        1 
_struct_biol.details   ? 
# 
loop_
_struct_conf.conf_type_id 
_struct_conf.id 
_struct_conf.pdbx_PDB_helix_id 
_struct_conf.beg_label_comp_id 
_struct_conf.beg_label_asym_id 
_struct_conf.beg_label_seq_id 
_struct_conf.pdbx_beg_PDB_ins_code 
_struct_conf.end_label_comp_id 
_struct_conf.end_label_asym_id 
_struct_conf.end_label_seq_id 
_struct_conf.pdbx_end_PDB_ins_code 
_struct_conf.beg_auth_comp_id 
_struct_conf.beg_auth_asym_id 
_struct_conf.beg_auth_seq_id 
_struct_conf.end_auth_comp_id 
_struct_conf.end_auth_asym_id 
_struct_conf.end_auth_seq_id 
_struct_conf.pdbx_PDB_helix_class 
_struct_conf.details 
_struct_conf.pdbx_PDB_helix_length 
HELX_P HELX_P1 1 GLY A 1  ? ASP A 38  ? GLY A 1  ASP A 38  1 ? 38 
HELX_P HELX_P2 2 PRO A 39 ? THR A 43  ? PRO A 39 THR A 43  5 ? 5  
HELX_P HELX_P3 3 LYS A 51 ? SER A 82  ? LYS A 51 SER A 82  1 ? 32 
HELX_P HELX_P4 4 PHE A 92 ? TYR A 128 ? PHE A 92 TYR A 128 1 ? 37 
# 
_struct_conf_type.id          HELX_P 
_struct_conf_type.criteria    ? 
_struct_conf_type.reference   ? 
# 
loop_
_struct_conn.id 
_struct_conn.conn_type_id 
_struct_conn.pdbx_leaving_atom_flag 
_struct_conn.pdbx_PDB_id 
_struct_conn.ptnr1_label_asym_id 
_struct_conn.ptnr1_label_comp_id 
_struct_conn.ptnr1_label_seq_id 
_struct_conn.ptnr1_label_atom_id 
_struct_conn.pdbx_ptnr1_label_alt_id 
_struct_conn.pdbx_ptnr1_PDB_ins_code 
_struct_conn.pdbx_ptnr1_standard_comp_id 
_struct_conn.ptnr1_symmetry 
_struct_conn.ptnr2_label_asym_id 
_struct_conn.ptnr2_label_comp_id 
_struct_conn.ptnr2_label_seq_id 
_struct_conn.ptnr2_label_atom_id 
_struct_conn.pdbx_ptnr2_label_alt_id 
_struct_conn.pdbx_ptnr2_PDB_ins_code 
_struct_conn.ptnr1_auth_asym_id 
_struct_conn.ptnr1_auth_comp_id 
_struct_conn.ptnr1_auth_seq_id 
_struct_conn.ptnr2_auth_asym_id 
_struct_conn.ptnr2_auth_comp_id 
_struct_conn.ptnr2_auth_seq_id 
_struct_conn.ptnr2_symmetry 
_struct_conn.pdbx_ptnr3_label_atom_id 
_struct_conn.pdbx_ptnr3_label_seq_id 
_struct_conn.pdbx_ptnr3_label_comp_id 
_struct_conn.pdbx_ptnr3_label_asym_id 
_struct_conn.pdbx_ptnr3_label_alt_id 
_struct_conn.pdbx_ptnr3_PDB_ins_code 
_struct_conn.details 
_struct_conn.pdbx_dist_value 
_struct_conn.pdbx_value_order 
_struct_conn.pdbx_role 
covale1  covale both ? A LYS 61  C ? ? ? 1_555 A MSE 62  N ? ? A LYS 61  A MSE 62  1_555 ? ? ? ? ? ? ? 1.331 ? ? 
covale2  covale both ? A MSE 62  C ? ? ? 1_555 A LEU 63  N ? ? A MSE 62  A LEU 63  1_555 ? ? ? ? ? ? ? 1.326 ? ? 
covale3  covale both ? A PHE 85  C ? ? ? 1_555 A MSE 86  N ? ? A PHE 85  A MSE 86  1_555 ? ? ? ? ? ? ? 1.333 ? ? 
covale4  covale both ? A MSE 86  C ? ? ? 1_555 A VAL 87  N ? ? A MSE 86  A VAL 87  1_555 ? ? ? ? ? ? ? 1.329 ? ? 
covale5  covale both ? A PHE 92  C ? ? ? 1_555 A MSE 93  N ? ? A PHE 92  A MSE 93  1_555 ? ? ? ? ? ? ? 1.337 ? ? 
covale6  covale both ? A MSE 93  C ? ? ? 1_555 A GLU 94  N ? ? A MSE 93  A GLU 94  1_555 ? ? ? ? ? ? ? 1.334 ? ? 
covale7  covale both ? A GLU 101 C ? ? ? 1_555 A MSE 102 N ? ? A GLU 101 A MSE 102 1_555 ? ? ? ? ? ? ? 1.329 ? ? 
covale8  covale both ? A MSE 102 C ? ? ? 1_555 A HIS 103 N ? ? A MSE 102 A HIS 103 1_555 ? ? ? ? ? ? ? 1.326 ? ? 
covale9  covale both ? A GLU 125 C ? ? ? 1_555 A MSE 126 N ? ? A GLU 125 A MSE 126 1_555 ? ? ? ? ? ? ? 1.333 ? ? 
covale10 covale both ? A MSE 126 C ? ? ? 1_555 A LEU 127 N ? ? A MSE 126 A LEU 127 1_555 ? ? ? ? ? ? ? 1.334 ? ? 
# 
_struct_conn_type.id          covale 
_struct_conn_type.criteria    ? 
_struct_conn_type.reference   ? 
# 
loop_
_pdbx_modification_feature.ordinal 
_pdbx_modification_feature.label_comp_id 
_pdbx_modification_feature.label_asym_id 
_pdbx_modification_feature.label_seq_id 
_pdbx_modification_feature.label_alt_id 
_pdbx_modification_feature.modified_residue_label_comp_id 
_pdbx_modification_feature.modified_residue_label_asym_id 
_pdbx_modification_feature.modified_residue_label_seq_id 
_pdbx_modification_feature.modified_residue_label_alt_id 
_pdbx_modification_feature.auth_comp_id 
_pdbx_modification_feature.auth_asym_id 
_pdbx_modification_feature.auth_seq_id 
_pdbx_modification_feature.PDB_ins_code 
_pdbx_modification_feature.symmetry 
_pdbx_modification_feature.modified_residue_auth_comp_id 
_pdbx_modification_feature.modified_residue_auth_asym_id 
_pdbx_modification_feature.modified_residue_auth_seq_id 
_pdbx_modification_feature.modified_residue_PDB_ins_code 
_pdbx_modification_feature.modified_residue_symmetry 
_pdbx_modification_feature.comp_id_linking_atom 
_pdbx_modification_feature.modified_residue_id_linking_atom 
_pdbx_modification_feature.modified_residue_id 
_pdbx_modification_feature.ref_pcm_id 
_pdbx_modification_feature.ref_comp_id 
_pdbx_modification_feature.type 
_pdbx_modification_feature.category 
1 MSE A 62  ? . . . . MSE A 62  ? 1_555 . . . . . . . MET 1 MSE Selenomethionine 'Named protein modification' 
2 MSE A 86  ? . . . . MSE A 86  ? 1_555 . . . . . . . MET 1 MSE Selenomethionine 'Named protein modification' 
3 MSE A 93  ? . . . . MSE A 93  ? 1_555 . . . . . . . MET 1 MSE Selenomethionine 'Named protein modification' 
4 MSE A 102 ? . . . . MSE A 102 ? 1_555 . . . . . . . MET 1 MSE Selenomethionine 'Named protein modification' 
5 MSE A 126 ? . . . . MSE A 126 ? 1_555 . . . . . . . MET 1 MSE Selenomethionine 'Named protein modification' 
# 
_struct_sheet.id               A 
_struct_sheet.type             ? 
_struct_sheet.number_strands   2 
_struct_sheet.details          ? 
# 
_struct_sheet_order.sheet_id     A 
_struct_sheet_order.range_id_1   1 
_struct_sheet_order.range_id_2   2 
_struct_sheet_order.offset       ? 
_struct_sheet_order.sense        anti-parallel 
# 
loop_
_struct_sheet_range.sheet_id 
_struct_sheet_range.id 
_struct_sheet_range.beg_label_comp_id 
_struct_sheet_range.beg_label_asym_id 
_struct_sheet_range.beg_label_seq_id 
_struct_sheet_range.pdbx_beg_PDB_ins_code 
_struct_sheet_range.end_label_comp_id 
_struct_sheet_range.end_label_asym_id 
_struct_sheet_range.end_label_seq_id 
_struct_sheet_range.pdbx_end_PDB_ins_code 
_struct_sheet_range.beg_auth_comp_id 
_struct_sheet_range.beg_auth_asym_id 
_struct_sheet_range.beg_auth_seq_id 
_struct_sheet_range.end_auth_comp_id 
_struct_sheet_range.end_auth_asym_id 
_struct_sheet_range.end_auth_seq_id 
A 1 MSE A 86 ? VAL A 87 ? MSE A 86 VAL A 87 
A 2 GLN A 90 ? LYS A 91 ? GLN A 90 LYS A 91 
# 
_pdbx_struct_sheet_hbond.sheet_id                A 
_pdbx_struct_sheet_hbond.range_id_1              1 
_pdbx_struct_sheet_hbond.range_id_2              2 
_pdbx_struct_sheet_hbond.range_1_label_atom_id   N 
_pdbx_struct_sheet_hbond.range_1_label_comp_id   VAL 
_pdbx_struct_sheet_hbond.range_1_label_asym_id   A 
_pdbx_struct_sheet_hbond.range_1_label_seq_id    87 
_pdbx_struct_sheet_hbond.range_1_PDB_ins_code    ? 
_pdbx_struct_sheet_hbond.range_1_auth_atom_id    N 
_pdbx_struct_sheet_hbond.range_1_auth_comp_id    VAL 
_pdbx_struct_sheet_hbond.range_1_auth_asym_id    A 
_pdbx_struct_sheet_hbond.range_1_auth_seq_id     87 
_pdbx_struct_sheet_hbond.range_2_label_atom_id   O 
_pdbx_struct_sheet_hbond.range_2_label_comp_id   GLN 
_pdbx_struct_sheet_hbond.range_2_label_asym_id   A 
_pdbx_struct_sheet_hbond.range_2_label_seq_id    90 
_pdbx_struct_sheet_hbond.range_2_PDB_ins_code    ? 
_pdbx_struct_sheet_hbond.range_2_auth_atom_id    O 
_pdbx_struct_sheet_hbond.range_2_auth_comp_id    GLN 
_pdbx_struct_sheet_hbond.range_2_auth_asym_id    A 
_pdbx_struct_sheet_hbond.range_2_auth_seq_id     90 
# 
_pdbx_entry_details.entry_id                   3NRY 
_pdbx_entry_details.compound_details           ? 
_pdbx_entry_details.source_details             ? 
_pdbx_entry_details.nonpolymer_details         ? 
_pdbx_entry_details.sequence_details           ? 
_pdbx_entry_details.has_ligand_of_interest     ? 
_pdbx_entry_details.has_protein_modification   Y 
# 
_pdbx_validate_symm_contact.id                1 
_pdbx_validate_symm_contact.PDB_model_num     1 
_pdbx_validate_symm_contact.auth_atom_id_1    NE2 
_pdbx_validate_symm_contact.auth_asym_id_1    A 
_pdbx_validate_symm_contact.auth_comp_id_1    GLN 
_pdbx_validate_symm_contact.auth_seq_id_1     20 
_pdbx_validate_symm_contact.PDB_ins_code_1    ? 
_pdbx_validate_symm_contact.label_alt_id_1    ? 
_pdbx_validate_symm_contact.site_symmetry_1   1_555 
_pdbx_validate_symm_contact.auth_atom_id_2    O 
_pdbx_validate_symm_contact.auth_asym_id_2    A 
_pdbx_validate_symm_contact.auth_comp_id_2    HOH 
_pdbx_validate_symm_contact.auth_seq_id_2     204 
_pdbx_validate_symm_contact.PDB_ins_code_2    ? 
_pdbx_validate_symm_contact.label_alt_id_2    ? 
_pdbx_validate_symm_contact.site_symmetry_2   4_765 
_pdbx_validate_symm_contact.dist              2.19 
# 
_pdbx_validate_torsion.id              1 
_pdbx_validate_torsion.PDB_model_num   1 
_pdbx_validate_torsion.auth_comp_id    LYS 
_pdbx_validate_torsion.auth_asym_id    A 
_pdbx_validate_torsion.auth_seq_id     51 
_pdbx_validate_torsion.PDB_ins_code    ? 
_pdbx_validate_torsion.label_alt_id    ? 
_pdbx_validate_torsion.phi             -99.17 
_pdbx_validate_torsion.psi             33.07 
# 
loop_
_pdbx_struct_mod_residue.id 
_pdbx_struct_mod_residue.label_asym_id 
_pdbx_struct_mod_residue.label_comp_id 
_pdbx_struct_mod_residue.label_seq_id 
_pdbx_struct_mod_residue.auth_asym_id 
_pdbx_struct_mod_residue.auth_comp_id 
_pdbx_struct_mod_residue.auth_seq_id 
_pdbx_struct_mod_residue.PDB_ins_code 
_pdbx_struct_mod_residue.parent_comp_id 
_pdbx_struct_mod_residue.details 
1 A MSE 62  A MSE 62  ? MET SELENOMETHIONINE 
2 A MSE 86  A MSE 86  ? MET SELENOMETHIONINE 
3 A MSE 93  A MSE 93  ? MET SELENOMETHIONINE 
4 A MSE 102 A MSE 102 ? MET SELENOMETHIONINE 
5 A MSE 126 A MSE 126 ? MET SELENOMETHIONINE 
# 
loop_
_pdbx_unobs_or_zero_occ_residues.id 
_pdbx_unobs_or_zero_occ_residues.PDB_model_num 
_pdbx_unobs_or_zero_occ_residues.polymer_flag 
_pdbx_unobs_or_zero_occ_residues.occupancy_flag 
_pdbx_unobs_or_zero_occ_residues.auth_asym_id 
_pdbx_unobs_or_zero_occ_residues.auth_comp_id 
_pdbx_unobs_or_zero_occ_residues.auth_seq_id 
_pdbx_unobs_or_zero_occ_residues.PDB_ins_code 
_pdbx_unobs_or_zero_occ_residues.label_asym_id 
_pdbx_unobs_or_zero_occ_residues.label_comp_id 
_pdbx_unobs_or_zero_occ_residues.label_seq_id 
1 1 Y 1 A ARG 45 ? A ARG 45 
2 1 Y 1 A GLY 46 ? A GLY 46 
3 1 Y 1 A GLY 47 ? A GLY 47 
4 1 Y 1 A ASN 48 ? A ASN 48 
5 1 Y 1 A LEU 49 ? A LEU 49 
# 
loop_
_chem_comp_atom.comp_id 
_chem_comp_atom.atom_id 
_chem_comp_atom.type_symbol 
_chem_comp_atom.pdbx_aromatic_flag 
_chem_comp_atom.pdbx_stereo_config 
_chem_comp_atom.pdbx_ordinal 
ALA N    N  N N 1   
ALA CA   C  N S 2   
ALA C    C  N N 3   
ALA O    O  N N 4   
ALA CB   C  N N 5   
ALA OXT  O  N N 6   
ALA H    H  N N 7   
ALA H2   H  N N 8   
ALA HA   H  N N 9   
ALA HB1  H  N N 10  
ALA HB2  H  N N 11  
ALA HB3  H  N N 12  
ALA HXT  H  N N 13  
ARG N    N  N N 14  
ARG CA   C  N S 15  
ARG C    C  N N 16  
ARG O    O  N N 17  
ARG CB   C  N N 18  
ARG CG   C  N N 19  
ARG CD   C  N N 20  
ARG NE   N  N N 21  
ARG CZ   C  N N 22  
ARG NH1  N  N N 23  
ARG NH2  N  N N 24  
ARG OXT  O  N N 25  
ARG H    H  N N 26  
ARG H2   H  N N 27  
ARG HA   H  N N 28  
ARG HB2  H  N N 29  
ARG HB3  H  N N 30  
ARG HG2  H  N N 31  
ARG HG3  H  N N 32  
ARG HD2  H  N N 33  
ARG HD3  H  N N 34  
ARG HE   H  N N 35  
ARG HH11 H  N N 36  
ARG HH12 H  N N 37  
ARG HH21 H  N N 38  
ARG HH22 H  N N 39  
ARG HXT  H  N N 40  
ASN N    N  N N 41  
ASN CA   C  N S 42  
ASN C    C  N N 43  
ASN O    O  N N 44  
ASN CB   C  N N 45  
ASN CG   C  N N 46  
ASN OD1  O  N N 47  
ASN ND2  N  N N 48  
ASN OXT  O  N N 49  
ASN H    H  N N 50  
ASN H2   H  N N 51  
ASN HA   H  N N 52  
ASN HB2  H  N N 53  
ASN HB3  H  N N 54  
ASN HD21 H  N N 55  
ASN HD22 H  N N 56  
ASN HXT  H  N N 57  
ASP N    N  N N 58  
ASP CA   C  N S 59  
ASP C    C  N N 60  
ASP O    O  N N 61  
ASP CB   C  N N 62  
ASP CG   C  N N 63  
ASP OD1  O  N N 64  
ASP OD2  O  N N 65  
ASP OXT  O  N N 66  
ASP H    H  N N 67  
ASP H2   H  N N 68  
ASP HA   H  N N 69  
ASP HB2  H  N N 70  
ASP HB3  H  N N 71  
ASP HD2  H  N N 72  
ASP HXT  H  N N 73  
GLN N    N  N N 74  
GLN CA   C  N S 75  
GLN C    C  N N 76  
GLN O    O  N N 77  
GLN CB   C  N N 78  
GLN CG   C  N N 79  
GLN CD   C  N N 80  
GLN OE1  O  N N 81  
GLN NE2  N  N N 82  
GLN OXT  O  N N 83  
GLN H    H  N N 84  
GLN H2   H  N N 85  
GLN HA   H  N N 86  
GLN HB2  H  N N 87  
GLN HB3  H  N N 88  
GLN HG2  H  N N 89  
GLN HG3  H  N N 90  
GLN HE21 H  N N 91  
GLN HE22 H  N N 92  
GLN HXT  H  N N 93  
GLU N    N  N N 94  
GLU CA   C  N S 95  
GLU C    C  N N 96  
GLU O    O  N N 97  
GLU CB   C  N N 98  
GLU CG   C  N N 99  
GLU CD   C  N N 100 
GLU OE1  O  N N 101 
GLU OE2  O  N N 102 
GLU OXT  O  N N 103 
GLU H    H  N N 104 
GLU H2   H  N N 105 
GLU HA   H  N N 106 
GLU HB2  H  N N 107 
GLU HB3  H  N N 108 
GLU HG2  H  N N 109 
GLU HG3  H  N N 110 
GLU HE2  H  N N 111 
GLU HXT  H  N N 112 
GLY N    N  N N 113 
GLY CA   C  N N 114 
GLY C    C  N N 115 
GLY O    O  N N 116 
GLY OXT  O  N N 117 
GLY H    H  N N 118 
GLY H2   H  N N 119 
GLY HA2  H  N N 120 
GLY HA3  H  N N 121 
GLY HXT  H  N N 122 
HIS N    N  N N 123 
HIS CA   C  N S 124 
HIS C    C  N N 125 
HIS O    O  N N 126 
HIS CB   C  N N 127 
HIS CG   C  Y N 128 
HIS ND1  N  Y N 129 
HIS CD2  C  Y N 130 
HIS CE1  C  Y N 131 
HIS NE2  N  Y N 132 
HIS OXT  O  N N 133 
HIS H    H  N N 134 
HIS H2   H  N N 135 
HIS HA   H  N N 136 
HIS HB2  H  N N 137 
HIS HB3  H  N N 138 
HIS HD1  H  N N 139 
HIS HD2  H  N N 140 
HIS HE1  H  N N 141 
HIS HE2  H  N N 142 
HIS HXT  H  N N 143 
HOH O    O  N N 144 
HOH H1   H  N N 145 
HOH H2   H  N N 146 
ILE N    N  N N 147 
ILE CA   C  N S 148 
ILE C    C  N N 149 
ILE O    O  N N 150 
ILE CB   C  N S 151 
ILE CG1  C  N N 152 
ILE CG2  C  N N 153 
ILE CD1  C  N N 154 
ILE OXT  O  N N 155 
ILE H    H  N N 156 
ILE H2   H  N N 157 
ILE HA   H  N N 158 
ILE HB   H  N N 159 
ILE HG12 H  N N 160 
ILE HG13 H  N N 161 
ILE HG21 H  N N 162 
ILE HG22 H  N N 163 
ILE HG23 H  N N 164 
ILE HD11 H  N N 165 
ILE HD12 H  N N 166 
ILE HD13 H  N N 167 
ILE HXT  H  N N 168 
LEU N    N  N N 169 
LEU CA   C  N S 170 
LEU C    C  N N 171 
LEU O    O  N N 172 
LEU CB   C  N N 173 
LEU CG   C  N N 174 
LEU CD1  C  N N 175 
LEU CD2  C  N N 176 
LEU OXT  O  N N 177 
LEU H    H  N N 178 
LEU H2   H  N N 179 
LEU HA   H  N N 180 
LEU HB2  H  N N 181 
LEU HB3  H  N N 182 
LEU HG   H  N N 183 
LEU HD11 H  N N 184 
LEU HD12 H  N N 185 
LEU HD13 H  N N 186 
LEU HD21 H  N N 187 
LEU HD22 H  N N 188 
LEU HD23 H  N N 189 
LEU HXT  H  N N 190 
LYS N    N  N N 191 
LYS CA   C  N S 192 
LYS C    C  N N 193 
LYS O    O  N N 194 
LYS CB   C  N N 195 
LYS CG   C  N N 196 
LYS CD   C  N N 197 
LYS CE   C  N N 198 
LYS NZ   N  N N 199 
LYS OXT  O  N N 200 
LYS H    H  N N 201 
LYS H2   H  N N 202 
LYS HA   H  N N 203 
LYS HB2  H  N N 204 
LYS HB3  H  N N 205 
LYS HG2  H  N N 206 
LYS HG3  H  N N 207 
LYS HD2  H  N N 208 
LYS HD3  H  N N 209 
LYS HE2  H  N N 210 
LYS HE3  H  N N 211 
LYS HZ1  H  N N 212 
LYS HZ2  H  N N 213 
LYS HZ3  H  N N 214 
LYS HXT  H  N N 215 
MSE N    N  N N 216 
MSE CA   C  N S 217 
MSE C    C  N N 218 
MSE O    O  N N 219 
MSE OXT  O  N N 220 
MSE CB   C  N N 221 
MSE CG   C  N N 222 
MSE SE   SE N N 223 
MSE CE   C  N N 224 
MSE H    H  N N 225 
MSE H2   H  N N 226 
MSE HA   H  N N 227 
MSE HXT  H  N N 228 
MSE HB2  H  N N 229 
MSE HB3  H  N N 230 
MSE HG2  H  N N 231 
MSE HG3  H  N N 232 
MSE HE1  H  N N 233 
MSE HE2  H  N N 234 
MSE HE3  H  N N 235 
PHE N    N  N N 236 
PHE CA   C  N S 237 
PHE C    C  N N 238 
PHE O    O  N N 239 
PHE CB   C  N N 240 
PHE CG   C  Y N 241 
PHE CD1  C  Y N 242 
PHE CD2  C  Y N 243 
PHE CE1  C  Y N 244 
PHE CE2  C  Y N 245 
PHE CZ   C  Y N 246 
PHE OXT  O  N N 247 
PHE H    H  N N 248 
PHE H2   H  N N 249 
PHE HA   H  N N 250 
PHE HB2  H  N N 251 
PHE HB3  H  N N 252 
PHE HD1  H  N N 253 
PHE HD2  H  N N 254 
PHE HE1  H  N N 255 
PHE HE2  H  N N 256 
PHE HZ   H  N N 257 
PHE HXT  H  N N 258 
PRO N    N  N N 259 
PRO CA   C  N S 260 
PRO C    C  N N 261 
PRO O    O  N N 262 
PRO CB   C  N N 263 
PRO CG   C  N N 264 
PRO CD   C  N N 265 
PRO OXT  O  N N 266 
PRO H    H  N N 267 
PRO HA   H  N N 268 
PRO HB2  H  N N 269 
PRO HB3  H  N N 270 
PRO HG2  H  N N 271 
PRO HG3  H  N N 272 
PRO HD2  H  N N 273 
PRO HD3  H  N N 274 
PRO HXT  H  N N 275 
SER N    N  N N 276 
SER CA   C  N S 277 
SER C    C  N N 278 
SER O    O  N N 279 
SER CB   C  N N 280 
SER OG   O  N N 281 
SER OXT  O  N N 282 
SER H    H  N N 283 
SER H2   H  N N 284 
SER HA   H  N N 285 
SER HB2  H  N N 286 
SER HB3  H  N N 287 
SER HG   H  N N 288 
SER HXT  H  N N 289 
THR N    N  N N 290 
THR CA   C  N S 291 
THR C    C  N N 292 
THR O    O  N N 293 
THR CB   C  N R 294 
THR OG1  O  N N 295 
THR CG2  C  N N 296 
THR OXT  O  N N 297 
THR H    H  N N 298 
THR H2   H  N N 299 
THR HA   H  N N 300 
THR HB   H  N N 301 
THR HG1  H  N N 302 
THR HG21 H  N N 303 
THR HG22 H  N N 304 
THR HG23 H  N N 305 
THR HXT  H  N N 306 
TRP N    N  N N 307 
TRP CA   C  N S 308 
TRP C    C  N N 309 
TRP O    O  N N 310 
TRP CB   C  N N 311 
TRP CG   C  Y N 312 
TRP CD1  C  Y N 313 
TRP CD2  C  Y N 314 
TRP NE1  N  Y N 315 
TRP CE2  C  Y N 316 
TRP CE3  C  Y N 317 
TRP CZ2  C  Y N 318 
TRP CZ3  C  Y N 319 
TRP CH2  C  Y N 320 
TRP OXT  O  N N 321 
TRP H    H  N N 322 
TRP H2   H  N N 323 
TRP HA   H  N N 324 
TRP HB2  H  N N 325 
TRP HB3  H  N N 326 
TRP HD1  H  N N 327 
TRP HE1  H  N N 328 
TRP HE3  H  N N 329 
TRP HZ2  H  N N 330 
TRP HZ3  H  N N 331 
TRP HH2  H  N N 332 
TRP HXT  H  N N 333 
TYR N    N  N N 334 
TYR CA   C  N S 335 
TYR C    C  N N 336 
TYR O    O  N N 337 
TYR CB   C  N N 338 
TYR CG   C  Y N 339 
TYR CD1  C  Y N 340 
TYR CD2  C  Y N 341 
TYR CE1  C  Y N 342 
TYR CE2  C  Y N 343 
TYR CZ   C  Y N 344 
TYR OH   O  N N 345 
TYR OXT  O  N N 346 
TYR H    H  N N 347 
TYR H2   H  N N 348 
TYR HA   H  N N 349 
TYR HB2  H  N N 350 
TYR HB3  H  N N 351 
TYR HD1  H  N N 352 
TYR HD2  H  N N 353 
TYR HE1  H  N N 354 
TYR HE2  H  N N 355 
TYR HH   H  N N 356 
TYR HXT  H  N N 357 
VAL N    N  N N 358 
VAL CA   C  N S 359 
VAL C    C  N N 360 
VAL O    O  N N 361 
VAL CB   C  N N 362 
VAL CG1  C  N N 363 
VAL CG2  C  N N 364 
VAL OXT  O  N N 365 
VAL H    H  N N 366 
VAL H2   H  N N 367 
VAL HA   H  N N 368 
VAL HB   H  N N 369 
VAL HG11 H  N N 370 
VAL HG12 H  N N 371 
VAL HG13 H  N N 372 
VAL HG21 H  N N 373 
VAL HG22 H  N N 374 
VAL HG23 H  N N 375 
VAL HXT  H  N N 376 
# 
loop_
_chem_comp_bond.comp_id 
_chem_comp_bond.atom_id_1 
_chem_comp_bond.atom_id_2 
_chem_comp_bond.value_order 
_chem_comp_bond.pdbx_aromatic_flag 
_chem_comp_bond.pdbx_stereo_config 
_chem_comp_bond.pdbx_ordinal 
ALA N   CA   sing N N 1   
ALA N   H    sing N N 2   
ALA N   H2   sing N N 3   
ALA CA  C    sing N N 4   
ALA CA  CB   sing N N 5   
ALA CA  HA   sing N N 6   
ALA C   O    doub N N 7   
ALA C   OXT  sing N N 8   
ALA CB  HB1  sing N N 9   
ALA CB  HB2  sing N N 10  
ALA CB  HB3  sing N N 11  
ALA OXT HXT  sing N N 12  
ARG N   CA   sing N N 13  
ARG N   H    sing N N 14  
ARG N   H2   sing N N 15  
ARG CA  C    sing N N 16  
ARG CA  CB   sing N N 17  
ARG CA  HA   sing N N 18  
ARG C   O    doub N N 19  
ARG C   OXT  sing N N 20  
ARG CB  CG   sing N N 21  
ARG CB  HB2  sing N N 22  
ARG CB  HB3  sing N N 23  
ARG CG  CD   sing N N 24  
ARG CG  HG2  sing N N 25  
ARG CG  HG3  sing N N 26  
ARG CD  NE   sing N N 27  
ARG CD  HD2  sing N N 28  
ARG CD  HD3  sing N N 29  
ARG NE  CZ   sing N N 30  
ARG NE  HE   sing N N 31  
ARG CZ  NH1  sing N N 32  
ARG CZ  NH2  doub N N 33  
ARG NH1 HH11 sing N N 34  
ARG NH1 HH12 sing N N 35  
ARG NH2 HH21 sing N N 36  
ARG NH2 HH22 sing N N 37  
ARG OXT HXT  sing N N 38  
ASN N   CA   sing N N 39  
ASN N   H    sing N N 40  
ASN N   H2   sing N N 41  
ASN CA  C    sing N N 42  
ASN CA  CB   sing N N 43  
ASN CA  HA   sing N N 44  
ASN C   O    doub N N 45  
ASN C   OXT  sing N N 46  
ASN CB  CG   sing N N 47  
ASN CB  HB2  sing N N 48  
ASN CB  HB3  sing N N 49  
ASN CG  OD1  doub N N 50  
ASN CG  ND2  sing N N 51  
ASN ND2 HD21 sing N N 52  
ASN ND2 HD22 sing N N 53  
ASN OXT HXT  sing N N 54  
ASP N   CA   sing N N 55  
ASP N   H    sing N N 56  
ASP N   H2   sing N N 57  
ASP CA  C    sing N N 58  
ASP CA  CB   sing N N 59  
ASP CA  HA   sing N N 60  
ASP C   O    doub N N 61  
ASP C   OXT  sing N N 62  
ASP CB  CG   sing N N 63  
ASP CB  HB2  sing N N 64  
ASP CB  HB3  sing N N 65  
ASP CG  OD1  doub N N 66  
ASP CG  OD2  sing N N 67  
ASP OD2 HD2  sing N N 68  
ASP OXT HXT  sing N N 69  
GLN N   CA   sing N N 70  
GLN N   H    sing N N 71  
GLN N   H2   sing N N 72  
GLN CA  C    sing N N 73  
GLN CA  CB   sing N N 74  
GLN CA  HA   sing N N 75  
GLN C   O    doub N N 76  
GLN C   OXT  sing N N 77  
GLN CB  CG   sing N N 78  
GLN CB  HB2  sing N N 79  
GLN CB  HB3  sing N N 80  
GLN CG  CD   sing N N 81  
GLN CG  HG2  sing N N 82  
GLN CG  HG3  sing N N 83  
GLN CD  OE1  doub N N 84  
GLN CD  NE2  sing N N 85  
GLN NE2 HE21 sing N N 86  
GLN NE2 HE22 sing N N 87  
GLN OXT HXT  sing N N 88  
GLU N   CA   sing N N 89  
GLU N   H    sing N N 90  
GLU N   H2   sing N N 91  
GLU CA  C    sing N N 92  
GLU CA  CB   sing N N 93  
GLU CA  HA   sing N N 94  
GLU C   O    doub N N 95  
GLU C   OXT  sing N N 96  
GLU CB  CG   sing N N 97  
GLU CB  HB2  sing N N 98  
GLU CB  HB3  sing N N 99  
GLU CG  CD   sing N N 100 
GLU CG  HG2  sing N N 101 
GLU CG  HG3  sing N N 102 
GLU CD  OE1  doub N N 103 
GLU CD  OE2  sing N N 104 
GLU OE2 HE2  sing N N 105 
GLU OXT HXT  sing N N 106 
GLY N   CA   sing N N 107 
GLY N   H    sing N N 108 
GLY N   H2   sing N N 109 
GLY CA  C    sing N N 110 
GLY CA  HA2  sing N N 111 
GLY CA  HA3  sing N N 112 
GLY C   O    doub N N 113 
GLY C   OXT  sing N N 114 
GLY OXT HXT  sing N N 115 
HIS N   CA   sing N N 116 
HIS N   H    sing N N 117 
HIS N   H2   sing N N 118 
HIS CA  C    sing N N 119 
HIS CA  CB   sing N N 120 
HIS CA  HA   sing N N 121 
HIS C   O    doub N N 122 
HIS C   OXT  sing N N 123 
HIS CB  CG   sing N N 124 
HIS CB  HB2  sing N N 125 
HIS CB  HB3  sing N N 126 
HIS CG  ND1  sing Y N 127 
HIS CG  CD2  doub Y N 128 
HIS ND1 CE1  doub Y N 129 
HIS ND1 HD1  sing N N 130 
HIS CD2 NE2  sing Y N 131 
HIS CD2 HD2  sing N N 132 
HIS CE1 NE2  sing Y N 133 
HIS CE1 HE1  sing N N 134 
HIS NE2 HE2  sing N N 135 
HIS OXT HXT  sing N N 136 
HOH O   H1   sing N N 137 
HOH O   H2   sing N N 138 
ILE N   CA   sing N N 139 
ILE N   H    sing N N 140 
ILE N   H2   sing N N 141 
ILE CA  C    sing N N 142 
ILE CA  CB   sing N N 143 
ILE CA  HA   sing N N 144 
ILE C   O    doub N N 145 
ILE C   OXT  sing N N 146 
ILE CB  CG1  sing N N 147 
ILE CB  CG2  sing N N 148 
ILE CB  HB   sing N N 149 
ILE CG1 CD1  sing N N 150 
ILE CG1 HG12 sing N N 151 
ILE CG1 HG13 sing N N 152 
ILE CG2 HG21 sing N N 153 
ILE CG2 HG22 sing N N 154 
ILE CG2 HG23 sing N N 155 
ILE CD1 HD11 sing N N 156 
ILE CD1 HD12 sing N N 157 
ILE CD1 HD13 sing N N 158 
ILE OXT HXT  sing N N 159 
LEU N   CA   sing N N 160 
LEU N   H    sing N N 161 
LEU N   H2   sing N N 162 
LEU CA  C    sing N N 163 
LEU CA  CB   sing N N 164 
LEU CA  HA   sing N N 165 
LEU C   O    doub N N 166 
LEU C   OXT  sing N N 167 
LEU CB  CG   sing N N 168 
LEU CB  HB2  sing N N 169 
LEU CB  HB3  sing N N 170 
LEU CG  CD1  sing N N 171 
LEU CG  CD2  sing N N 172 
LEU CG  HG   sing N N 173 
LEU CD1 HD11 sing N N 174 
LEU CD1 HD12 sing N N 175 
LEU CD1 HD13 sing N N 176 
LEU CD2 HD21 sing N N 177 
LEU CD2 HD22 sing N N 178 
LEU CD2 HD23 sing N N 179 
LEU OXT HXT  sing N N 180 
LYS N   CA   sing N N 181 
LYS N   H    sing N N 182 
LYS N   H2   sing N N 183 
LYS CA  C    sing N N 184 
LYS CA  CB   sing N N 185 
LYS CA  HA   sing N N 186 
LYS C   O    doub N N 187 
LYS C   OXT  sing N N 188 
LYS CB  CG   sing N N 189 
LYS CB  HB2  sing N N 190 
LYS CB  HB3  sing N N 191 
LYS CG  CD   sing N N 192 
LYS CG  HG2  sing N N 193 
LYS CG  HG3  sing N N 194 
LYS CD  CE   sing N N 195 
LYS CD  HD2  sing N N 196 
LYS CD  HD3  sing N N 197 
LYS CE  NZ   sing N N 198 
LYS CE  HE2  sing N N 199 
LYS CE  HE3  sing N N 200 
LYS NZ  HZ1  sing N N 201 
LYS NZ  HZ2  sing N N 202 
LYS NZ  HZ3  sing N N 203 
LYS OXT HXT  sing N N 204 
MSE N   CA   sing N N 205 
MSE N   H    sing N N 206 
MSE N   H2   sing N N 207 
MSE CA  C    sing N N 208 
MSE CA  CB   sing N N 209 
MSE CA  HA   sing N N 210 
MSE C   O    doub N N 211 
MSE C   OXT  sing N N 212 
MSE OXT HXT  sing N N 213 
MSE CB  CG   sing N N 214 
MSE CB  HB2  sing N N 215 
MSE CB  HB3  sing N N 216 
MSE CG  SE   sing N N 217 
MSE CG  HG2  sing N N 218 
MSE CG  HG3  sing N N 219 
MSE SE  CE   sing N N 220 
MSE CE  HE1  sing N N 221 
MSE CE  HE2  sing N N 222 
MSE CE  HE3  sing N N 223 
PHE N   CA   sing N N 224 
PHE N   H    sing N N 225 
PHE N   H2   sing N N 226 
PHE CA  C    sing N N 227 
PHE CA  CB   sing N N 228 
PHE CA  HA   sing N N 229 
PHE C   O    doub N N 230 
PHE C   OXT  sing N N 231 
PHE CB  CG   sing N N 232 
PHE CB  HB2  sing N N 233 
PHE CB  HB3  sing N N 234 
PHE CG  CD1  doub Y N 235 
PHE CG  CD2  sing Y N 236 
PHE CD1 CE1  sing Y N 237 
PHE CD1 HD1  sing N N 238 
PHE CD2 CE2  doub Y N 239 
PHE CD2 HD2  sing N N 240 
PHE CE1 CZ   doub Y N 241 
PHE CE1 HE1  sing N N 242 
PHE CE2 CZ   sing Y N 243 
PHE CE2 HE2  sing N N 244 
PHE CZ  HZ   sing N N 245 
PHE OXT HXT  sing N N 246 
PRO N   CA   sing N N 247 
PRO N   CD   sing N N 248 
PRO N   H    sing N N 249 
PRO CA  C    sing N N 250 
PRO CA  CB   sing N N 251 
PRO CA  HA   sing N N 252 
PRO C   O    doub N N 253 
PRO C   OXT  sing N N 254 
PRO CB  CG   sing N N 255 
PRO CB  HB2  sing N N 256 
PRO CB  HB3  sing N N 257 
PRO CG  CD   sing N N 258 
PRO CG  HG2  sing N N 259 
PRO CG  HG3  sing N N 260 
PRO CD  HD2  sing N N 261 
PRO CD  HD3  sing N N 262 
PRO OXT HXT  sing N N 263 
SER N   CA   sing N N 264 
SER N   H    sing N N 265 
SER N   H2   sing N N 266 
SER CA  C    sing N N 267 
SER CA  CB   sing N N 268 
SER CA  HA   sing N N 269 
SER C   O    doub N N 270 
SER C   OXT  sing N N 271 
SER CB  OG   sing N N 272 
SER CB  HB2  sing N N 273 
SER CB  HB3  sing N N 274 
SER OG  HG   sing N N 275 
SER OXT HXT  sing N N 276 
THR N   CA   sing N N 277 
THR N   H    sing N N 278 
THR N   H2   sing N N 279 
THR CA  C    sing N N 280 
THR CA  CB   sing N N 281 
THR CA  HA   sing N N 282 
THR C   O    doub N N 283 
THR C   OXT  sing N N 284 
THR CB  OG1  sing N N 285 
THR CB  CG2  sing N N 286 
THR CB  HB   sing N N 287 
THR OG1 HG1  sing N N 288 
THR CG2 HG21 sing N N 289 
THR CG2 HG22 sing N N 290 
THR CG2 HG23 sing N N 291 
THR OXT HXT  sing N N 292 
TRP N   CA   sing N N 293 
TRP N   H    sing N N 294 
TRP N   H2   sing N N 295 
TRP CA  C    sing N N 296 
TRP CA  CB   sing N N 297 
TRP CA  HA   sing N N 298 
TRP C   O    doub N N 299 
TRP C   OXT  sing N N 300 
TRP CB  CG   sing N N 301 
TRP CB  HB2  sing N N 302 
TRP CB  HB3  sing N N 303 
TRP CG  CD1  doub Y N 304 
TRP CG  CD2  sing Y N 305 
TRP CD1 NE1  sing Y N 306 
TRP CD1 HD1  sing N N 307 
TRP CD2 CE2  doub Y N 308 
TRP CD2 CE3  sing Y N 309 
TRP NE1 CE2  sing Y N 310 
TRP NE1 HE1  sing N N 311 
TRP CE2 CZ2  sing Y N 312 
TRP CE3 CZ3  doub Y N 313 
TRP CE3 HE3  sing N N 314 
TRP CZ2 CH2  doub Y N 315 
TRP CZ2 HZ2  sing N N 316 
TRP CZ3 CH2  sing Y N 317 
TRP CZ3 HZ3  sing N N 318 
TRP CH2 HH2  sing N N 319 
TRP OXT HXT  sing N N 320 
TYR N   CA   sing N N 321 
TYR N   H    sing N N 322 
TYR N   H2   sing N N 323 
TYR CA  C    sing N N 324 
TYR CA  CB   sing N N 325 
TYR CA  HA   sing N N 326 
TYR C   O    doub N N 327 
TYR C   OXT  sing N N 328 
TYR CB  CG   sing N N 329 
TYR CB  HB2  sing N N 330 
TYR CB  HB3  sing N N 331 
TYR CG  CD1  doub Y N 332 
TYR CG  CD2  sing Y N 333 
TYR CD1 CE1  sing Y N 334 
TYR CD1 HD1  sing N N 335 
TYR CD2 CE2  doub Y N 336 
TYR CD2 HD2  sing N N 337 
TYR CE1 CZ   doub Y N 338 
TYR CE1 HE1  sing N N 339 
TYR CE2 CZ   sing Y N 340 
TYR CE2 HE2  sing N N 341 
TYR CZ  OH   sing N N 342 
TYR OH  HH   sing N N 343 
TYR OXT HXT  sing N N 344 
VAL N   CA   sing N N 345 
VAL N   H    sing N N 346 
VAL N   H2   sing N N 347 
VAL CA  C    sing N N 348 
VAL CA  CB   sing N N 349 
VAL CA  HA   sing N N 350 
VAL C   O    doub N N 351 
VAL C   OXT  sing N N 352 
VAL CB  CG1  sing N N 353 
VAL CB  CG2  sing N N 354 
VAL CB  HB   sing N N 355 
VAL CG1 HG11 sing N N 356 
VAL CG1 HG12 sing N N 357 
VAL CG1 HG13 sing N N 358 
VAL CG2 HG21 sing N N 359 
VAL CG2 HG22 sing N N 360 
VAL CG2 HG23 sing N N 361 
VAL OXT HXT  sing N N 362 
# 
_atom_sites.entry_id                    3NRY 
_atom_sites.fract_transf_matrix[1][1]   0.00687721 
_atom_sites.fract_transf_matrix[1][2]   -0.02154112 
_atom_sites.fract_transf_matrix[1][3]   0.00065591 
_atom_sites.fract_transf_matrix[2][1]   -0.00628174 
_atom_sites.fract_transf_matrix[2][2]   -0.01438021 
_atom_sites.fract_transf_matrix[2][3]   -0.01629430 
_atom_sites.fract_transf_matrix[3][1]   0.00900123 
_atom_sites.fract_transf_matrix[3][2]   0.00269563 
_atom_sites.fract_transf_matrix[3][3]   -0.00584911 
_atom_sites.fract_transf_vector[1]      1.155607 
_atom_sites.fract_transf_vector[2]      0.466319 
_atom_sites.fract_transf_vector[3]      0.228199 
# 
loop_
_atom_type.symbol 
C  
N  
O  
SE 
# 
loop_
_atom_site.group_PDB 
_atom_site.id 
_atom_site.type_symbol 
_atom_site.label_atom_id 
_atom_site.label_alt_id 
_atom_site.label_comp_id 
_atom_site.label_asym_id 
_atom_site.label_entity_id 
_atom_site.label_seq_id 
_atom_site.pdbx_PDB_ins_code 
_atom_site.Cartn_x 
_atom_site.Cartn_y 
_atom_site.Cartn_z 
_atom_site.occupancy 
_atom_site.B_iso_or_equiv 
_atom_site.pdbx_formal_charge 
_atom_site.auth_seq_id 
_atom_site.auth_comp_id 
_atom_site.auth_asym_id 
_atom_site.auth_atom_id 
_atom_site.pdbx_PDB_model_num 
ATOM   1    N  N   . GLY A 1 1   ? 30.449  12.163  -19.617 1.00 36.73 ? 1   GLY A N   1 
ATOM   2    C  CA  . GLY A 1 1   ? 29.808  12.962  -20.703 1.00 36.63 ? 1   GLY A CA  1 
ATOM   3    C  C   . GLY A 1 1   ? 28.382  12.531  -21.028 1.00 36.50 ? 1   GLY A C   1 
ATOM   4    O  O   . GLY A 1 1   ? 27.606  12.182  -20.128 1.00 36.72 ? 1   GLY A O   1 
ATOM   5    N  N   . ALA A 1 2   ? 28.045  12.555  -22.320 1.00 35.74 ? 2   ALA A N   1 
ATOM   6    C  CA  . ALA A 1 2   ? 26.682  12.287  -22.794 1.00 35.19 ? 2   ALA A CA  1 
ATOM   7    C  C   . ALA A 1 2   ? 26.228  10.826  -22.618 1.00 34.50 ? 2   ALA A C   1 
ATOM   8    O  O   . ALA A 1 2   ? 25.022  10.553  -22.491 1.00 33.91 ? 2   ALA A O   1 
ATOM   9    C  CB  . ALA A 1 2   ? 26.548  12.710  -24.270 1.00 35.23 ? 2   ALA A CB  1 
ATOM   10   N  N   . ALA A 1 3   ? 27.186  9.897   -22.637 1.00 33.47 ? 3   ALA A N   1 
ATOM   11   C  CA  . ALA A 1 3   ? 26.892  8.490   -22.384 1.00 32.74 ? 3   ALA A CA  1 
ATOM   12   C  C   . ALA A 1 3   ? 26.404  8.346   -20.949 1.00 31.86 ? 3   ALA A C   1 
ATOM   13   O  O   . ALA A 1 3   ? 25.336  7.801   -20.714 1.00 30.90 ? 3   ALA A O   1 
ATOM   14   C  CB  . ALA A 1 3   ? 28.126  7.632   -22.616 1.00 32.66 ? 3   ALA A CB  1 
ATOM   15   N  N   . ALA A 1 4   ? 27.191  8.875   -20.004 1.00 31.17 ? 4   ALA A N   1 
ATOM   16   C  CA  . ALA A 1 4   ? 26.848  8.831   -18.577 1.00 30.53 ? 4   ALA A CA  1 
ATOM   17   C  C   . ALA A 1 4   ? 25.543  9.563   -18.271 1.00 29.79 ? 4   ALA A C   1 
ATOM   18   O  O   . ALA A 1 4   ? 24.768  9.126   -17.428 1.00 30.09 ? 4   ALA A O   1 
ATOM   19   C  CB  . ALA A 1 4   ? 27.991  9.401   -17.724 1.00 30.77 ? 4   ALA A CB  1 
ATOM   20   N  N   . LEU A 1 5   ? 25.288  10.660  -18.972 1.00 29.03 ? 5   LEU A N   1 
ATOM   21   C  CA  . LEU A 1 5   ? 24.057  11.414  -18.785 1.00 28.34 ? 5   LEU A CA  1 
ATOM   22   C  C   . LEU A 1 5   ? 22.825  10.663  -19.322 1.00 27.70 ? 5   LEU A C   1 
ATOM   23   O  O   . LEU A 1 5   ? 21.747  10.693  -18.723 1.00 26.58 ? 5   LEU A O   1 
ATOM   24   C  CB  . LEU A 1 5   ? 24.178  12.781  -19.464 1.00 28.72 ? 5   LEU A CB  1 
ATOM   25   C  CG  . LEU A 1 5   ? 23.252  13.875  -18.927 1.00 29.19 ? 5   LEU A CG  1 
ATOM   26   C  CD1 . LEU A 1 5   ? 23.613  14.235  -17.463 1.00 29.93 ? 5   LEU A CD1 1 
ATOM   27   C  CD2 . LEU A 1 5   ? 23.285  15.095  -19.835 1.00 27.79 ? 5   LEU A CD2 1 
ATOM   28   N  N   . LYS A 1 6   ? 22.984  10.000  -20.462 1.00 26.51 ? 6   LYS A N   1 
ATOM   29   C  CA  . LYS A 1 6   ? 21.941  9.128   -20.977 1.00 26.01 ? 6   LYS A CA  1 
ATOM   30   C  C   . LYS A 1 6   ? 21.591  8.076   -19.929 1.00 24.92 ? 6   LYS A C   1 
ATOM   31   O  O   . LYS A 1 6   ? 20.416  7.836   -19.657 1.00 24.85 ? 6   LYS A O   1 
ATOM   32   C  CB  . LYS A 1 6   ? 22.393  8.433   -22.268 1.00 26.40 ? 6   LYS A CB  1 
ATOM   33   C  CG  . LYS A 1 6   ? 21.271  8.069   -23.200 1.00 27.58 ? 6   LYS A CG  1 
ATOM   34   C  CD  . LYS A 1 6   ? 21.822  7.676   -24.572 1.00 29.78 ? 6   LYS A CD  1 
ATOM   35   C  CE  . LYS A 1 6   ? 21.055  8.301   -25.718 1.00 31.03 ? 6   LYS A CE  1 
ATOM   36   N  NZ  . LYS A 1 6   ? 21.730  8.025   -27.013 1.00 31.58 ? 6   LYS A NZ  1 
ATOM   37   N  N   . ASN A 1 7   ? 22.610  7.458   -19.341 1.00 23.79 ? 7   ASN A N   1 
ATOM   38   C  CA  . ASN A 1 7   ? 22.381  6.437   -18.317 1.00 23.60 ? 7   ASN A CA  1 
ATOM   39   C  C   . ASN A 1 7   ? 21.676  6.990   -17.076 1.00 23.05 ? 7   ASN A C   1 
ATOM   40   O  O   . ASN A 1 7   ? 20.764  6.353   -16.549 1.00 23.10 ? 7   ASN A O   1 
ATOM   41   C  CB  . ASN A 1 7   ? 23.683  5.746   -17.938 1.00 23.34 ? 7   ASN A CB  1 
ATOM   42   C  CG  . ASN A 1 7   ? 23.470  4.563   -17.020 1.00 23.84 ? 7   ASN A CG  1 
ATOM   43   O  OD1 . ASN A 1 7   ? 22.845  3.558   -17.401 1.00 25.16 ? 7   ASN A OD1 1 
ATOM   44   N  ND2 . ASN A 1 7   ? 23.993  4.663   -15.804 1.00 21.51 ? 7   ASN A ND2 1 
ATOM   45   N  N   . TYR A 1 8   ? 22.089  8.177   -16.631 1.00 22.36 ? 8   TYR A N   1 
ATOM   46   C  CA  . TYR A 1 8   ? 21.408  8.880   -15.542 1.00 21.80 ? 8   TYR A CA  1 
ATOM   47   C  C   . TYR A 1 8   ? 19.907  8.995   -15.776 1.00 20.67 ? 8   TYR A C   1 
ATOM   48   O  O   . TYR A 1 8   ? 19.091  8.606   -14.934 1.00 20.39 ? 8   TYR A O   1 
ATOM   49   C  CB  . TYR A 1 8   ? 22.001  10.286  -15.362 1.00 22.01 ? 8   TYR A CB  1 
ATOM   50   C  CG  . TYR A 1 8   ? 21.313  11.112  -14.289 1.00 23.54 ? 8   TYR A CG  1 
ATOM   51   C  CD1 . TYR A 1 8   ? 21.639  10.954  -12.941 1.00 25.99 ? 8   TYR A CD1 1 
ATOM   52   C  CD2 . TYR A 1 8   ? 20.343  12.048  -14.623 1.00 24.98 ? 8   TYR A CD2 1 
ATOM   53   C  CE1 . TYR A 1 8   ? 21.011  11.705  -11.951 1.00 26.46 ? 8   TYR A CE1 1 
ATOM   54   C  CE2 . TYR A 1 8   ? 19.707  12.806  -13.648 1.00 26.21 ? 8   TYR A CE2 1 
ATOM   55   C  CZ  . TYR A 1 8   ? 20.042  12.633  -12.313 1.00 27.27 ? 8   TYR A CZ  1 
ATOM   56   O  OH  . TYR A 1 8   ? 19.413  13.404  -11.344 1.00 28.02 ? 8   TYR A OH  1 
ATOM   57   N  N   . TYR A 1 9   ? 19.549  9.524   -16.928 1.00 19.71 ? 9   TYR A N   1 
ATOM   58   C  CA  . TYR A 1 9   ? 18.167  9.803   -17.232 1.00 19.80 ? 9   TYR A CA  1 
ATOM   59   C  C   . TYR A 1 9   ? 17.357  8.554   -17.556 1.00 19.51 ? 9   TYR A C   1 
ATOM   60   O  O   . TYR A 1 9   ? 16.179  8.483   -17.227 1.00 17.57 ? 9   TYR A O   1 
ATOM   61   C  CB  . TYR A 1 9   ? 18.076  10.787  -18.398 1.00 20.36 ? 9   TYR A CB  1 
ATOM   62   C  CG  . TYR A 1 9   ? 18.361  12.231  -18.042 1.00 22.92 ? 9   TYR A CG  1 
ATOM   63   C  CD1 . TYR A 1 9   ? 17.654  12.877  -17.032 1.00 25.21 ? 9   TYR A CD1 1 
ATOM   64   C  CD2 . TYR A 1 9   ? 19.295  12.964  -18.759 1.00 26.39 ? 9   TYR A CD2 1 
ATOM   65   C  CE1 . TYR A 1 9   ? 17.902  14.206  -16.721 1.00 26.10 ? 9   TYR A CE1 1 
ATOM   66   C  CE2 . TYR A 1 9   ? 19.551  14.297  -18.458 1.00 28.23 ? 9   TYR A CE2 1 
ATOM   67   C  CZ  . TYR A 1 9   ? 18.857  14.905  -17.433 1.00 28.33 ? 9   TYR A CZ  1 
ATOM   68   O  OH  . TYR A 1 9   ? 19.113  16.232  -17.146 1.00 32.81 ? 9   TYR A OH  1 
ATOM   69   N  N   . GLU A 1 10  ? 17.990  7.587   -18.226 1.00 19.82 ? 10  GLU A N   1 
ATOM   70   C  CA  . GLU A 1 10  ? 17.311  6.323   -18.595 1.00 20.37 ? 10  GLU A CA  1 
ATOM   71   C  C   . GLU A 1 10  ? 16.955  5.476   -17.375 1.00 19.58 ? 10  GLU A C   1 
ATOM   72   O  O   . GLU A 1 10  ? 15.843  4.959   -17.274 1.00 19.43 ? 10  GLU A O   1 
ATOM   73   C  CB  . GLU A 1 10  ? 18.182  5.487   -19.558 1.00 20.36 ? 10  GLU A CB  1 
ATOM   74   C  CG  . GLU A 1 10  ? 18.114  5.965   -20.992 1.00 22.58 ? 10  GLU A CG  1 
ATOM   75   C  CD  . GLU A 1 10  ? 16.708  5.829   -21.572 1.00 26.72 ? 10  GLU A CD  1 
ATOM   76   O  OE1 . GLU A 1 10  ? 16.034  4.833   -21.227 1.00 29.87 ? 10  GLU A OE1 1 
ATOM   77   O  OE2 . GLU A 1 10  ? 16.272  6.714   -22.355 1.00 27.60 ? 10  GLU A OE2 1 
ATOM   78   N  N   . VAL A 1 11  ? 17.912  5.314   -16.471 1.00 19.45 ? 11  VAL A N   1 
ATOM   79   C  CA  . VAL A 1 11  ? 17.686  4.576   -15.235 1.00 19.58 ? 11  VAL A CA  1 
ATOM   80   C  C   . VAL A 1 11  ? 16.666  5.307   -14.355 1.00 19.59 ? 11  VAL A C   1 
ATOM   81   O  O   . VAL A 1 11  ? 15.800  4.675   -13.745 1.00 19.76 ? 11  VAL A O   1 
ATOM   82   C  CB  . VAL A 1 11  ? 19.009  4.355   -14.451 1.00 20.04 ? 11  VAL A CB  1 
ATOM   83   C  CG1 . VAL A 1 11  ? 18.747  3.633   -13.145 1.00 20.84 ? 11  VAL A CG1 1 
ATOM   84   C  CG2 . VAL A 1 11  ? 20.013  3.556   -15.293 1.00 20.08 ? 11  VAL A CG2 1 
ATOM   85   N  N   . HIS A 1 12  ? 16.752  6.634   -14.306 1.00 18.67 ? 12  HIS A N   1 
ATOM   86   C  CA  . HIS A 1 12  ? 15.798  7.423   -13.532 1.00 18.40 ? 12  HIS A CA  1 
ATOM   87   C  C   . HIS A 1 12  ? 14.370  7.331   -14.076 1.00 18.12 ? 12  HIS A C   1 
ATOM   88   O  O   . HIS A 1 12  ? 13.423  7.225   -13.291 1.00 17.66 ? 12  HIS A O   1 
ATOM   89   C  CB  . HIS A 1 12  ? 16.234  8.883   -13.456 1.00 17.86 ? 12  HIS A CB  1 
ATOM   90   C  CG  . HIS A 1 12  ? 15.335  9.733   -12.614 1.00 17.73 ? 12  HIS A CG  1 
ATOM   91   N  ND1 . HIS A 1 12  ? 14.276  10.438  -13.142 1.00 17.92 ? 12  HIS A ND1 1 
ATOM   92   C  CD2 . HIS A 1 12  ? 15.326  9.983   -11.282 1.00 18.56 ? 12  HIS A CD2 1 
ATOM   93   C  CE1 . HIS A 1 12  ? 13.661  11.097  -12.174 1.00 19.70 ? 12  HIS A CE1 1 
ATOM   94   N  NE2 . HIS A 1 12  ? 14.272  10.829  -11.035 1.00 18.43 ? 12  HIS A NE2 1 
ATOM   95   N  N   . LYS A 1 13  ? 14.214  7.368   -15.401 1.00 18.22 ? 13  LYS A N   1 
ATOM   96   C  CA  . LYS A 1 13  ? 12.909  7.151   -16.046 1.00 18.72 ? 13  LYS A CA  1 
ATOM   97   C  C   . LYS A 1 13  ? 12.334  5.777   -15.671 1.00 18.57 ? 13  LYS A C   1 
ATOM   98   O  O   . LYS A 1 13  ? 11.147  5.639   -15.431 1.00 18.34 ? 13  LYS A O   1 
ATOM   99   C  CB  . LYS A 1 13  ? 13.040  7.264   -17.573 1.00 19.70 ? 13  LYS A CB  1 
ATOM   100  C  CG  . LYS A 1 13  ? 11.759  6.988   -18.358 1.00 21.05 ? 13  LYS A CG  1 
ATOM   101  C  CD  . LYS A 1 13  ? 11.942  7.167   -19.894 1.00 25.06 ? 13  LYS A CD  1 
ATOM   102  C  CE  . LYS A 1 13  ? 10.853  6.374   -20.653 1.00 27.79 ? 13  LYS A CE  1 
ATOM   103  N  NZ  . LYS A 1 13  ? 10.882  6.456   -22.158 1.00 31.09 ? 13  LYS A NZ  1 
ATOM   104  N  N   . GLU A 1 14  ? 13.214  4.781   -15.623 1.00 18.97 ? 14  GLU A N   1 
ATOM   105  C  CA  . GLU A 1 14  ? 12.911  3.405   -15.212 1.00 19.12 ? 14  GLU A CA  1 
ATOM   106  C  C   . GLU A 1 14  ? 12.396  3.366   -13.777 1.00 18.24 ? 14  GLU A C   1 
ATOM   107  O  O   . GLU A 1 14  ? 11.452  2.643   -13.483 1.00 18.21 ? 14  GLU A O   1 
ATOM   108  C  CB  . GLU A 1 14  ? 14.208  2.591   -15.278 1.00 20.32 ? 14  GLU A CB  1 
ATOM   109  C  CG  . GLU A 1 14  ? 14.135  1.185   -15.775 1.00 22.42 ? 14  GLU A CG  1 
ATOM   110  C  CD  . GLU A 1 14  ? 15.540  0.559   -15.857 1.00 23.99 ? 14  GLU A CD  1 
ATOM   111  O  OE1 . GLU A 1 14  ? 16.079  0.153   -14.804 1.00 25.67 ? 14  GLU A OE1 1 
ATOM   112  O  OE2 . GLU A 1 14  ? 16.106  0.488   -16.973 1.00 23.48 ? 14  GLU A OE2 1 
ATOM   113  N  N   . LEU A 1 15  ? 13.034  4.125   -12.887 1.00 17.24 ? 15  LEU A N   1 
ATOM   114  C  CA  . LEU A 1 15  ? 12.581  4.211   -11.494 1.00 17.25 ? 15  LEU A CA  1 
ATOM   115  C  C   . LEU A 1 15  ? 11.166  4.796   -11.421 1.00 18.16 ? 15  LEU A C   1 
ATOM   116  O  O   . LEU A 1 15  ? 10.306  4.280   -10.697 1.00 18.50 ? 15  LEU A O   1 
ATOM   117  C  CB  . LEU A 1 15  ? 13.551  5.031   -10.637 1.00 17.10 ? 15  LEU A CB  1 
ATOM   118  C  CG  . LEU A 1 15  ? 14.985  4.471   -10.542 1.00 16.06 ? 15  LEU A CG  1 
ATOM   119  C  CD1 . LEU A 1 15  ? 15.884  5.398   -9.785  1.00 15.40 ? 15  LEU A CD1 1 
ATOM   120  C  CD2 . LEU A 1 15  ? 15.024  3.069   -9.920  1.00 16.24 ? 15  LEU A CD2 1 
ATOM   121  N  N   . PHE A 1 16  ? 10.929  5.875   -12.160 1.00 18.40 ? 16  PHE A N   1 
ATOM   122  C  CA  . PHE A 1 16  ? 9.602   6.477   -12.207 1.00 18.51 ? 16  PHE A CA  1 
ATOM   123  C  C   . PHE A 1 16  ? 8.573   5.522   -12.780 1.00 18.19 ? 16  PHE A C   1 
ATOM   124  O  O   . PHE A 1 16  ? 7.468   5.484   -12.277 1.00 17.11 ? 16  PHE A O   1 
ATOM   125  C  CB  . PHE A 1 16  ? 9.610   7.818   -12.957 1.00 19.04 ? 16  PHE A CB  1 
ATOM   126  C  CG  . PHE A 1 16  ? 10.016  9.035   -12.105 1.00 21.64 ? 16  PHE A CG  1 
ATOM   127  C  CD1 . PHE A 1 16  ? 10.459  8.919   -10.803 1.00 25.60 ? 16  PHE A CD1 1 
ATOM   128  C  CD2 . PHE A 1 16  ? 9.960   10.314  -12.650 1.00 26.34 ? 16  PHE A CD2 1 
ATOM   129  C  CE1 . PHE A 1 16  ? 10.805  10.054  -10.046 1.00 25.42 ? 16  PHE A CE1 1 
ATOM   130  C  CE2 . PHE A 1 16  ? 10.307  11.431  -11.919 1.00 27.32 ? 16  PHE A CE2 1 
ATOM   131  C  CZ  . PHE A 1 16  ? 10.735  11.291  -10.600 1.00 27.22 ? 16  PHE A CZ  1 
ATOM   132  N  N   . GLU A 1 17  ? 8.921   4.734   -13.804 1.00 17.93 ? 17  GLU A N   1 
ATOM   133  C  CA  . GLU A 1 17  ? 7.992   3.720   -14.330 1.00 18.35 ? 17  GLU A CA  1 
ATOM   134  C  C   . GLU A 1 17  ? 7.668   2.641   -13.277 1.00 17.80 ? 17  GLU A C   1 
ATOM   135  O  O   . GLU A 1 17  ? 6.524   2.201   -13.173 1.00 17.75 ? 17  GLU A O   1 
ATOM   136  C  CB  . GLU A 1 17  ? 8.539   3.055   -15.609 1.00 18.96 ? 17  GLU A CB  1 
ATOM   137  C  CG  . GLU A 1 17  ? 8.545   3.978   -16.826 1.00 21.76 ? 17  GLU A CG  1 
ATOM   138  C  CD  . GLU A 1 17  ? 9.434   3.488   -17.969 1.00 26.24 ? 17  GLU A CD  1 
ATOM   139  O  OE1 . GLU A 1 17  ? 10.275  2.597   -17.733 1.00 28.61 ? 17  GLU A OE1 1 
ATOM   140  O  OE2 . GLU A 1 17  ? 9.302   4.015   -19.105 1.00 28.52 ? 17  GLU A OE2 1 
ATOM   141  N  N   . GLY A 1 18  ? 8.668   2.209   -12.521 1.00 16.76 ? 18  GLY A N   1 
ATOM   142  C  CA  . GLY A 1 18  ? 8.419   1.295   -11.409 1.00 16.87 ? 18  GLY A CA  1 
ATOM   143  C  C   . GLY A 1 18  ? 7.503   1.890   -10.328 1.00 16.24 ? 18  GLY A C   1 
ATOM   144  O  O   . GLY A 1 18  ? 6.656   1.200   -9.794  1.00 15.85 ? 18  GLY A O   1 
ATOM   145  N  N   . VAL A 1 19  ? 7.708   3.165   -9.994  1.00 15.86 ? 19  VAL A N   1 
ATOM   146  C  CA  . VAL A 1 19  ? 6.849   3.886   -9.035  1.00 16.12 ? 19  VAL A CA  1 
ATOM   147  C  C   . VAL A 1 19  ? 5.393   3.879   -9.496  1.00 16.70 ? 19  VAL A C   1 
ATOM   148  O  O   . VAL A 1 19  ? 4.480   3.569   -8.725  1.00 16.40 ? 19  VAL A O   1 
ATOM   149  C  CB  . VAL A 1 19  ? 7.367   5.350   -8.865  1.00 16.10 ? 19  VAL A CB  1 
ATOM   150  C  CG1 . VAL A 1 19  ? 6.365   6.255   -8.136  1.00 16.36 ? 19  VAL A CG1 1 
ATOM   151  C  CG2 . VAL A 1 19  ? 8.710   5.341   -8.168  1.00 15.45 ? 19  VAL A CG2 1 
ATOM   152  N  N   . GLN A 1 20  ? 5.177   4.186   -10.771 1.00 16.70 ? 20  GLN A N   1 
ATOM   153  C  CA  . GLN A 1 20  ? 3.832   4.256   -11.306 1.00 18.06 ? 20  GLN A CA  1 
ATOM   154  C  C   . GLN A 1 20  ? 3.162   2.908   -11.385 1.00 16.79 ? 20  GLN A C   1 
ATOM   155  O  O   . GLN A 1 20  ? 1.961   2.820   -11.213 1.00 15.20 ? 20  GLN A O   1 
ATOM   156  C  CB  . GLN A 1 20  ? 3.814   4.925   -12.687 1.00 19.14 ? 20  GLN A CB  1 
ATOM   157  C  CG  . GLN A 1 20  ? 4.256   6.376   -12.671 1.00 23.65 ? 20  GLN A CG  1 
ATOM   158  C  CD  . GLN A 1 20  ? 3.321   7.354   -11.890 1.00 30.74 ? 20  GLN A CD  1 
ATOM   159  O  OE1 . GLN A 1 20  ? 2.472   6.966   -11.083 1.00 35.18 ? 20  GLN A OE1 1 
ATOM   160  N  NE2 . GLN A 1 20  ? 3.529   8.643   -12.124 1.00 35.15 ? 20  GLN A NE2 1 
ATOM   161  N  N   . LYS A 1 21  ? 3.937   1.864   -11.660 1.00 16.26 ? 21  LYS A N   1 
ATOM   162  C  CA  . LYS A 1 21  ? 3.418   0.509   -11.661 1.00 16.26 ? 21  LYS A CA  1 
ATOM   163  C  C   . LYS A 1 21  ? 3.063   0.096   -10.236 1.00 15.07 ? 21  LYS A C   1 
ATOM   164  O  O   . LYS A 1 21  ? 2.012   -0.484  -10.002 1.00 14.45 ? 21  LYS A O   1 
ATOM   165  C  CB  . LYS A 1 21  ? 4.452   -0.450  -12.249 1.00 17.33 ? 21  LYS A CB  1 
ATOM   166  C  CG  . LYS A 1 21  ? 4.086   -1.923  -12.177 1.00 19.79 ? 21  LYS A CG  1 
ATOM   167  C  CD  . LYS A 1 21  ? 2.870   -2.232  -12.996 1.00 22.33 ? 21  LYS A CD  1 
ATOM   168  C  CE  . LYS A 1 21  ? 2.779   -3.718  -13.313 1.00 24.68 ? 21  LYS A CE  1 
ATOM   169  N  NZ  . LYS A 1 21  ? 1.488   -4.064  -13.989 1.00 26.88 ? 21  LYS A NZ  1 
ATOM   170  N  N   . TRP A 1 22  ? 3.926   0.414   -9.277  1.00 14.20 ? 22  TRP A N   1 
ATOM   171  C  CA  . TRP A 1 22  ? 3.631   0.063   -7.892  1.00 13.53 ? 22  TRP A CA  1 
ATOM   172  C  C   . TRP A 1 22  ? 2.335   0.752   -7.419  1.00 13.04 ? 22  TRP A C   1 
ATOM   173  O  O   . TRP A 1 22  ? 1.466   0.110   -6.838  1.00 12.77 ? 22  TRP A O   1 
ATOM   174  C  CB  . TRP A 1 22  ? 4.806   0.400   -6.964  1.00 13.17 ? 22  TRP A CB  1 
ATOM   175  C  CG  . TRP A 1 22  ? 4.519   -0.047  -5.604  1.00 13.86 ? 22  TRP A CG  1 
ATOM   176  C  CD1 . TRP A 1 22  ? 4.842   -1.261  -5.056  1.00 13.88 ? 22  TRP A CD1 1 
ATOM   177  C  CD2 . TRP A 1 22  ? 3.775   0.660   -4.607  1.00 13.41 ? 22  TRP A CD2 1 
ATOM   178  N  NE1 . TRP A 1 22  ? 4.364   -1.340  -3.770  1.00 14.96 ? 22  TRP A NE1 1 
ATOM   179  C  CE2 . TRP A 1 22  ? 3.699   -0.182  -3.470  1.00 14.43 ? 22  TRP A CE2 1 
ATOM   180  C  CE3 . TRP A 1 22  ? 3.169   1.926   -4.554  1.00 11.35 ? 22  TRP A CE3 1 
ATOM   181  C  CZ2 . TRP A 1 22  ? 3.048   0.202   -2.303  1.00 14.10 ? 22  TRP A CZ2 1 
ATOM   182  C  CZ3 . TRP A 1 22  ? 2.533   2.295   -3.416  1.00 12.32 ? 22  TRP A CZ3 1 
ATOM   183  C  CH2 . TRP A 1 22  ? 2.464   1.442   -2.297  1.00 13.66 ? 22  TRP A CH2 1 
ATOM   184  N  N   . GLU A 1 23  ? 2.225   2.054   -7.667  1.00 12.81 ? 23  GLU A N   1 
ATOM   185  C  CA  . GLU A 1 23  ? 1.052   2.832   -7.258  1.00 13.22 ? 23  GLU A CA  1 
ATOM   186  C  C   . GLU A 1 23  ? -0.245  2.290   -7.858  1.00 13.13 ? 23  GLU A C   1 
ATOM   187  O  O   . GLU A 1 23  ? -1.240  2.095   -7.154  1.00 12.13 ? 23  GLU A O   1 
ATOM   188  C  CB  . GLU A 1 23  ? 1.256   4.314   -7.606  1.00 13.39 ? 23  GLU A CB  1 
ATOM   189  C  CG  . GLU A 1 23  ? 0.255   5.263   -6.960  1.00 15.35 ? 23  GLU A CG  1 
ATOM   190  C  CD  . GLU A 1 23  ? 0.428   5.429   -5.442  1.00 16.38 ? 23  GLU A CD  1 
ATOM   191  O  OE1 . GLU A 1 23  ? 1.553   5.331   -4.914  1.00 15.74 ? 23  GLU A OE1 1 
ATOM   192  O  OE2 . GLU A 1 23  ? -0.580  5.687   -4.762  1.00 20.23 ? 23  GLU A OE2 1 
ATOM   193  N  N   . GLU A 1 24  ? -0.233  2.031   -9.166  1.00 13.78 ? 24  GLU A N   1 
ATOM   194  C  CA  . GLU A 1 24  ? -1.354  1.354   -9.847  1.00 14.37 ? 24  GLU A CA  1 
ATOM   195  C  C   . GLU A 1 24  ? -1.830  0.085   -9.141  1.00 13.87 ? 24  GLU A C   1 
ATOM   196  O  O   . GLU A 1 24  ? -3.016  -0.099  -8.865  1.00 13.24 ? 24  GLU A O   1 
ATOM   197  C  CB  . GLU A 1 24  ? -0.944  0.963   -11.280 1.00 14.62 ? 24  GLU A CB  1 
ATOM   198  C  CG  . GLU A 1 24  ? -2.107  0.483   -12.123 1.00 17.26 ? 24  GLU A CG  1 
ATOM   199  C  CD  . GLU A 1 24  ? -1.695  0.021   -13.511 1.00 20.09 ? 24  GLU A CD  1 
ATOM   200  O  OE1 . GLU A 1 24  ? -0.941  -0.975  -13.613 1.00 21.27 ? 24  GLU A OE1 1 
ATOM   201  O  OE2 . GLU A 1 24  ? -2.160  0.637   -14.495 1.00 22.17 ? 24  GLU A OE2 1 
ATOM   202  N  N   . THR A 1 25  ? -0.874  -0.793  -8.873  1.00 13.52 ? 25  THR A N   1 
ATOM   203  C  CA  . THR A 1 25  ? -1.120  -2.105  -8.304  1.00 13.04 ? 25  THR A CA  1 
ATOM   204  C  C   . THR A 1 25  ? -1.625  -1.973  -6.869  1.00 12.84 ? 25  THR A C   1 
ATOM   205  O  O   . THR A 1 25  ? -2.531  -2.683  -6.459  1.00 12.00 ? 25  THR A O   1 
ATOM   206  C  CB  . THR A 1 25  ? 0.180   -2.952  -8.329  1.00 13.67 ? 25  THR A CB  1 
ATOM   207  O  OG1 . THR A 1 25  ? 0.736   -2.939  -9.653  1.00 13.81 ? 25  THR A OG1 1 
ATOM   208  C  CG2 . THR A 1 25  ? -0.078  -4.390  -7.918  1.00 13.10 ? 25  THR A CG2 1 
ATOM   209  N  N   . TRP A 1 26  ? -1.051  -1.025  -6.134  1.00 13.17 ? 26  TRP A N   1 
ATOM   210  C  CA  . TRP A 1 26  ? -1.451  -0.740  -4.773  1.00 13.31 ? 26  TRP A CA  1 
ATOM   211  C  C   . TRP A 1 26  ? -2.890  -0.236  -4.695  1.00 14.19 ? 26  TRP A C   1 
ATOM   212  O  O   . TRP A 1 26  ? -3.706  -0.739  -3.914  1.00 13.13 ? 26  TRP A O   1 
ATOM   213  C  CB  . TRP A 1 26  ? -0.480  0.287   -4.221  1.00 13.48 ? 26  TRP A CB  1 
ATOM   214  C  CG  . TRP A 1 26  ? -0.778  0.805   -2.861  1.00 12.87 ? 26  TRP A CG  1 
ATOM   215  C  CD1 . TRP A 1 26  ? -0.992  2.097   -2.528  1.00 11.97 ? 26  TRP A CD1 1 
ATOM   216  C  CD2 . TRP A 1 26  ? -0.845  0.052   -1.642  1.00 13.96 ? 26  TRP A CD2 1 
ATOM   217  N  NE1 . TRP A 1 26  ? -1.197  2.209   -1.182  1.00 12.63 ? 26  TRP A NE1 1 
ATOM   218  C  CE2 . TRP A 1 26  ? -1.111  0.967   -0.606  1.00 13.81 ? 26  TRP A CE2 1 
ATOM   219  C  CE3 . TRP A 1 26  ? -0.709  -1.308  -1.328  1.00 15.10 ? 26  TRP A CE3 1 
ATOM   220  C  CZ2 . TRP A 1 26  ? -1.259  0.568   0.737   1.00 13.16 ? 26  TRP A CZ2 1 
ATOM   221  C  CZ3 . TRP A 1 26  ? -0.846  -1.708  0.004   1.00 14.70 ? 26  TRP A CZ3 1 
ATOM   222  C  CH2 . TRP A 1 26  ? -1.117  -0.779  1.018   1.00 14.55 ? 26  TRP A CH2 1 
ATOM   223  N  N   . ARG A 1 27  ? -3.221  0.740   -5.532  1.00 14.90 ? 27  ARG A N   1 
ATOM   224  C  CA  . ARG A 1 27  ? -4.571  1.302   -5.511  1.00 15.68 ? 27  ARG A CA  1 
ATOM   225  C  C   . ARG A 1 27  ? -5.640  0.299   -5.942  1.00 15.84 ? 27  ARG A C   1 
ATOM   226  O  O   . ARG A 1 27  ? -6.714  0.263   -5.371  1.00 16.96 ? 27  ARG A O   1 
ATOM   227  C  CB  . ARG A 1 27  ? -4.636  2.606   -6.325  1.00 15.57 ? 27  ARG A CB  1 
ATOM   228  C  CG  . ARG A 1 27  ? -3.730  3.735   -5.770  1.00 16.77 ? 27  ARG A CG  1 
ATOM   229  C  CD  . ARG A 1 27  ? -3.994  4.156   -4.302  1.00 17.32 ? 27  ARG A CD  1 
ATOM   230  N  NE  . ARG A 1 27  ? -2.857  4.899   -3.761  1.00 20.26 ? 27  ARG A NE  1 
ATOM   231  C  CZ  . ARG A 1 27  ? -2.763  5.368   -2.512  1.00 22.72 ? 27  ARG A CZ  1 
ATOM   232  N  NH1 . ARG A 1 27  ? -3.759  5.210   -1.652  1.00 23.98 ? 27  ARG A NH1 1 
ATOM   233  N  NH2 . ARG A 1 27  ? -1.658  5.993   -2.115  1.00 22.44 ? 27  ARG A NH2 1 
ATOM   234  N  N   . LEU A 1 28  ? -5.341  -0.552  -6.903  1.00 16.75 ? 28  LEU A N   1 
ATOM   235  C  CA  . LEU A 1 28  ? -6.245  -1.653  -7.235  1.00 17.89 ? 28  LEU A CA  1 
ATOM   236  C  C   . LEU A 1 28  ? -6.384  -2.622  -6.067  1.00 17.64 ? 28  LEU A C   1 
ATOM   237  O  O   . LEU A 1 28  ? -7.500  -3.024  -5.706  1.00 16.55 ? 28  LEU A O   1 
ATOM   238  C  CB  . LEU A 1 28  ? -5.767  -2.409  -8.476  1.00 18.55 ? 28  LEU A CB  1 
ATOM   239  C  CG  . LEU A 1 28  ? -5.913  -1.615  -9.775  1.00 21.90 ? 28  LEU A CG  1 
ATOM   240  C  CD1 . LEU A 1 28  ? -5.108  -2.239  -10.930 1.00 23.16 ? 28  LEU A CD1 1 
ATOM   241  C  CD2 . LEU A 1 28  ? -7.406  -1.469  -10.131 1.00 23.09 ? 28  LEU A CD2 1 
ATOM   242  N  N   . PHE A 1 29  ? -5.253  -2.983  -5.462  1.00 17.33 ? 29  PHE A N   1 
ATOM   243  C  CA  . PHE A 1 29  ? -5.280  -3.866  -4.304  1.00 16.88 ? 29  PHE A CA  1 
ATOM   244  C  C   . PHE A 1 29  ? -6.183  -3.287  -3.208  1.00 16.76 ? 29  PHE A C   1 
ATOM   245  O  O   . PHE A 1 29  ? -7.049  -3.981  -2.676  1.00 16.49 ? 29  PHE A O   1 
ATOM   246  C  CB  . PHE A 1 29  ? -3.867  -4.098  -3.770  1.00 17.01 ? 29  PHE A CB  1 
ATOM   247  C  CG  . PHE A 1 29  ? -3.829  -4.884  -2.490  1.00 16.99 ? 29  PHE A CG  1 
ATOM   248  C  CD1 . PHE A 1 29  ? -4.200  -6.226  -2.470  1.00 17.63 ? 29  PHE A CD1 1 
ATOM   249  C  CD2 . PHE A 1 29  ? -3.448  -4.281  -1.295  1.00 18.47 ? 29  PHE A CD2 1 
ATOM   250  C  CE1 . PHE A 1 29  ? -4.176  -6.959  -1.290  1.00 17.66 ? 29  PHE A CE1 1 
ATOM   251  C  CE2 . PHE A 1 29  ? -3.427  -5.023  -0.098  1.00 19.37 ? 29  PHE A CE2 1 
ATOM   252  C  CZ  . PHE A 1 29  ? -3.781  -6.356  -0.104  1.00 17.88 ? 29  PHE A CZ  1 
ATOM   253  N  N   . LEU A 1 30  ? -6.009  -2.018  -2.882  1.00 16.79 ? 30  LEU A N   1 
ATOM   254  C  CA  . LEU A 1 30  ? -6.833  -1.401  -1.835  1.00 17.29 ? 30  LEU A CA  1 
ATOM   255  C  C   . LEU A 1 30  ? -8.349  -1.382  -2.175  1.00 18.47 ? 30  LEU A C   1 
ATOM   256  O  O   . LEU A 1 30  ? -9.197  -1.426  -1.276  1.00 18.16 ? 30  LEU A O   1 
ATOM   257  C  CB  . LEU A 1 30  ? -6.365  0.014   -1.536  1.00 16.83 ? 30  LEU A CB  1 
ATOM   258  C  CG  . LEU A 1 30  ? -4.985  0.255   -0.936  1.00 16.70 ? 30  LEU A CG  1 
ATOM   259  C  CD1 . LEU A 1 30  ? -4.751  1.742   -0.847  1.00 15.14 ? 30  LEU A CD1 1 
ATOM   260  C  CD2 . LEU A 1 30  ? -4.838  -0.406  0.440   1.00 16.67 ? 30  LEU A CD2 1 
ATOM   261  N  N   . GLU A 1 31  ? -8.691  -1.338  -3.458  1.00 20.04 ? 31  GLU A N   1 
ATOM   262  C  CA  . GLU A 1 31  ? -10.097 -1.406  -3.847  1.00 21.54 ? 31  GLU A CA  1 
ATOM   263  C  C   . GLU A 1 31  ? -10.679 -2.769  -3.513  1.00 22.29 ? 31  GLU A C   1 
ATOM   264  O  O   . GLU A 1 31  ? -11.763 -2.850  -2.929  1.00 22.58 ? 31  GLU A O   1 
ATOM   265  C  CB  . GLU A 1 31  ? -10.297 -1.065  -5.326  1.00 21.71 ? 31  GLU A CB  1 
ATOM   266  C  CG  . GLU A 1 31  ? -10.273 0.438   -5.604  1.00 21.84 ? 31  GLU A CG  1 
ATOM   267  N  N   . PHE A 1 32  ? -9.969  -3.836  -3.867  1.00 23.56 ? 32  PHE A N   1 
ATOM   268  C  CA  . PHE A 1 32  ? -10.406 -5.191  -3.500  1.00 24.72 ? 32  PHE A CA  1 
ATOM   269  C  C   . PHE A 1 32  ? -10.392 -5.378  -1.997  1.00 24.66 ? 32  PHE A C   1 
ATOM   270  O  O   . PHE A 1 32  ? -11.278 -6.029  -1.452  1.00 24.69 ? 32  PHE A O   1 
ATOM   271  C  CB  . PHE A 1 32  ? -9.552  -6.262  -4.186  1.00 25.52 ? 32  PHE A CB  1 
ATOM   272  C  CG  . PHE A 1 32  ? -9.799  -6.351  -5.652  1.00 29.33 ? 32  PHE A CG  1 
ATOM   273  C  CD1 . PHE A 1 32  ? -10.744 -7.233  -6.160  1.00 33.52 ? 32  PHE A CD1 1 
ATOM   274  C  CD2 . PHE A 1 32  ? -9.135  -5.508  -6.529  1.00 32.74 ? 32  PHE A CD2 1 
ATOM   275  C  CE1 . PHE A 1 32  ? -10.991 -7.285  -7.535  1.00 35.08 ? 32  PHE A CE1 1 
ATOM   276  C  CE2 . PHE A 1 32  ? -9.373  -5.554  -7.891  1.00 34.27 ? 32  PHE A CE2 1 
ATOM   277  C  CZ  . PHE A 1 32  ? -10.303 -6.444  -8.399  1.00 35.32 ? 32  PHE A CZ  1 
ATOM   278  N  N   . GLU A 1 33  ? -9.404  -4.800  -1.316  1.00 24.87 ? 33  GLU A N   1 
ATOM   279  C  CA  . GLU A 1 33  ? -9.376  -4.852  0.142   1.00 25.44 ? 33  GLU A CA  1 
ATOM   280  C  C   . GLU A 1 33  ? -10.667 -4.319  0.723   1.00 26.41 ? 33  GLU A C   1 
ATOM   281  O  O   . GLU A 1 33  ? -11.269 -4.969  1.576   1.00 26.60 ? 33  GLU A O   1 
ATOM   282  C  CB  . GLU A 1 33  ? -8.202  -4.063  0.729   1.00 25.18 ? 33  GLU A CB  1 
ATOM   283  C  CG  . GLU A 1 33  ? -6.899  -4.780  0.649   1.00 24.40 ? 33  GLU A CG  1 
ATOM   284  C  CD  . GLU A 1 33  ? -6.830  -5.951  1.632   1.00 26.45 ? 33  GLU A CD  1 
ATOM   285  O  OE1 . GLU A 1 33  ? -6.175  -5.797  2.683   1.00 25.29 ? 33  GLU A OE1 1 
ATOM   286  O  OE2 . GLU A 1 33  ? -7.443  -7.008  1.357   1.00 26.02 ? 33  GLU A OE2 1 
ATOM   287  N  N   . ARG A 1 34  ? -11.102 -3.154  0.241   1.00 27.86 ? 34  ARG A N   1 
ATOM   288  C  CA  . ARG A 1 34  ? -12.302 -2.501  0.766   1.00 29.20 ? 34  ARG A CA  1 
ATOM   289  C  C   . ARG A 1 34  ? -13.535 -3.375  0.528   1.00 30.44 ? 34  ARG A C   1 
ATOM   290  O  O   . ARG A 1 34  ? -14.337 -3.568  1.437   1.00 30.81 ? 34  ARG A O   1 
ATOM   291  C  CB  . ARG A 1 34  ? -12.495 -1.126  0.123   1.00 20.00 ? 34  ARG A CB  1 
ATOM   292  N  N   . LYS A 1 35  ? -13.658 -3.932  -0.674  1.00 31.88 ? 35  LYS A N   1 
ATOM   293  C  CA  . LYS A 1 35  ? -14.749 -4.862  -0.975  1.00 33.26 ? 35  LYS A CA  1 
ATOM   294  C  C   . LYS A 1 35  ? -14.703 -6.119  -0.093  1.00 34.03 ? 35  LYS A C   1 
ATOM   295  O  O   . LYS A 1 35  ? -15.733 -6.532  0.438   1.00 34.36 ? 35  LYS A O   1 
ATOM   296  C  CB  . LYS A 1 35  ? -14.739 -5.256  -2.451  1.00 33.70 ? 35  LYS A CB  1 
ATOM   297  C  CG  . LYS A 1 35  ? -15.033 -4.094  -3.389  1.00 35.66 ? 35  LYS A CG  1 
ATOM   298  C  CD  . LYS A 1 35  ? -15.009 -4.519  -4.859  1.00 39.05 ? 35  LYS A CD  1 
ATOM   299  C  CE  . LYS A 1 35  ? -16.266 -5.318  -5.261  1.00 40.78 ? 35  LYS A CE  1 
ATOM   300  N  NZ  . LYS A 1 35  ? -17.548 -4.531  -5.192  1.00 41.98 ? 35  LYS A NZ  1 
ATOM   301  N  N   . ALA A 1 36  ? -13.516 -6.706  0.074   1.00 34.72 ? 36  ALA A N   1 
ATOM   302  C  CA  . ALA A 1 36  ? -13.356 -7.944  0.851   1.00 35.49 ? 36  ALA A CA  1 
ATOM   303  C  C   . ALA A 1 36  ? -13.617 -7.718  2.344   1.00 36.51 ? 36  ALA A C   1 
ATOM   304  O  O   . ALA A 1 36  ? -14.024 -8.636  3.069   1.00 36.62 ? 36  ALA A O   1 
ATOM   305  C  CB  . ALA A 1 36  ? -11.966 -8.523  0.647   1.00 35.28 ? 36  ALA A CB  1 
ATOM   306  N  N   . SER A 1 37  ? -13.383 -6.488  2.786   1.00 37.71 ? 37  SER A N   1 
ATOM   307  C  CA  . SER A 1 37  ? -13.537 -6.096  4.181   1.00 38.68 ? 37  SER A CA  1 
ATOM   308  C  C   . SER A 1 37  ? -14.896 -5.431  4.497   1.00 39.45 ? 37  SER A C   1 
ATOM   309  O  O   . SER A 1 37  ? -15.222 -5.210  5.672   1.00 39.64 ? 37  SER A O   1 
ATOM   310  C  CB  . SER A 1 37  ? -12.394 -5.146  4.538   1.00 38.74 ? 37  SER A CB  1 
ATOM   311  O  OG  . SER A 1 37  ? -12.352 -4.915  5.920   1.00 39.50 ? 37  SER A OG  1 
ATOM   312  N  N   . ASP A 1 38  ? -15.677 -5.134  3.457   1.00 40.40 ? 38  ASP A N   1 
ATOM   313  C  CA  . ASP A 1 38  ? -16.968 -4.448  3.583   1.00 41.30 ? 38  ASP A CA  1 
ATOM   314  C  C   . ASP A 1 38  ? -17.915 -5.187  4.536   1.00 42.42 ? 38  ASP A C   1 
ATOM   315  O  O   . ASP A 1 38  ? -18.257 -6.349  4.290   1.00 42.48 ? 38  ASP A O   1 
ATOM   316  C  CB  . ASP A 1 38  ? -17.635 -4.325  2.202   1.00 41.26 ? 38  ASP A CB  1 
ATOM   317  C  CG  . ASP A 1 38  ? -18.836 -3.353  2.183   1.00 41.73 ? 38  ASP A CG  1 
ATOM   318  O  OD1 . ASP A 1 38  ? -19.264 -2.856  3.250   1.00 39.92 ? 38  ASP A OD1 1 
ATOM   319  O  OD2 . ASP A 1 38  ? -19.357 -3.099  1.069   1.00 42.94 ? 38  ASP A OD2 1 
ATOM   320  N  N   . PRO A 1 39  ? -18.326 -4.520  5.635   1.00 43.69 ? 39  PRO A N   1 
ATOM   321  C  CA  . PRO A 1 39  ? -19.367 -5.081  6.505   1.00 44.55 ? 39  PRO A CA  1 
ATOM   322  C  C   . PRO A 1 39  ? -20.693 -5.379  5.788   1.00 45.57 ? 39  PRO A C   1 
ATOM   323  O  O   . PRO A 1 39  ? -21.369 -6.337  6.154   1.00 45.77 ? 39  PRO A O   1 
ATOM   324  C  CB  . PRO A 1 39  ? -19.560 -3.990  7.570   1.00 44.56 ? 39  PRO A CB  1 
ATOM   325  C  CG  . PRO A 1 39  ? -18.247 -3.287  7.627   1.00 44.15 ? 39  PRO A CG  1 
ATOM   326  C  CD  . PRO A 1 39  ? -17.733 -3.295  6.212   1.00 43.59 ? 39  PRO A CD  1 
ATOM   327  N  N   . ASN A 1 40  ? -21.054 -4.582  4.779   1.00 46.69 ? 40  ASN A N   1 
ATOM   328  C  CA  . ASN A 1 40  ? -22.309 -4.786  4.034   1.00 47.54 ? 40  ASN A CA  1 
ATOM   329  C  C   . ASN A 1 40  ? -22.373 -6.067  3.187   1.00 48.20 ? 40  ASN A C   1 
ATOM   330  O  O   . ASN A 1 40  ? -23.461 -6.457  2.744   1.00 48.14 ? 40  ASN A O   1 
ATOM   331  C  CB  . ASN A 1 40  ? -22.596 -3.591  3.114   1.00 47.72 ? 40  ASN A CB  1 
ATOM   332  C  CG  . ASN A 1 40  ? -22.947 -2.322  3.877   1.00 48.57 ? 40  ASN A CG  1 
ATOM   333  O  OD1 . ASN A 1 40  ? -23.397 -2.364  5.026   1.00 49.14 ? 40  ASN A OD1 1 
ATOM   334  N  ND2 . ASN A 1 40  ? -22.753 -1.178  3.228   1.00 50.35 ? 40  ASN A ND2 1 
ATOM   335  N  N   . ARG A 1 41  ? -21.227 -6.714  2.964   1.00 48.95 ? 41  ARG A N   1 
ATOM   336  C  CA  . ARG A 1 41  ? -21.150 -7.877  2.059   1.00 49.64 ? 41  ARG A CA  1 
ATOM   337  C  C   . ARG A 1 41  ? -21.929 -9.113  2.539   1.00 50.31 ? 41  ARG A C   1 
ATOM   338  O  O   . ARG A 1 41  ? -22.157 -10.029 1.750   1.00 50.33 ? 41  ARG A O   1 
ATOM   339  C  CB  . ARG A 1 41  ? -19.688 -8.261  1.763   1.00 49.60 ? 41  ARG A CB  1 
ATOM   340  C  CG  . ARG A 1 41  ? -18.996 -9.104  2.841   1.00 49.89 ? 41  ARG A CG  1 
ATOM   341  C  CD  . ARG A 1 41  ? -17.481 -9.112  2.651   1.00 50.11 ? 41  ARG A CD  1 
ATOM   342  N  NE  . ARG A 1 41  ? -16.790 -9.953  3.630   1.00 50.13 ? 41  ARG A NE  1 
ATOM   343  C  CZ  . ARG A 1 41  ? -16.554 -9.618  4.900   1.00 50.61 ? 41  ARG A CZ  1 
ATOM   344  N  NH1 . ARG A 1 41  ? -16.952 -8.445  5.390   1.00 50.35 ? 41  ARG A NH1 1 
ATOM   345  N  NH2 . ARG A 1 41  ? -15.912 -10.472 5.693   1.00 51.03 ? 41  ARG A NH2 1 
ATOM   346  N  N   . PHE A 1 42  ? -22.323 -9.147  3.814   1.00 51.22 ? 42  PHE A N   1 
ATOM   347  C  CA  . PHE A 1 42  ? -23.092 -10.282 4.345   1.00 52.09 ? 42  PHE A CA  1 
ATOM   348  C  C   . PHE A 1 42  ? -24.556 -10.215 3.910   1.00 53.11 ? 42  PHE A C   1 
ATOM   349  O  O   . PHE A 1 42  ? -25.255 -11.230 3.929   1.00 53.30 ? 42  PHE A O   1 
ATOM   350  C  CB  . PHE A 1 42  ? -23.022 -10.333 5.875   1.00 52.05 ? 42  PHE A CB  1 
ATOM   351  C  CG  . PHE A 1 42  ? -21.622 -10.355 6.423   1.00 51.65 ? 42  PHE A CG  1 
ATOM   352  C  CD1 . PHE A 1 42  ? -20.756 -11.400 6.115   1.00 51.55 ? 42  PHE A CD1 1 
ATOM   353  C  CD2 . PHE A 1 42  ? -21.171 -9.338  7.259   1.00 51.21 ? 42  PHE A CD2 1 
ATOM   354  C  CE1 . PHE A 1 42  ? -19.455 -11.426 6.625   1.00 51.10 ? 42  PHE A CE1 1 
ATOM   355  C  CE2 . PHE A 1 42  ? -19.874 -9.358  7.773   1.00 50.91 ? 42  PHE A CE2 1 
ATOM   356  C  CZ  . PHE A 1 42  ? -19.016 -10.404 7.452   1.00 50.82 ? 42  PHE A CZ  1 
ATOM   357  N  N   . THR A 1 43  ? -25.010 -9.018  3.532   1.00 54.12 ? 43  THR A N   1 
ATOM   358  C  CA  . THR A 1 43  ? -26.392 -8.795  3.101   1.00 54.95 ? 43  THR A CA  1 
ATOM   359  C  C   . THR A 1 43  ? -26.453 -7.942  1.823   1.00 55.53 ? 43  THR A C   1 
ATOM   360  O  O   . THR A 1 43  ? -27.414 -7.198  1.608   1.00 55.75 ? 43  THR A O   1 
ATOM   361  C  CB  . THR A 1 43  ? -27.215 -8.103  4.231   1.00 55.12 ? 43  THR A CB  1 
ATOM   362  O  OG1 . THR A 1 43  ? -26.637 -6.826  4.548   1.00 54.93 ? 43  THR A OG1 1 
ATOM   363  C  CG2 . THR A 1 43  ? -27.251 -8.973  5.493   1.00 55.01 ? 43  THR A CG2 1 
ATOM   364  N  N   . ASN A 1 44  ? -25.437 -8.078  0.970   1.00 56.16 ? 44  ASN A N   1 
ATOM   365  C  CA  . ASN A 1 44  ? -25.268 -7.220  -0.209  1.00 56.57 ? 44  ASN A CA  1 
ATOM   366  C  C   . ASN A 1 44  ? -25.961 -7.799  -1.445  1.00 56.74 ? 44  ASN A C   1 
ATOM   367  O  O   . ASN A 1 44  ? -25.598 -8.874  -1.932  1.00 56.94 ? 44  ASN A O   1 
ATOM   368  C  CB  . ASN A 1 44  ? -23.772 -7.013  -0.492  1.00 56.73 ? 44  ASN A CB  1 
ATOM   369  C  CG  . ASN A 1 44  ? -23.437 -5.583  -0.867  1.00 57.41 ? 44  ASN A CG  1 
ATOM   370  O  OD1 . ASN A 1 44  ? -24.126 -4.962  -1.677  1.00 58.52 ? 44  ASN A OD1 1 
ATOM   371  N  ND2 . ASN A 1 44  ? -22.364 -5.052  -0.279  1.00 58.51 ? 44  ASN A ND2 1 
ATOM   372  N  N   . LEU A 1 50  ? -18.027 -13.143 -7.905  1.00 51.07 ? 50  LEU A N   1 
ATOM   373  C  CA  . LEU A 1 50  ? -17.032 -12.895 -6.805  1.00 51.12 ? 50  LEU A CA  1 
ATOM   374  C  C   . LEU A 1 50  ? -15.943 -13.977 -6.729  1.00 50.71 ? 50  LEU A C   1 
ATOM   375  O  O   . LEU A 1 50  ? -15.764 -14.648 -5.705  1.00 51.10 ? 50  LEU A O   1 
ATOM   376  C  CB  . LEU A 1 50  ? -17.740 -12.724 -5.451  1.00 51.36 ? 50  LEU A CB  1 
ATOM   377  C  CG  . LEU A 1 50  ? -18.305 -11.319 -5.207  1.00 52.03 ? 50  LEU A CG  1 
ATOM   378  C  CD1 . LEU A 1 50  ? -19.261 -10.895 -6.340  1.00 52.84 ? 50  LEU A CD1 1 
ATOM   379  C  CD2 . LEU A 1 50  ? -18.989 -11.239 -3.850  1.00 52.49 ? 50  LEU A CD2 1 
ATOM   380  N  N   . LYS A 1 51  ? -15.223 -14.137 -7.837  1.00 50.18 ? 51  LYS A N   1 
ATOM   381  C  CA  . LYS A 1 51  ? -13.912 -14.783 -7.841  1.00 49.56 ? 51  LYS A CA  1 
ATOM   382  C  C   . LYS A 1 51  ? -12.878 -13.665 -7.847  1.00 48.91 ? 51  LYS A C   1 
ATOM   383  O  O   . LYS A 1 51  ? -11.801 -13.803 -8.421  1.00 49.01 ? 51  LYS A O   1 
ATOM   384  C  CB  . LYS A 1 51  ? -13.740 -15.707 -9.049  1.00 20.00 ? 51  LYS A CB  1 
ATOM   385  N  N   . GLU A 1 52  ? -13.224 -12.553 -7.189  1.00 48.19 ? 52  GLU A N   1 
ATOM   386  C  CA  . GLU A 1 52  ? -12.351 -11.390 -7.062  1.00 47.24 ? 52  GLU A CA  1 
ATOM   387  C  C   . GLU A 1 52  ? -11.276 -11.624 -6.002  1.00 45.78 ? 52  GLU A C   1 
ATOM   388  O  O   . GLU A 1 52  ? -10.394 -10.785 -5.816  1.00 45.93 ? 52  GLU A O   1 
ATOM   389  C  CB  . GLU A 1 52  ? -13.175 -10.155 -6.701  1.00 47.58 ? 52  GLU A CB  1 
ATOM   390  C  CG  . GLU A 1 52  ? -14.261 -9.829  -7.707  1.00 48.55 ? 52  GLU A CG  1 
ATOM   391  C  CD  . GLU A 1 52  ? -15.021 -8.557  -7.358  1.00 50.61 ? 52  GLU A CD  1 
ATOM   392  O  OE1 . GLU A 1 52  ? -16.144 -8.658  -6.791  1.00 50.45 ? 52  GLU A OE1 1 
ATOM   393  O  OE2 . GLU A 1 52  ? -14.488 -7.458  -7.652  1.00 51.24 ? 52  GLU A OE2 1 
ATOM   394  N  N   . GLU A 1 53  ? -11.365 -12.752 -5.303  1.00 44.06 ? 53  GLU A N   1 
ATOM   395  C  CA  . GLU A 1 53  ? -10.314 -13.184 -4.398  1.00 42.98 ? 53  GLU A CA  1 
ATOM   396  C  C   . GLU A 1 53  ? -9.046  -13.576 -5.141  1.00 41.60 ? 53  GLU A C   1 
ATOM   397  O  O   . GLU A 1 53  ? -7.950  -13.198 -4.731  1.00 41.33 ? 53  GLU A O   1 
ATOM   398  C  CB  . GLU A 1 53  ? -10.780 -14.358 -3.539  1.00 42.89 ? 53  GLU A CB  1 
ATOM   399  C  CG  . GLU A 1 53  ? -11.272 -13.941 -2.175  1.00 43.79 ? 53  GLU A CG  1 
ATOM   400  C  CD  . GLU A 1 53  ? -10.255 -13.087 -1.433  1.00 43.63 ? 53  GLU A CD  1 
ATOM   401  O  OE1 . GLU A 1 53  ? -9.022  -13.356 -1.551  1.00 43.48 ? 53  GLU A OE1 1 
ATOM   402  O  OE2 . GLU A 1 53  ? -10.702 -12.140 -0.752  1.00 43.71 ? 53  GLU A OE2 1 
ATOM   403  N  N   . LYS A 1 54  ? -9.210  -14.348 -6.215  1.00 40.05 ? 54  LYS A N   1 
ATOM   404  C  CA  . LYS A 1 54  ? -8.094  -14.733 -7.092  1.00 38.70 ? 54  LYS A CA  1 
ATOM   405  C  C   . LYS A 1 54  ? -7.341  -13.504 -7.599  1.00 37.11 ? 54  LYS A C   1 
ATOM   406  O  O   . LYS A 1 54  ? -6.115  -13.510 -7.677  1.00 37.53 ? 54  LYS A O   1 
ATOM   407  C  CB  . LYS A 1 54  ? -8.603  -15.561 -8.272  1.00 20.00 ? 54  LYS A CB  1 
ATOM   408  N  N   . GLN A 1 55  ? -8.095  -12.462 -7.933  1.00 35.37 ? 55  GLN A N   1 
ATOM   409  C  CA  . GLN A 1 55  ? -7.556  -11.208 -8.441  1.00 34.02 ? 55  GLN A CA  1 
ATOM   410  C  C   . GLN A 1 55  ? -6.925  -10.381 -7.333  1.00 32.41 ? 55  GLN A C   1 
ATOM   411  O  O   . GLN A 1 55  ? -5.812  -9.843  -7.477  1.00 32.04 ? 55  GLN A O   1 
ATOM   412  C  CB  . GLN A 1 55  ? -8.688  -10.401 -9.072  1.00 34.51 ? 55  GLN A CB  1 
ATOM   413  C  CG  . GLN A 1 55  ? -8.294  -9.031  -9.627  1.00 36.33 ? 55  GLN A CG  1 
ATOM   414  C  CD  . GLN A 1 55  ? -7.289  -9.106  -10.783 1.00 39.66 ? 55  GLN A CD  1 
ATOM   415  O  OE1 . GLN A 1 55  ? -6.335  -8.323  -10.835 1.00 41.27 ? 55  GLN A OE1 1 
ATOM   416  N  NE2 . GLN A 1 55  ? -7.501  -10.048 -11.715 1.00 40.48 ? 55  GLN A NE2 1 
ATOM   417  N  N   . ARG A 1 56  ? -7.660  -10.237 -6.235  1.00 29.93 ? 56  ARG A N   1 
ATOM   418  C  CA  . ARG A 1 56  ? -7.121  -9.595  -5.048  1.00 28.05 ? 56  ARG A CA  1 
ATOM   419  C  C   . ARG A 1 56  ? -5.797  -10.258 -4.659  1.00 26.24 ? 56  ARG A C   1 
ATOM   420  O  O   . ARG A 1 56  ? -4.808  -9.565  -4.413  1.00 24.92 ? 56  ARG A O   1 
ATOM   421  C  CB  . ARG A 1 56  ? -8.123  -9.686  -3.902  1.00 27.59 ? 56  ARG A CB  1 
ATOM   422  C  CG  . ARG A 1 56  ? -7.687  -8.983  -2.652  1.00 27.59 ? 56  ARG A CG  1 
ATOM   423  C  CD  . ARG A 1 56  ? -8.479  -9.473  -1.439  1.00 26.65 ? 56  ARG A CD  1 
ATOM   424  N  NE  . ARG A 1 56  ? -7.712  -9.153  -0.259  1.00 27.82 ? 56  ARG A NE  1 
ATOM   425  C  CZ  . ARG A 1 56  ? -6.894  -9.977  0.383   1.00 26.43 ? 56  ARG A CZ  1 
ATOM   426  N  NH1 . ARG A 1 56  ? -6.772  -11.251 0.040   1.00 26.25 ? 56  ARG A NH1 1 
ATOM   427  N  NH2 . ARG A 1 56  ? -6.235  -9.512  1.428   1.00 28.09 ? 56  ARG A NH2 1 
ATOM   428  N  N   . ALA A 1 57  ? -5.786  -11.594 -4.630  1.00 25.08 ? 57  ALA A N   1 
ATOM   429  C  CA  . ALA A 1 57  ? -4.589  -12.353 -4.265  1.00 24.64 ? 57  ALA A CA  1 
ATOM   430  C  C   . ALA A 1 57  ? -3.441  -12.155 -5.261  1.00 24.01 ? 57  ALA A C   1 
ATOM   431  O  O   . ALA A 1 57  ? -2.273  -12.190 -4.881  1.00 23.66 ? 57  ALA A O   1 
ATOM   432  C  CB  . ALA A 1 57  ? -4.915  -13.854 -4.122  1.00 24.91 ? 57  ALA A CB  1 
ATOM   433  N  N   . LYS A 1 58  ? -3.783  -11.976 -6.533  1.00 23.33 ? 58  LYS A N   1 
ATOM   434  C  CA  . LYS A 1 58  ? -2.786  -11.734 -7.590  1.00 23.03 ? 58  LYS A CA  1 
ATOM   435  C  C   . LYS A 1 58  ? -2.033  -10.430 -7.311  1.00 22.00 ? 58  LYS A C   1 
ATOM   436  O  O   . LYS A 1 58  ? -0.807  -10.406 -7.264  1.00 21.98 ? 58  LYS A O   1 
ATOM   437  C  CB  . LYS A 1 58  ? -3.455  -11.681 -8.965  1.00 20.00 ? 58  LYS A CB  1 
ATOM   438  N  N   . LEU A 1 59  ? -2.787  -9.358  -7.104  1.00 21.46 ? 59  LEU A N   1 
ATOM   439  C  CA  . LEU A 1 59  ? -2.212  -8.031  -6.835  1.00 20.82 ? 59  LEU A CA  1 
ATOM   440  C  C   . LEU A 1 59  ? -1.369  -8.069  -5.564  1.00 19.97 ? 59  LEU A C   1 
ATOM   441  O  O   . LEU A 1 59  ? -0.305  -7.451  -5.480  1.00 18.33 ? 59  LEU A O   1 
ATOM   442  C  CB  . LEU A 1 59  ? -3.325  -6.982  -6.683  1.00 21.11 ? 59  LEU A CB  1 
ATOM   443  C  CG  . LEU A 1 59  ? -4.152  -6.693  -7.937  1.00 22.94 ? 59  LEU A CG  1 
ATOM   444  C  CD1 . LEU A 1 59  ? -5.448  -5.950  -7.588  1.00 23.52 ? 59  LEU A CD1 1 
ATOM   445  C  CD2 . LEU A 1 59  ? -3.329  -5.916  -8.972  1.00 22.00 ? 59  LEU A CD2 1 
ATOM   446  N  N   . GLN A 1 60  ? -1.865  -8.808  -4.577  1.00 19.08 ? 60  GLN A N   1 
ATOM   447  C  CA  . GLN A 1 60  ? -1.190  -8.959  -3.309  1.00 18.79 ? 60  GLN A CA  1 
ATOM   448  C  C   . GLN A 1 60  ? 0.184   -9.599  -3.461  1.00 18.50 ? 60  GLN A C   1 
ATOM   449  O  O   . GLN A 1 60  ? 1.141   -9.167  -2.846  1.00 17.61 ? 60  GLN A O   1 
ATOM   450  C  CB  . GLN A 1 60  ? -2.059  -9.807  -2.389  1.00 18.81 ? 60  GLN A CB  1 
ATOM   451  C  CG  . GLN A 1 60  ? -1.476  -10.084 -1.047  1.00 19.56 ? 60  GLN A CG  1 
ATOM   452  C  CD  . GLN A 1 60  ? -2.478  -10.775 -0.152  1.00 19.74 ? 60  GLN A CD  1 
ATOM   453  O  OE1 . GLN A 1 60  ? -3.141  -11.751 -0.556  1.00 21.23 ? 60  GLN A OE1 1 
ATOM   454  N  NE2 . GLN A 1 60  ? -2.606  -10.276 1.053   1.00 17.00 ? 60  GLN A NE2 1 
ATOM   455  N  N   . LYS A 1 61  ? 0.268   -10.639 -4.269  1.00 18.87 ? 61  LYS A N   1 
ATOM   456  C  CA  . LYS A 1 61  ? 1.548   -11.320 -4.528  1.00 20.61 ? 61  LYS A CA  1 
ATOM   457  C  C   . LYS A 1 61  ? 2.498   -10.460 -5.388  1.00 20.28 ? 61  LYS A C   1 
ATOM   458  O  O   . LYS A 1 61  ? 3.717   -10.518 -5.228  1.00 20.28 ? 61  LYS A O   1 
ATOM   459  C  CB  . LYS A 1 61  ? 1.283   -12.675 -5.203  1.00 20.78 ? 61  LYS A CB  1 
ATOM   460  C  CG  . LYS A 1 61  ? 2.441   -13.659 -5.118  1.00 24.93 ? 61  LYS A CG  1 
ATOM   461  C  CD  . LYS A 1 61  ? 2.319   -14.798 -6.150  1.00 28.60 ? 61  LYS A CD  1 
ATOM   462  C  CE  . LYS A 1 61  ? 0.951   -15.512 -6.149  1.00 30.08 ? 61  LYS A CE  1 
ATOM   463  N  NZ  . LYS A 1 61  ? 0.856   -16.583 -5.113  1.00 31.53 ? 61  LYS A NZ  1 
HETATM 464  N  N   . MSE A 1 62  ? 1.939   -9.661  -6.293  1.00 20.28 ? 62  MSE A N   1 
HETATM 465  C  CA  . MSE A 1 62  ? 2.756   -8.791  -7.156  1.00 20.69 ? 62  MSE A CA  1 
HETATM 466  C  C   . MSE A 1 62  ? 3.515   -7.730  -6.374  1.00 20.30 ? 62  MSE A C   1 
HETATM 467  O  O   . MSE A 1 62  ? 4.674   -7.420  -6.677  1.00 19.92 ? 62  MSE A O   1 
HETATM 468  C  CB  . MSE A 1 62  ? 1.866   -8.076  -8.175  1.00 21.14 ? 62  MSE A CB  1 
HETATM 469  C  CG  . MSE A 1 62  ? 1.521   -8.880  -9.400  1.00 23.44 ? 62  MSE A CG  1 
HETATM 470  SE SE  . MSE A 1 62  ? 0.220   -7.890  -10.442 1.00 27.02 ? 62  MSE A SE  1 
HETATM 471  C  CE  . MSE A 1 62  ? 1.369   -6.489  -11.155 1.00 26.05 ? 62  MSE A CE  1 
ATOM   472  N  N   . LEU A 1 63  ? 2.853   -7.168  -5.371  1.00 19.59 ? 63  LEU A N   1 
ATOM   473  C  CA  . LEU A 1 63  ? 3.344   -5.975  -4.711  1.00 19.85 ? 63  LEU A CA  1 
ATOM   474  C  C   . LEU A 1 63  ? 4.745   -6.117  -4.121  1.00 19.60 ? 63  LEU A C   1 
ATOM   475  O  O   . LEU A 1 63  ? 5.597   -5.311  -4.417  1.00 19.12 ? 63  LEU A O   1 
ATOM   476  C  CB  . LEU A 1 63  ? 2.367   -5.493  -3.624  1.00 19.92 ? 63  LEU A CB  1 
ATOM   477  C  CG  . LEU A 1 63  ? 1.332   -4.351  -3.785  1.00 21.50 ? 63  LEU A CG  1 
ATOM   478  C  CD1 . LEU A 1 63  ? 1.573   -3.371  -4.927  1.00 19.56 ? 63  LEU A CD1 1 
ATOM   479  C  CD2 . LEU A 1 63  ? -0.096  -4.883  -3.789  1.00 19.61 ? 63  LEU A CD2 1 
ATOM   480  N  N   . PRO A 1 64  ? 4.985   -7.132  -3.271  1.00 19.90 ? 64  PRO A N   1 
ATOM   481  C  CA  . PRO A 1 64  ? 6.336   -7.287  -2.683  1.00 20.15 ? 64  PRO A CA  1 
ATOM   482  C  C   . PRO A 1 64  ? 7.425   -7.597  -3.714  1.00 19.87 ? 64  PRO A C   1 
ATOM   483  O  O   . PRO A 1 64  ? 8.560   -7.196  -3.511  1.00 20.32 ? 64  PRO A O   1 
ATOM   484  C  CB  . PRO A 1 64  ? 6.181   -8.451  -1.691  1.00 20.49 ? 64  PRO A CB  1 
ATOM   485  C  CG  . PRO A 1 64  ? 4.730   -8.701  -1.564  1.00 20.69 ? 64  PRO A CG  1 
ATOM   486  C  CD  . PRO A 1 64  ? 4.048   -8.150  -2.775  1.00 20.43 ? 64  PRO A CD  1 
ATOM   487  N  N   . LYS A 1 65  ? 7.079   -8.292  -4.797  1.00 19.38 ? 65  LYS A N   1 
ATOM   488  C  CA  . LYS A 1 65  ? 7.993   -8.487  -5.933  1.00 19.59 ? 65  LYS A CA  1 
ATOM   489  C  C   . LYS A 1 65  ? 8.391   -7.158  -6.618  1.00 19.49 ? 65  LYS A C   1 
ATOM   490  O  O   . LYS A 1 65  ? 9.581   -6.898  -6.862  1.00 19.12 ? 65  LYS A O   1 
ATOM   491  C  CB  . LYS A 1 65  ? 7.360   -9.426  -6.960  1.00 20.00 ? 65  LYS A CB  1 
ATOM   492  N  N   . LEU A 1 66  ? 7.391   -6.323  -6.913  1.00 19.10 ? 66  LEU A N   1 
ATOM   493  C  CA  . LEU A 1 66  ? 7.626   -4.988  -7.478  1.00 18.86 ? 66  LEU A CA  1 
ATOM   494  C  C   . LEU A 1 66  ? 8.493   -4.142  -6.561  1.00 18.65 ? 66  LEU A C   1 
ATOM   495  O  O   . LEU A 1 66  ? 9.362   -3.404  -7.045  1.00 19.26 ? 66  LEU A O   1 
ATOM   496  C  CB  . LEU A 1 66  ? 6.295   -4.264  -7.756  1.00 18.55 ? 66  LEU A CB  1 
ATOM   497  C  CG  . LEU A 1 66  ? 5.400   -4.877  -8.840  1.00 18.81 ? 66  LEU A CG  1 
ATOM   498  C  CD1 . LEU A 1 66  ? 3.978   -4.218  -8.873  1.00 16.28 ? 66  LEU A CD1 1 
ATOM   499  C  CD2 . LEU A 1 66  ? 6.087   -4.793  -10.228 1.00 17.56 ? 66  LEU A CD2 1 
ATOM   500  N  N   . GLU A 1 67  ? 8.271   -4.268  -5.251  1.00 18.90 ? 67  GLU A N   1 
ATOM   501  C  CA  . GLU A 1 67  ? 9.010   -3.516  -4.225  1.00 19.40 ? 67  GLU A CA  1 
ATOM   502  C  C   . GLU A 1 67  ? 10.493  -3.916  -4.146  1.00 20.21 ? 67  GLU A C   1 
ATOM   503  O  O   . GLU A 1 67  ? 11.364  -3.047  -4.076  1.00 20.73 ? 67  GLU A O   1 
ATOM   504  C  CB  . GLU A 1 67  ? 8.321   -3.665  -2.844  1.00 19.63 ? 67  GLU A CB  1 
ATOM   505  C  CG  . GLU A 1 67  ? 6.931   -2.986  -2.802  1.00 19.01 ? 67  GLU A CG  1 
ATOM   506  C  CD  . GLU A 1 67  ? 6.065   -3.368  -1.621  1.00 18.17 ? 67  GLU A CD  1 
ATOM   507  O  OE1 . GLU A 1 67  ? 6.623   -3.759  -0.580  1.00 17.67 ? 67  GLU A OE1 1 
ATOM   508  O  OE2 . GLU A 1 67  ? 4.819   -3.254  -1.734  1.00 15.48 ? 67  GLU A OE2 1 
ATOM   509  N  N   . GLU A 1 68  ? 10.767  -5.221  -4.165  1.00 20.36 ? 68  GLU A N   1 
ATOM   510  C  CA  . GLU A 1 68  ? 12.136  -5.743  -4.109  1.00 21.15 ? 68  GLU A CA  1 
ATOM   511  C  C   . GLU A 1 68  ? 12.936  -5.314  -5.328  1.00 21.39 ? 68  GLU A C   1 
ATOM   512  O  O   . GLU A 1 68  ? 14.076  -4.897  -5.199  1.00 22.60 ? 68  GLU A O   1 
ATOM   513  C  CB  . GLU A 1 68  ? 12.122  -7.270  -3.998  1.00 20.00 ? 68  GLU A CB  1 
ATOM   514  N  N   . GLU A 1 69  ? 12.331  -5.406  -6.505  1.00 21.71 ? 69  GLU A N   1 
ATOM   515  C  CA  . GLU A 1 69  ? 12.983  -4.992  -7.747  1.00 22.45 ? 69  GLU A CA  1 
ATOM   516  C  C   . GLU A 1 69  ? 13.281  -3.496  -7.742  1.00 22.00 ? 69  GLU A C   1 
ATOM   517  O  O   . GLU A 1 69  ? 14.400  -3.066  -8.026  1.00 21.36 ? 69  GLU A O   1 
ATOM   518  C  CB  . GLU A 1 69  ? 12.082  -5.282  -8.927  1.00 23.12 ? 69  GLU A CB  1 
ATOM   519  C  CG  . GLU A 1 69  ? 11.800  -6.725  -9.149  1.00 25.56 ? 69  GLU A CG  1 
ATOM   520  C  CD  . GLU A 1 69  ? 10.732  -6.940  -10.199 1.00 29.54 ? 69  GLU A CD  1 
ATOM   521  O  OE1 . GLU A 1 69  ? 9.871   -6.044  -10.399 1.00 32.63 ? 69  GLU A OE1 1 
ATOM   522  O  OE2 . GLU A 1 69  ? 10.770  -8.009  -10.844 1.00 34.45 ? 69  GLU A OE2 1 
ATOM   523  N  N   . LEU A 1 70  ? 12.268  -2.703  -7.402  1.00 21.42 ? 70  LEU A N   1 
ATOM   524  C  CA  . LEU A 1 70  ? 12.409  -1.260  -7.379  1.00 21.31 ? 70  LEU A CA  1 
ATOM   525  C  C   . LEU A 1 70  ? 13.444  -0.846  -6.331  1.00 22.25 ? 70  LEU A C   1 
ATOM   526  O  O   . LEU A 1 70  ? 14.281  0.004   -6.577  1.00 22.47 ? 70  LEU A O   1 
ATOM   527  C  CB  . LEU A 1 70  ? 11.039  -0.598  -7.116  1.00 21.27 ? 70  LEU A CB  1 
ATOM   528  C  CG  . LEU A 1 70  ? 10.957  0.916   -7.299  1.00 19.82 ? 70  LEU A CG  1 
ATOM   529  C  CD1 . LEU A 1 70  ? 11.493  1.353   -8.666  1.00 15.92 ? 70  LEU A CD1 1 
ATOM   530  C  CD2 . LEU A 1 70  ? 9.536   1.406   -7.071  1.00 17.81 ? 70  LEU A CD2 1 
ATOM   531  N  N   . LYS A 1 71  ? 13.384  -1.467  -5.158  1.00 23.41 ? 71  LYS A N   1 
ATOM   532  C  CA  . LYS A 1 71  ? 14.333  -1.194  -4.078  1.00 24.68 ? 71  LYS A CA  1 
ATOM   533  C  C   . LYS A 1 71  ? 15.797  -1.303  -4.534  1.00 24.81 ? 71  LYS A C   1 
ATOM   534  O  O   . LYS A 1 71  ? 16.618  -0.438  -4.205  1.00 24.84 ? 71  LYS A O   1 
ATOM   535  C  CB  . LYS A 1 71  ? 14.056  -2.159  -2.924  1.00 25.18 ? 71  LYS A CB  1 
ATOM   536  C  CG  . LYS A 1 71  ? 15.207  -2.444  -1.985  1.00 28.47 ? 71  LYS A CG  1 
ATOM   537  C  CD  . LYS A 1 71  ? 15.035  -1.785  -0.619  1.00 30.90 ? 71  LYS A CD  1 
ATOM   538  C  CE  . LYS A 1 71  ? 15.926  -2.476  0.410   1.00 32.31 ? 71  LYS A CE  1 
ATOM   539  N  NZ  . LYS A 1 71  ? 16.372  -1.548  1.489   1.00 34.00 ? 71  LYS A NZ  1 
ATOM   540  N  N   . ALA A 1 72  ? 16.106  -2.368  -5.271  1.00 25.24 ? 72  ALA A N   1 
ATOM   541  C  CA  . ALA A 1 72  ? 17.474  -2.654  -5.739  1.00 25.80 ? 72  ALA A CA  1 
ATOM   542  C  C   . ALA A 1 72  ? 17.943  -1.601  -6.755  1.00 25.98 ? 72  ALA A C   1 
ATOM   543  O  O   . ALA A 1 72  ? 19.081  -1.138  -6.716  1.00 25.80 ? 72  ALA A O   1 
ATOM   544  C  CB  . ALA A 1 72  ? 17.541  -4.062  -6.353  1.00 25.58 ? 72  ALA A CB  1 
ATOM   545  N  N   . ARG A 1 73  ? 17.049  -1.226  -7.661  1.00 26.61 ? 73  ARG A N   1 
ATOM   546  C  CA  . ARG A 1 73  ? 17.377  -0.233  -8.686  1.00 27.09 ? 73  ARG A CA  1 
ATOM   547  C  C   . ARG A 1 73  ? 17.516  1.161   -8.111  1.00 27.02 ? 73  ARG A C   1 
ATOM   548  O  O   . ARG A 1 73  ? 18.454  1.894   -8.463  1.00 27.51 ? 73  ARG A O   1 
ATOM   549  C  CB  . ARG A 1 73  ? 16.356  -0.288  -9.823  1.00 27.10 ? 73  ARG A CB  1 
ATOM   550  C  CG  . ARG A 1 73  ? 16.539  -1.545  -10.638 1.00 28.85 ? 73  ARG A CG  1 
ATOM   551  C  CD  . ARG A 1 73  ? 15.718  -1.589  -11.898 1.00 32.60 ? 73  ARG A CD  1 
ATOM   552  N  NE  . ARG A 1 73  ? 14.615  -2.528  -11.762 1.00 35.79 ? 73  ARG A NE  1 
ATOM   553  C  CZ  . ARG A 1 73  ? 14.139  -3.309  -12.732 1.00 38.39 ? 73  ARG A CZ  1 
ATOM   554  N  NH1 . ARG A 1 73  ? 14.657  -3.284  -13.967 1.00 39.39 ? 73  ARG A NH1 1 
ATOM   555  N  NH2 . ARG A 1 73  ? 13.119  -4.126  -12.456 1.00 39.19 ? 73  ARG A NH2 1 
ATOM   556  N  N   . ILE A 1 74  ? 16.614  1.530   -7.208  1.00 27.02 ? 74  ILE A N   1 
ATOM   557  C  CA  . ILE A 1 74  ? 16.718  2.831   -6.566  1.00 26.99 ? 74  ILE A CA  1 
ATOM   558  C  C   . ILE A 1 74  ? 18.094  2.963   -5.902  1.00 28.19 ? 74  ILE A C   1 
ATOM   559  O  O   . ILE A 1 74  ? 18.801  3.941   -6.130  1.00 27.74 ? 74  ILE A O   1 
ATOM   560  C  CB  . ILE A 1 74  ? 15.632  3.055   -5.516  1.00 26.48 ? 74  ILE A CB  1 
ATOM   561  C  CG1 . ILE A 1 74  ? 14.266  3.205   -6.191  1.00 24.77 ? 74  ILE A CG1 1 
ATOM   562  C  CG2 . ILE A 1 74  ? 15.943  4.294   -4.701  1.00 25.35 ? 74  ILE A CG2 1 
ATOM   563  C  CD1 . ILE A 1 74  ? 13.085  3.008   -5.251  1.00 23.48 ? 74  ILE A CD1 1 
ATOM   564  N  N   . GLU A 1 75  ? 18.459  1.968   -5.093  1.00 29.32 ? 75  GLU A N   1 
ATOM   565  C  CA  . GLU A 1 75  ? 19.689  2.026   -4.307  1.00 30.49 ? 75  GLU A CA  1 
ATOM   566  C  C   . GLU A 1 75  ? 20.936  2.133   -5.183  1.00 30.40 ? 75  GLU A C   1 
ATOM   567  O  O   . GLU A 1 75  ? 21.823  2.946   -4.902  1.00 31.43 ? 75  GLU A O   1 
ATOM   568  C  CB  . GLU A 1 75  ? 19.791  0.818   -3.382  1.00 31.08 ? 75  GLU A CB  1 
ATOM   569  C  CG  . GLU A 1 75  ? 18.920  0.953   -2.150  1.00 33.50 ? 75  GLU A CG  1 
ATOM   570  C  CD  . GLU A 1 75  ? 18.868  -0.319  -1.308  1.00 36.64 ? 75  GLU A CD  1 
ATOM   571  O  OE1 . GLU A 1 75  ? 19.081  -1.436  -1.859  1.00 38.79 ? 75  GLU A OE1 1 
ATOM   572  O  OE2 . GLU A 1 75  ? 18.604  -0.183  -0.089  1.00 38.18 ? 75  GLU A OE2 1 
ATOM   573  N  N   . LEU A 1 76  ? 20.988  1.320   -6.231  1.00 30.25 ? 76  LEU A N   1 
ATOM   574  C  CA  . LEU A 1 76  ? 22.045  1.406   -7.249  1.00 30.46 ? 76  LEU A CA  1 
ATOM   575  C  C   . LEU A 1 76  ? 22.205  2.844   -7.776  1.00 30.09 ? 76  LEU A C   1 
ATOM   576  O  O   . LEU A 1 76  ? 23.326  3.368   -7.841  1.00 30.06 ? 76  LEU A O   1 
ATOM   577  C  CB  . LEU A 1 76  ? 21.743  0.465   -8.434  1.00 30.57 ? 76  LEU A CB  1 
ATOM   578  C  CG  . LEU A 1 76  ? 22.353  -0.943  -8.502  1.00 31.65 ? 76  LEU A CG  1 
ATOM   579  C  CD1 . LEU A 1 76  ? 22.349  -1.611  -7.159  1.00 33.61 ? 76  LEU A CD1 1 
ATOM   580  C  CD2 . LEU A 1 76  ? 21.614  -1.806  -9.533  1.00 31.37 ? 76  LEU A CD2 1 
ATOM   581  N  N   . TRP A 1 77  ? 21.083  3.463   -8.151  1.00 28.83 ? 77  TRP A N   1 
ATOM   582  C  CA  . TRP A 1 77  ? 21.093  4.782   -8.786  1.00 28.06 ? 77  TRP A CA  1 
ATOM   583  C  C   . TRP A 1 77  ? 21.511  5.864   -7.780  1.00 28.29 ? 77  TRP A C   1 
ATOM   584  O  O   . TRP A 1 77  ? 22.280  6.777   -8.110  1.00 27.63 ? 77  TRP A O   1 
ATOM   585  C  CB  . TRP A 1 77  ? 19.710  5.065   -9.380  1.00 27.62 ? 77  TRP A CB  1 
ATOM   586  C  CG  . TRP A 1 77  ? 19.556  6.367   -10.103 1.00 26.45 ? 77  TRP A CG  1 
ATOM   587  C  CD1 . TRP A 1 77  ? 19.774  6.608   -11.430 1.00 25.95 ? 77  TRP A CD1 1 
ATOM   588  C  CD2 . TRP A 1 77  ? 19.105  7.595   -9.543  1.00 26.39 ? 77  TRP A CD2 1 
ATOM   589  N  NE1 . TRP A 1 77  ? 19.496  7.919   -11.724 1.00 25.82 ? 77  TRP A NE1 1 
ATOM   590  C  CE2 . TRP A 1 77  ? 19.090  8.550   -10.581 1.00 26.49 ? 77  TRP A CE2 1 
ATOM   591  C  CE3 . TRP A 1 77  ? 18.714  7.986   -8.259  1.00 26.39 ? 77  TRP A CE3 1 
ATOM   592  C  CZ2 . TRP A 1 77  ? 18.696  9.874   -10.372 1.00 27.20 ? 77  TRP A CZ2 1 
ATOM   593  C  CZ3 . TRP A 1 77  ? 18.327  9.298   -8.052  1.00 26.63 ? 77  TRP A CZ3 1 
ATOM   594  C  CH2 . TRP A 1 77  ? 18.327  10.229  -9.100  1.00 27.01 ? 77  TRP A CH2 1 
ATOM   595  N  N   . GLU A 1 78  ? 21.018  5.747   -6.548  1.00 28.39 ? 78  GLU A N   1 
ATOM   596  C  CA  . GLU A 1 78  ? 21.351  6.709   -5.494  1.00 29.05 ? 78  GLU A CA  1 
ATOM   597  C  C   . GLU A 1 78  ? 22.846  6.697   -5.166  1.00 29.65 ? 78  GLU A C   1 
ATOM   598  O  O   . GLU A 1 78  ? 23.456  7.756   -4.955  1.00 29.72 ? 78  GLU A O   1 
ATOM   599  C  CB  . GLU A 1 78  ? 20.564  6.418   -4.214  1.00 28.81 ? 78  GLU A CB  1 
ATOM   600  C  CG  . GLU A 1 78  ? 19.063  6.719   -4.288  1.00 28.72 ? 78  GLU A CG  1 
ATOM   601  C  CD  . GLU A 1 78  ? 18.352  6.391   -2.970  1.00 28.90 ? 78  GLU A CD  1 
ATOM   602  O  OE1 . GLU A 1 78  ? 18.715  5.373   -2.342  1.00 27.76 ? 78  GLU A OE1 1 
ATOM   603  O  OE2 . GLU A 1 78  ? 17.445  7.149   -2.551  1.00 29.30 ? 78  GLU A OE2 1 
ATOM   604  N  N   . GLN A 1 79  ? 23.416  5.497   -5.118  1.00 30.45 ? 79  GLN A N   1 
ATOM   605  C  CA  . GLN A 1 79  ? 24.815  5.312   -4.727  1.00 31.47 ? 79  GLN A CA  1 
ATOM   606  C  C   . GLN A 1 79  ? 25.753  5.862   -5.773  1.00 31.61 ? 79  GLN A C   1 
ATOM   607  O  O   . GLN A 1 79  ? 26.712  6.579   -5.455  1.00 31.65 ? 79  GLN A O   1 
ATOM   608  C  CB  . GLN A 1 79  ? 25.126  3.824   -4.496  1.00 31.92 ? 79  GLN A CB  1 
ATOM   609  C  CG  . GLN A 1 79  ? 24.511  3.263   -3.216  1.00 33.72 ? 79  GLN A CG  1 
ATOM   610  C  CD  . GLN A 1 79  ? 24.783  4.144   -2.015  1.00 36.24 ? 79  GLN A CD  1 
ATOM   611  O  OE1 . GLN A 1 79  ? 23.867  4.508   -1.273  1.00 38.30 ? 79  GLN A OE1 1 
ATOM   612  N  NE2 . GLN A 1 79  ? 26.051  4.513   -1.829  1.00 37.61 ? 79  GLN A NE2 1 
ATOM   613  N  N   . GLU A 1 80  ? 25.459  5.532   -7.022  1.00 31.38 ? 80  GLU A N   1 
ATOM   614  C  CA  . GLU A 1 80  ? 26.262  5.983   -8.139  1.00 31.79 ? 80  GLU A CA  1 
ATOM   615  C  C   . GLU A 1 80  ? 26.253  7.487   -8.360  1.00 31.48 ? 80  GLU A C   1 
ATOM   616  O  O   . GLU A 1 80  ? 27.276  8.062   -8.746  1.00 31.44 ? 80  GLU A O   1 
ATOM   617  C  CB  . GLU A 1 80  ? 25.779  5.321   -9.411  1.00 31.98 ? 80  GLU A CB  1 
ATOM   618  C  CG  . GLU A 1 80  ? 26.500  5.838   -10.640 1.00 34.21 ? 80  GLU A CG  1 
ATOM   619  C  CD  . GLU A 1 80  ? 26.130  5.072   -11.866 1.00 35.96 ? 80  GLU A CD  1 
ATOM   620  O  OE1 . GLU A 1 80  ? 25.295  4.152   -11.744 1.00 38.41 ? 80  GLU A OE1 1 
ATOM   621  O  OE2 . GLU A 1 80  ? 26.673  5.390   -12.941 1.00 38.07 ? 80  GLU A OE2 1 
ATOM   622  N  N   . HIS A 1 81  ? 25.101  8.122   -8.146  1.00 30.91 ? 81  HIS A N   1 
ATOM   623  C  CA  . HIS A 1 81  ? 24.967  9.547   -8.421  1.00 30.52 ? 81  HIS A CA  1 
ATOM   624  C  C   . HIS A 1 81  ? 24.985  10.400  -7.162  1.00 30.25 ? 81  HIS A C   1 
ATOM   625  O  O   . HIS A 1 81  ? 24.857  11.614  -7.253  1.00 29.82 ? 81  HIS A O   1 
ATOM   626  C  CB  . HIS A 1 81  ? 23.708  9.805   -9.258  1.00 30.40 ? 81  HIS A CB  1 
ATOM   627  C  CG  . HIS A 1 81  ? 23.676  9.027   -10.539 1.00 30.34 ? 81  HIS A CG  1 
ATOM   628  N  ND1 . HIS A 1 81  ? 24.558  9.260   -11.573 1.00 30.14 ? 81  HIS A ND1 1 
ATOM   629  C  CD2 . HIS A 1 81  ? 22.885  8.004   -10.945 1.00 29.29 ? 81  HIS A CD2 1 
ATOM   630  C  CE1 . HIS A 1 81  ? 24.309  8.420   -12.562 1.00 29.59 ? 81  HIS A CE1 1 
ATOM   631  N  NE2 . HIS A 1 81  ? 23.297  7.650   -12.208 1.00 29.81 ? 81  HIS A NE2 1 
ATOM   632  N  N   . SER A 1 82  ? 25.175  9.781   -5.998  1.00 30.10 ? 82  SER A N   1 
ATOM   633  C  CA  . SER A 1 82  ? 25.140  10.500  -4.719  1.00 30.49 ? 82  SER A CA  1 
ATOM   634  C  C   . SER A 1 82  ? 23.947  11.464  -4.605  1.00 30.28 ? 82  SER A C   1 
ATOM   635  O  O   . SER A 1 82  ? 24.111  12.655  -4.300  1.00 29.76 ? 82  SER A O   1 
ATOM   636  C  CB  . SER A 1 82  ? 26.454  11.259  -4.490  1.00 31.19 ? 82  SER A CB  1 
ATOM   637  O  OG  . SER A 1 82  ? 27.556  10.373  -4.564  1.00 33.15 ? 82  SER A OG  1 
ATOM   638  N  N   . LYS A 1 83  ? 22.752  10.928  -4.854  1.00 30.12 ? 83  LYS A N   1 
ATOM   639  C  CA  . LYS A 1 83  ? 21.495  11.682  -4.761  1.00 29.99 ? 83  LYS A CA  1 
ATOM   640  C  C   . LYS A 1 83  ? 20.428  10.800  -4.118  1.00 29.24 ? 83  LYS A C   1 
ATOM   641  O  O   . LYS A 1 83  ? 20.396  9.593   -4.344  1.00 28.41 ? 83  LYS A O   1 
ATOM   642  C  CB  . LYS A 1 83  ? 21.008  12.090  -6.159  1.00 30.23 ? 83  LYS A CB  1 
ATOM   643  C  CG  . LYS A 1 83  ? 21.824  13.182  -6.812  1.00 31.63 ? 83  LYS A CG  1 
ATOM   644  C  CD  . LYS A 1 83  ? 21.283  13.533  -8.195  1.00 32.94 ? 83  LYS A CD  1 
ATOM   645  C  CE  . LYS A 1 83  ? 22.153  14.593  -8.855  1.00 33.11 ? 83  LYS A CE  1 
ATOM   646  N  NZ  . LYS A 1 83  ? 21.372  15.363  -9.857  1.00 34.21 ? 83  LYS A NZ  1 
ATOM   647  N  N   . ALA A 1 84  ? 19.574  11.415  -3.308  1.00 28.59 ? 84  ALA A N   1 
ATOM   648  C  CA  . ALA A 1 84  ? 18.382  10.740  -2.781  1.00 27.99 ? 84  ALA A CA  1 
ATOM   649  C  C   . ALA A 1 84  ? 17.323  10.679  -3.872  1.00 27.16 ? 84  ALA A C   1 
ATOM   650  O  O   . ALA A 1 84  ? 17.040  11.691  -4.538  1.00 27.27 ? 84  ALA A O   1 
ATOM   651  C  CB  . ALA A 1 84  ? 17.837  11.493  -1.572  1.00 28.16 ? 84  ALA A CB  1 
ATOM   652  N  N   . PHE A 1 85  ? 16.747  9.491   -4.063  1.00 25.80 ? 85  PHE A N   1 
ATOM   653  C  CA  . PHE A 1 85  ? 15.621  9.318   -4.974  1.00 24.55 ? 85  PHE A CA  1 
ATOM   654  C  C   . PHE A 1 85  ? 14.325  9.665   -4.246  1.00 24.08 ? 85  PHE A C   1 
ATOM   655  O  O   . PHE A 1 85  ? 13.883  8.913   -3.383  1.00 23.94 ? 85  PHE A O   1 
ATOM   656  C  CB  . PHE A 1 85  ? 15.565  7.887   -5.509  1.00 24.19 ? 85  PHE A CB  1 
ATOM   657  C  CG  . PHE A 1 85  ? 14.389  7.632   -6.410  1.00 23.10 ? 85  PHE A CG  1 
ATOM   658  C  CD1 . PHE A 1 85  ? 14.363  8.145   -7.702  1.00 20.24 ? 85  PHE A CD1 1 
ATOM   659  C  CD2 . PHE A 1 85  ? 13.295  6.904   -5.956  1.00 21.33 ? 85  PHE A CD2 1 
ATOM   660  C  CE1 . PHE A 1 85  ? 13.275  7.926   -8.530  1.00 21.33 ? 85  PHE A CE1 1 
ATOM   661  C  CE2 . PHE A 1 85  ? 12.199  6.678   -6.772  1.00 19.49 ? 85  PHE A CE2 1 
ATOM   662  C  CZ  . PHE A 1 85  ? 12.177  7.181   -8.052  1.00 21.14 ? 85  PHE A CZ  1 
HETATM 663  N  N   . MSE A 1 86  ? 13.741  10.813  -4.586  1.00 23.49 ? 86  MSE A N   1 
HETATM 664  C  CA  . MSE A 1 86  ? 12.533  11.301  -3.928  1.00 23.65 ? 86  MSE A CA  1 
HETATM 665  C  C   . MSE A 1 86  ? 11.359  11.307  -4.892  1.00 22.39 ? 86  MSE A C   1 
HETATM 666  O  O   . MSE A 1 86  ? 11.507  11.628  -6.065  1.00 21.66 ? 86  MSE A O   1 
HETATM 667  C  CB  . MSE A 1 86  ? 12.718  12.731  -3.400  1.00 24.21 ? 86  MSE A CB  1 
HETATM 668  C  CG  . MSE A 1 86  ? 13.992  12.974  -2.614  1.00 27.22 ? 86  MSE A CG  1 
HETATM 669  SE SE  . MSE A 1 86  ? 13.999  12.090  -0.894  1.00 35.96 ? 86  MSE A SE  1 
HETATM 670  C  CE  . MSE A 1 86  ? 12.799  13.299  0.055   1.00 31.88 ? 86  MSE A CE  1 
ATOM   671  N  N   . VAL A 1 87  ? 10.192  10.962  -4.356  1.00 21.35 ? 87  VAL A N   1 
ATOM   672  C  CA  . VAL A 1 87  ? 8.933   11.036  -5.061  1.00 20.12 ? 87  VAL A CA  1 
ATOM   673  C  C   . VAL A 1 87  ? 7.947   11.741  -4.126  1.00 20.15 ? 87  VAL A C   1 
ATOM   674  O  O   . VAL A 1 87  ? 7.766   11.333  -2.978  1.00 19.24 ? 87  VAL A O   1 
ATOM   675  C  CB  . VAL A 1 87  ? 8.432   9.627   -5.436  1.00 20.35 ? 87  VAL A CB  1 
ATOM   676  C  CG1 . VAL A 1 87  ? 7.006   9.670   -6.003  1.00 18.73 ? 87  VAL A CG1 1 
ATOM   677  C  CG2 . VAL A 1 87  ? 9.404   8.968   -6.420  1.00 19.13 ? 87  VAL A CG2 1 
ATOM   678  N  N   . ASN A 1 88  ? 7.360   12.837  -4.610  1.00 20.21 ? 88  ASN A N   1 
ATOM   679  C  CA  . ASN A 1 88  ? 6.432   13.634  -3.825  1.00 20.50 ? 88  ASN A CA  1 
ATOM   680  C  C   . ASN A 1 88  ? 6.991   13.957  -2.429  1.00 20.93 ? 88  ASN A C   1 
ATOM   681  O  O   . ASN A 1 88  ? 6.290   13.850  -1.426  1.00 20.91 ? 88  ASN A O   1 
ATOM   682  C  CB  . ASN A 1 88  ? 5.077   12.914  -3.722  1.00 20.31 ? 88  ASN A CB  1 
ATOM   683  C  CG  . ASN A 1 88  ? 4.286   12.919  -5.031  1.00 18.91 ? 88  ASN A CG  1 
ATOM   684  O  OD1 . ASN A 1 88  ? 4.268   13.907  -5.766  1.00 18.93 ? 88  ASN A OD1 1 
ATOM   685  N  ND2 . ASN A 1 88  ? 3.590   11.815  -5.302  1.00 18.54 ? 88  ASN A ND2 1 
ATOM   686  N  N   . GLY A 1 89  ? 8.272   14.315  -2.371  1.00 21.30 ? 89  GLY A N   1 
ATOM   687  C  CA  . GLY A 1 89  ? 8.904   14.743  -1.122  1.00 21.48 ? 89  GLY A CA  1 
ATOM   688  C  C   . GLY A 1 89  ? 9.299   13.646  -0.159  1.00 21.96 ? 89  GLY A C   1 
ATOM   689  O  O   . GLY A 1 89  ? 9.471   13.892  1.031   1.00 22.55 ? 89  GLY A O   1 
ATOM   690  N  N   . GLN A 1 90  ? 9.496   12.440  -0.663  1.00 22.72 ? 90  GLN A N   1 
ATOM   691  C  CA  . GLN A 1 90  ? 9.756   11.302  0.209   1.00 23.20 ? 90  GLN A CA  1 
ATOM   692  C  C   . GLN A 1 90  ? 10.596  10.240  -0.500  1.00 23.45 ? 90  GLN A C   1 
ATOM   693  O  O   . GLN A 1 90  ? 10.433  9.999   -1.706  1.00 22.91 ? 90  GLN A O   1 
ATOM   694  C  CB  . GLN A 1 90  ? 8.413   10.714  0.680   1.00 23.34 ? 90  GLN A CB  1 
ATOM   695  C  CG  . GLN A 1 90  ? 8.474   9.836   1.923   1.00 24.76 ? 90  GLN A CG  1 
ATOM   696  C  CD  . GLN A 1 90  ? 7.078   9.509   2.486   1.00 26.37 ? 90  GLN A CD  1 
ATOM   697  O  OE1 . GLN A 1 90  ? 6.047   9.968   1.963   1.00 26.05 ? 90  GLN A OE1 1 
ATOM   698  N  NE2 . GLN A 1 90  ? 7.047   8.720   3.552   1.00 27.19 ? 90  GLN A NE2 1 
ATOM   699  N  N   . LYS A 1 91  ? 11.502  9.619   0.259   1.00 23.72 ? 91  LYS A N   1 
ATOM   700  C  CA  . LYS A 1 91  ? 12.190  8.432   -0.213  1.00 24.07 ? 91  LYS A CA  1 
ATOM   701  C  C   . LYS A 1 91  ? 11.089  7.418   -0.516  1.00 23.24 ? 91  LYS A C   1 
ATOM   702  O  O   . LYS A 1 91  ? 10.243  7.132   0.332   1.00 23.10 ? 91  LYS A O   1 
ATOM   703  C  CB  . LYS A 1 91  ? 13.186  7.891   0.828   1.00 24.84 ? 91  LYS A CB  1 
ATOM   704  C  CG  . LYS A 1 91  ? 14.453  8.762   1.028   1.00 27.43 ? 91  LYS A CG  1 
ATOM   705  C  CD  . LYS A 1 91  ? 15.460  8.126   2.022   1.00 30.98 ? 91  LYS A CD  1 
ATOM   706  C  CE  . LYS A 1 91  ? 16.245  6.945   1.412   1.00 32.91 ? 91  LYS A CE  1 
ATOM   707  N  NZ  . LYS A 1 91  ? 17.230  6.283   2.373   1.00 35.48 ? 91  LYS A NZ  1 
ATOM   708  N  N   . PHE A 1 92  ? 11.070  6.913   -1.736  1.00 22.12 ? 92  PHE A N   1 
ATOM   709  C  CA  . PHE A 1 92  ? 9.928   6.174   -2.181  1.00 21.94 ? 92  PHE A CA  1 
ATOM   710  C  C   . PHE A 1 92  ? 9.685   4.904   -1.367  1.00 22.22 ? 92  PHE A C   1 
ATOM   711  O  O   . PHE A 1 92  ? 8.535   4.588   -1.085  1.00 21.60 ? 92  PHE A O   1 
ATOM   712  C  CB  . PHE A 1 92  ? 10.038  5.818   -3.645  1.00 22.05 ? 92  PHE A CB  1 
ATOM   713  C  CG  . PHE A 1 92  ? 8.806   5.150   -4.181  1.00 21.98 ? 92  PHE A CG  1 
ATOM   714  C  CD1 . PHE A 1 92  ? 7.654   5.890   -4.419  1.00 22.71 ? 92  PHE A CD1 1 
ATOM   715  C  CD2 . PHE A 1 92  ? 8.792   3.793   -4.432  1.00 21.74 ? 92  PHE A CD2 1 
ATOM   716  C  CE1 . PHE A 1 92  ? 6.510   5.278   -4.901  1.00 22.67 ? 92  PHE A CE1 1 
ATOM   717  C  CE2 . PHE A 1 92  ? 7.645   3.177   -4.924  1.00 22.18 ? 92  PHE A CE2 1 
ATOM   718  C  CZ  . PHE A 1 92  ? 6.507   3.926   -5.151  1.00 21.60 ? 92  PHE A CZ  1 
HETATM 719  N  N   . MSE A 1 93  ? 10.746  4.179   -0.998  1.00 22.22 ? 93  MSE A N   1 
HETATM 720  C  CA  . MSE A 1 93  ? 10.565  2.926   -0.241  1.00 22.67 ? 93  MSE A CA  1 
HETATM 721  C  C   . MSE A 1 93  ? 10.043  3.188   1.179   1.00 22.72 ? 93  MSE A C   1 
HETATM 722  O  O   . MSE A 1 93  ? 9.400   2.322   1.780   1.00 22.56 ? 93  MSE A O   1 
HETATM 723  C  CB  . MSE A 1 93  ? 11.857  2.100   -0.198  1.00 22.73 ? 93  MSE A CB  1 
HETATM 724  C  CG  . MSE A 1 93  ? 12.365  1.633   -1.564  1.00 23.73 ? 93  MSE A CG  1 
HETATM 725  SE SE  . MSE A 1 93  ? 11.022  0.877   -2.772  1.00 26.64 ? 93  MSE A SE  1 
HETATM 726  C  CE  . MSE A 1 93  ? 10.352  -0.570  -1.628  1.00 25.30 ? 93  MSE A CE  1 
ATOM   727  N  N   . GLU A 1 94  ? 10.310  4.383   1.708   1.00 22.75 ? 94  GLU A N   1 
ATOM   728  C  CA  . GLU A 1 94  ? 9.744   4.788   2.991   1.00 23.01 ? 94  GLU A CA  1 
ATOM   729  C  C   . GLU A 1 94  ? 8.276   5.113   2.810   1.00 21.77 ? 94  GLU A C   1 
ATOM   730  O  O   . GLU A 1 94  ? 7.449   4.742   3.646   1.00 22.13 ? 94  GLU A O   1 
ATOM   731  C  CB  . GLU A 1 94  ? 10.481  6.000   3.575   1.00 23.82 ? 94  GLU A CB  1 
ATOM   732  C  CG  . GLU A 1 94  ? 11.933  5.740   3.873   1.00 26.88 ? 94  GLU A CG  1 
ATOM   733  C  CD  . GLU A 1 94  ? 12.644  6.937   4.520   1.00 31.62 ? 94  GLU A CD  1 
ATOM   734  O  OE1 . GLU A 1 94  ? 12.007  8.001   4.749   1.00 34.41 ? 94  GLU A OE1 1 
ATOM   735  O  OE2 . GLU A 1 94  ? 13.859  6.795   4.806   1.00 33.98 ? 94  GLU A OE2 1 
ATOM   736  N  N   . TYR A 1 95  ? 7.946   5.802   1.721   1.00 20.15 ? 95  TYR A N   1 
ATOM   737  C  CA  . TYR A 1 95  ? 6.544   5.986   1.355   1.00 19.01 ? 95  TYR A CA  1 
ATOM   738  C  C   . TYR A 1 95  ? 5.813   4.639   1.244   1.00 18.26 ? 95  TYR A C   1 
ATOM   739  O  O   . TYR A 1 95  ? 4.696   4.496   1.742   1.00 17.97 ? 95  TYR A O   1 
ATOM   740  C  CB  . TYR A 1 95  ? 6.417   6.784   0.047   1.00 18.78 ? 95  TYR A CB  1 
ATOM   741  C  CG  . TYR A 1 95  ? 5.065   6.684   -0.636  1.00 18.10 ? 95  TYR A CG  1 
ATOM   742  C  CD1 . TYR A 1 95  ? 3.969   7.421   -0.180  1.00 17.73 ? 95  TYR A CD1 1 
ATOM   743  C  CD2 . TYR A 1 95  ? 4.880   5.845   -1.734  1.00 17.98 ? 95  TYR A CD2 1 
ATOM   744  C  CE1 . TYR A 1 95  ? 2.734   7.322   -0.800  1.00 17.26 ? 95  TYR A CE1 1 
ATOM   745  C  CE2 . TYR A 1 95  ? 3.662   5.749   -2.361  1.00 16.67 ? 95  TYR A CE2 1 
ATOM   746  C  CZ  . TYR A 1 95  ? 2.594   6.480   -1.892  1.00 17.26 ? 95  TYR A CZ  1 
ATOM   747  O  OH  . TYR A 1 95  ? 1.386   6.377   -2.521  1.00 18.06 ? 95  TYR A OH  1 
ATOM   748  N  N   . VAL A 1 96  ? 6.430   3.667   0.579   1.00 17.17 ? 96  VAL A N   1 
ATOM   749  C  CA  . VAL A 1 96  ? 5.836   2.332   0.444   1.00 16.57 ? 96  VAL A CA  1 
ATOM   750  C  C   . VAL A 1 96  ? 5.555   1.698   1.815   1.00 17.02 ? 96  VAL A C   1 
ATOM   751  O  O   . VAL A 1 96  ? 4.459   1.182   2.046   1.00 16.18 ? 96  VAL A O   1 
ATOM   752  C  CB  . VAL A 1 96  ? 6.712   1.390   -0.428  1.00 16.48 ? 96  VAL A CB  1 
ATOM   753  C  CG1 . VAL A 1 96  ? 6.350   -0.085  -0.198  1.00 15.48 ? 96  VAL A CG1 1 
ATOM   754  C  CG2 . VAL A 1 96  ? 6.568   1.763   -1.912  1.00 14.57 ? 96  VAL A CG2 1 
ATOM   755  N  N   . ALA A 1 97  ? 6.521   1.768   2.728   1.00 17.84 ? 97  ALA A N   1 
ATOM   756  C  CA  . ALA A 1 97  ? 6.372   1.133   4.049   1.00 18.34 ? 97  ALA A CA  1 
ATOM   757  C  C   . ALA A 1 97  ? 5.264   1.810   4.849   1.00 18.65 ? 97  ALA A C   1 
ATOM   758  O  O   . ALA A 1 97  ? 4.438   1.148   5.466   1.00 19.44 ? 97  ALA A O   1 
ATOM   759  C  CB  . ALA A 1 97  ? 7.695   1.171   4.825   1.00 18.79 ? 97  ALA A CB  1 
ATOM   760  N  N   . GLU A 1 98  ? 5.254   3.136   4.803   1.00 19.04 ? 98  GLU A N   1 
ATOM   761  C  CA  . GLU A 1 98  ? 4.223   3.957   5.407   1.00 19.66 ? 98  GLU A CA  1 
ATOM   762  C  C   . GLU A 1 98  ? 2.825   3.585   4.898   1.00 19.15 ? 98  GLU A C   1 
ATOM   763  O  O   . GLU A 1 98  ? 1.886   3.486   5.679   1.00 19.42 ? 98  GLU A O   1 
ATOM   764  C  CB  . GLU A 1 98  ? 4.537   5.411   5.061   1.00 20.70 ? 98  GLU A CB  1 
ATOM   765  C  CG  . GLU A 1 98  ? 3.564   6.476   5.549   1.00 24.34 ? 98  GLU A CG  1 
ATOM   766  C  CD  . GLU A 1 98  ? 4.050   7.887   5.143   1.00 29.89 ? 98  GLU A CD  1 
ATOM   767  O  OE1 . GLU A 1 98  ? 5.150   8.301   5.604   1.00 33.40 ? 98  GLU A OE1 1 
ATOM   768  O  OE2 . GLU A 1 98  ? 3.356   8.567   4.349   1.00 33.08 ? 98  GLU A OE2 1 
ATOM   769  N  N   . GLN A 1 99  ? 2.686   3.372   3.591   1.00 17.96 ? 99  GLN A N   1 
ATOM   770  C  CA  . GLN A 1 99  ? 1.392   2.995   3.017   1.00 17.32 ? 99  GLN A CA  1 
ATOM   771  C  C   . GLN A 1 99  ? 0.871   1.673   3.587   1.00 17.47 ? 99  GLN A C   1 
ATOM   772  O  O   . GLN A 1 99  ? -0.284  1.574   4.016   1.00 16.36 ? 99  GLN A O   1 
ATOM   773  C  CB  . GLN A 1 99  ? 1.510   2.899   1.504   1.00 17.00 ? 99  GLN A CB  1 
ATOM   774  C  CG  . GLN A 1 99  ? 1.594   4.255   0.827   1.00 17.02 ? 99  GLN A CG  1 
ATOM   775  C  CD  . GLN A 1 99  ? 0.330   5.084   0.989   1.00 18.38 ? 99  GLN A CD  1 
ATOM   776  O  OE1 . GLN A 1 99  ? 0.365   6.184   1.547   1.00 20.71 ? 99  GLN A OE1 1 
ATOM   777  N  NE2 . GLN A 1 99  ? -0.787  4.561   0.524   1.00 16.18 ? 99  GLN A NE2 1 
ATOM   778  N  N   . TRP A 1 100 ? 1.736   0.665   3.581   1.00 17.64 ? 100 TRP A N   1 
ATOM   779  C  CA  . TRP A 1 100 ? 1.411   -0.639  4.151   1.00 18.55 ? 100 TRP A CA  1 
ATOM   780  C  C   . TRP A 1 100 ? 1.032   -0.569  5.639   1.00 19.24 ? 100 TRP A C   1 
ATOM   781  O  O   . TRP A 1 100 ? 0.100   -1.256  6.070   1.00 19.71 ? 100 TRP A O   1 
ATOM   782  C  CB  . TRP A 1 100 ? 2.559   -1.628  3.949   1.00 18.40 ? 100 TRP A CB  1 
ATOM   783  C  CG  . TRP A 1 100 ? 2.568   -2.296  2.607   1.00 17.82 ? 100 TRP A CG  1 
ATOM   784  C  CD1 . TRP A 1 100 ? 3.461   -2.098  1.592   1.00 18.40 ? 100 TRP A CD1 1 
ATOM   785  C  CD2 . TRP A 1 100 ? 1.640   -3.272  2.138   1.00 17.13 ? 100 TRP A CD2 1 
ATOM   786  N  NE1 . TRP A 1 100 ? 3.144   -2.907  0.517   1.00 17.26 ? 100 TRP A NE1 1 
ATOM   787  C  CE2 . TRP A 1 100 ? 2.025   -3.625  0.825   1.00 16.45 ? 100 TRP A CE2 1 
ATOM   788  C  CE3 . TRP A 1 100 ? 0.512   -3.876  2.691   1.00 15.65 ? 100 TRP A CE3 1 
ATOM   789  C  CZ2 . TRP A 1 100 ? 1.338   -4.573  0.081   1.00 16.91 ? 100 TRP A CZ2 1 
ATOM   790  C  CZ3 . TRP A 1 100 ? -0.171  -4.819  1.943   1.00 15.77 ? 100 TRP A CZ3 1 
ATOM   791  C  CH2 . TRP A 1 100 ? 0.246   -5.161  0.660   1.00 16.76 ? 100 TRP A CH2 1 
ATOM   792  N  N   . GLU A 1 101 ? 1.727   0.246   6.419   1.00 20.18 ? 101 GLU A N   1 
ATOM   793  C  CA  . GLU A 1 101 ? 1.466   0.270   7.869   1.00 21.29 ? 101 GLU A CA  1 
ATOM   794  C  C   . GLU A 1 101 ? 0.201   1.054   8.154   1.00 21.36 ? 101 GLU A C   1 
ATOM   795  O  O   . GLU A 1 101 ? -0.570  0.682   9.035   1.00 21.57 ? 101 GLU A O   1 
ATOM   796  C  CB  . GLU A 1 101 ? 2.655   0.840   8.649   1.00 21.98 ? 101 GLU A CB  1 
ATOM   797  C  CG  . GLU A 1 101 ? 2.510   0.820   10.193  1.00 24.59 ? 101 GLU A CG  1 
ATOM   798  C  CD  . GLU A 1 101 ? 2.422   -0.587  10.814  1.00 28.29 ? 101 GLU A CD  1 
ATOM   799  O  OE1 . GLU A 1 101 ? 2.730   -1.610  10.152  1.00 31.21 ? 101 GLU A OE1 1 
ATOM   800  O  OE2 . GLU A 1 101 ? 2.038   -0.676  12.005  1.00 31.69 ? 101 GLU A OE2 1 
HETATM 801  N  N   . MSE A 1 102 ? -0.031  2.127   7.404   1.00 21.19 ? 102 MSE A N   1 
HETATM 802  C  CA  . MSE A 1 102 ? -1.299  2.835   7.519   1.00 21.88 ? 102 MSE A CA  1 
HETATM 803  C  C   . MSE A 1 102 ? -2.466  1.940   7.172   1.00 20.54 ? 102 MSE A C   1 
HETATM 804  O  O   . MSE A 1 102 ? -3.477  1.946   7.855   1.00 19.67 ? 102 MSE A O   1 
HETATM 805  C  CB  . MSE A 1 102 ? -1.313  4.088   6.641   1.00 22.90 ? 102 MSE A CB  1 
HETATM 806  C  CG  . MSE A 1 102 ? -0.378  5.153   7.188   1.00 26.80 ? 102 MSE A CG  1 
HETATM 807  SE SE  . MSE A 1 102 ? -0.481  6.831   6.214   1.00 37.49 ? 102 MSE A SE  1 
HETATM 808  C  CE  . MSE A 1 102 ? -0.380  6.184   4.411   1.00 32.62 ? 102 MSE A CE  1 
ATOM   809  N  N   . HIS A 1 103 ? -2.325  1.171   6.101   1.00 20.06 ? 103 HIS A N   1 
ATOM   810  C  CA  . HIS A 1 103 ? -3.352  0.214   5.727   1.00 19.90 ? 103 HIS A CA  1 
ATOM   811  C  C   . HIS A 1 103 ? -3.583  -0.818  6.832   1.00 20.06 ? 103 HIS A C   1 
ATOM   812  O  O   . HIS A 1 103 ? -4.716  -1.091  7.205   1.00 18.32 ? 103 HIS A O   1 
ATOM   813  C  CB  . HIS A 1 103 ? -2.973  -0.495  4.428   1.00 19.41 ? 103 HIS A CB  1 
ATOM   814  C  CG  . HIS A 1 103 ? -3.960  -1.540  4.005   1.00 20.44 ? 103 HIS A CG  1 
ATOM   815  N  ND1 . HIS A 1 103 ? -5.303  -1.269  3.837   1.00 20.19 ? 103 HIS A ND1 1 
ATOM   816  C  CD2 . HIS A 1 103 ? -3.797  -2.852  3.713   1.00 20.05 ? 103 HIS A CD2 1 
ATOM   817  C  CE1 . HIS A 1 103 ? -5.923  -2.371  3.452   1.00 22.00 ? 103 HIS A CE1 1 
ATOM   818  N  NE2 . HIS A 1 103 ? -5.032  -3.345  3.364   1.00 22.26 ? 103 HIS A NE2 1 
ATOM   819  N  N   . ARG A 1 104 ? -2.496  -1.375  7.350   1.00 21.16 ? 104 ARG A N   1 
ATOM   820  C  CA  . ARG A 1 104 ? -2.580  -2.335  8.443   1.00 22.38 ? 104 ARG A CA  1 
ATOM   821  C  C   . ARG A 1 104 ? -3.299  -1.735  9.661   1.00 22.98 ? 104 ARG A C   1 
ATOM   822  O  O   . ARG A 1 104 ? -4.201  -2.360  10.245  1.00 23.59 ? 104 ARG A O   1 
ATOM   823  C  CB  . ARG A 1 104 ? -1.186  -2.814  8.854   1.00 22.38 ? 104 ARG A CB  1 
ATOM   824  C  CG  . ARG A 1 104 ? -1.220  -4.168  9.563   1.00 24.85 ? 104 ARG A CG  1 
ATOM   825  C  CD  . ARG A 1 104 ? 0.120   -4.552  10.161  1.00 26.08 ? 104 ARG A CD  1 
ATOM   826  N  NE  . ARG A 1 104 ? 0.539   -3.574  11.156  1.00 28.16 ? 104 ARG A NE  1 
ATOM   827  C  CZ  . ARG A 1 104 ? 0.014   -3.472  12.375  1.00 29.28 ? 104 ARG A CZ  1 
ATOM   828  N  NH1 . ARG A 1 104 ? 0.453   -2.532  13.195  1.00 28.20 ? 104 ARG A NH1 1 
ATOM   829  N  NH2 . ARG A 1 104 ? -0.952  -4.299  12.778  1.00 30.93 ? 104 ARG A NH2 1 
ATOM   830  N  N   . LEU A 1 105 ? -2.899  -0.525  10.029  1.00 23.79 ? 105 LEU A N   1 
ATOM   831  C  CA  . LEU A 1 105 ? -3.437  0.139   11.207  1.00 24.34 ? 105 LEU A CA  1 
ATOM   832  C  C   . LEU A 1 105 ? -4.907  0.496   11.004  1.00 24.97 ? 105 LEU A C   1 
ATOM   833  O  O   . LEU A 1 105 ? -5.715  0.317   11.906  1.00 24.63 ? 105 LEU A O   1 
ATOM   834  C  CB  . LEU A 1 105 ? -2.632  1.393   11.515  1.00 24.73 ? 105 LEU A CB  1 
ATOM   835  C  CG  . LEU A 1 105 ? -1.302  1.229   12.260  1.00 25.30 ? 105 LEU A CG  1 
ATOM   836  C  CD1 . LEU A 1 105 ? -0.556  2.541   12.245  1.00 27.05 ? 105 LEU A CD1 1 
ATOM   837  C  CD2 . LEU A 1 105 ? -1.528  0.771   13.694  1.00 26.50 ? 105 LEU A CD2 1 
ATOM   838  N  N   . GLU A 1 106 ? -5.253  0.984   9.811   1.00 25.48 ? 106 GLU A N   1 
ATOM   839  C  CA  . GLU A 1 106 ? -6.653  1.267   9.467   1.00 26.00 ? 106 GLU A CA  1 
ATOM   840  C  C   . GLU A 1 106 ? -7.532  0.012   9.637   1.00 26.66 ? 106 GLU A C   1 
ATOM   841  O  O   . GLU A 1 106 ? -8.630  0.088   10.199  1.00 26.31 ? 106 GLU A O   1 
ATOM   842  C  CB  . GLU A 1 106 ? -6.751  1.799   8.029   1.00 25.83 ? 106 GLU A CB  1 
ATOM   843  C  CG  . GLU A 1 106 ? -8.157  2.180   7.594   1.00 26.71 ? 106 GLU A CG  1 
ATOM   844  N  N   . LYS A 1 107 ? -7.044  -1.134  9.158   1.00 27.32 ? 107 LYS A N   1 
ATOM   845  C  CA  . LYS A 1 107 ? -7.774  -2.402  9.295   1.00 28.78 ? 107 LYS A CA  1 
ATOM   846  C  C   . LYS A 1 107 ? -8.007  -2.774  10.752  1.00 28.95 ? 107 LYS A C   1 
ATOM   847  O  O   . LYS A 1 107 ? -9.097  -3.203  11.108  1.00 29.39 ? 107 LYS A O   1 
ATOM   848  C  CB  . LYS A 1 107 ? -7.033  -3.549  8.614   1.00 28.91 ? 107 LYS A CB  1 
ATOM   849  C  CG  . LYS A 1 107 ? -7.424  -3.803  7.171   1.00 31.16 ? 107 LYS A CG  1 
ATOM   850  C  CD  . LYS A 1 107 ? -6.461  -4.833  6.562   1.00 33.57 ? 107 LYS A CD  1 
ATOM   851  C  CE  . LYS A 1 107 ? -7.150  -5.775  5.612   1.00 34.69 ? 107 LYS A CE  1 
ATOM   852  N  NZ  . LYS A 1 107 ? -6.159  -6.775  5.121   1.00 35.25 ? 107 LYS A NZ  1 
ATOM   853  N  N   . GLU A 1 108 ? -6.986  -2.597  11.582  1.00 29.88 ? 108 GLU A N   1 
ATOM   854  C  CA  . GLU A 1 108 ? -7.103  -2.826  13.021  1.00 30.47 ? 108 GLU A CA  1 
ATOM   855  C  C   . GLU A 1 108 ? -8.066  -1.859  13.685  1.00 30.60 ? 108 GLU A C   1 
ATOM   856  O  O   . GLU A 1 108 ? -8.871  -2.260  14.519  1.00 30.44 ? 108 GLU A O   1 
ATOM   857  C  CB  . GLU A 1 108 ? -5.746  -2.688  13.719  1.00 30.66 ? 108 GLU A CB  1 
ATOM   858  C  CG  . GLU A 1 108 ? -4.833  -3.877  13.532  1.00 32.24 ? 108 GLU A CG  1 
ATOM   859  C  CD  . GLU A 1 108 ? -3.682  -3.919  14.527  1.00 34.27 ? 108 GLU A CD  1 
ATOM   860  O  OE1 . GLU A 1 108 ? -3.232  -2.850  15.016  1.00 35.44 ? 108 GLU A OE1 1 
ATOM   861  O  OE2 . GLU A 1 108 ? -3.210  -5.040  14.813  1.00 35.75 ? 108 GLU A OE2 1 
ATOM   862  N  N   . ARG A 1 109 ? -7.947  -0.581  13.348  1.00 30.98 ? 109 ARG A N   1 
ATOM   863  C  CA  . ARG A 1 109 ? -8.787  0.453   13.956  1.00 31.67 ? 109 ARG A CA  1 
ATOM   864  C  C   . ARG A 1 109 ? -10.271 0.235   13.670  1.00 30.88 ? 109 ARG A C   1 
ATOM   865  O  O   . ARG A 1 109 ? -11.098 0.469   14.546  1.00 30.44 ? 109 ARG A O   1 
ATOM   866  C  CB  . ARG A 1 109 ? -8.345  1.853   13.518  1.00 32.32 ? 109 ARG A CB  1 
ATOM   867  C  CG  . ARG A 1 109 ? -6.984  2.232   14.099  1.00 35.99 ? 109 ARG A CG  1 
ATOM   868  C  CD  . ARG A 1 109 ? -6.622  3.717   13.917  1.00 39.97 ? 109 ARG A CD  1 
ATOM   869  N  NE  . ARG A 1 109 ? -5.181  4.030   13.992  1.00 43.24 ? 109 ARG A NE  1 
ATOM   870  C  CZ  . ARG A 1 109 ? -4.279  3.490   14.824  1.00 45.20 ? 109 ARG A CZ  1 
ATOM   871  N  NH1 . ARG A 1 109 ? -4.605  2.566   15.728  1.00 46.44 ? 109 ARG A NH1 1 
ATOM   872  N  NH2 . ARG A 1 109 ? -3.010  3.886   14.754  1.00 45.68 ? 109 ARG A NH2 1 
ATOM   873  N  N   . ALA A 1 110 ? -10.593 -0.233  12.466  1.00 30.41 ? 110 ALA A N   1 
ATOM   874  C  CA  . ALA A 1 110 ? -11.973 -0.575  12.107  1.00 30.71 ? 110 ALA A CA  1 
ATOM   875  C  C   . ALA A 1 110 ? -12.495 -1.746  12.944  1.00 30.94 ? 110 ALA A C   1 
ATOM   876  O  O   . ALA A 1 110 ? -13.616 -1.703  13.436  1.00 30.66 ? 110 ALA A O   1 
ATOM   877  C  CB  . ALA A 1 110 ? -12.089 -0.890  10.628  1.00 30.09 ? 110 ALA A CB  1 
ATOM   878  N  N   . LYS A 1 111 ? -11.687 -2.785  13.098  1.00 31.47 ? 111 LYS A N   1 
ATOM   879  C  CA  . LYS A 1 111 ? -12.003 -3.876  14.030  1.00 32.36 ? 111 LYS A CA  1 
ATOM   880  C  C   . LYS A 1 111 ? -12.185 -3.384  15.472  1.00 32.60 ? 111 LYS A C   1 
ATOM   881  O  O   . LYS A 1 111 ? -13.115 -3.795  16.173  1.00 32.13 ? 111 LYS A O   1 
ATOM   882  C  CB  . LYS A 1 111 ? -10.893 -4.941  14.008  1.00 32.30 ? 111 LYS A CB  1 
ATOM   883  C  CG  . LYS A 1 111 ? -10.890 -5.789  12.768  1.00 34.20 ? 111 LYS A CG  1 
ATOM   884  C  CD  . LYS A 1 111 ? -10.161 -7.137  12.971  1.00 36.92 ? 111 LYS A CD  1 
ATOM   885  C  CE  . LYS A 1 111 ? -8.747  -7.088  12.464  1.00 38.60 ? 111 LYS A CE  1 
ATOM   886  N  NZ  . LYS A 1 111 ? -8.003  -8.362  12.729  1.00 39.93 ? 111 LYS A NZ  1 
ATOM   887  N  N   . GLN A 1 112 ? -11.288 -2.513  15.912  1.00 33.26 ? 112 GLN A N   1 
ATOM   888  C  CA  . GLN A 1 112 ? -11.344 -2.018  17.270  1.00 34.31 ? 112 GLN A CA  1 
ATOM   889  C  C   . GLN A 1 112 ? -12.600 -1.187  17.533  1.00 35.20 ? 112 GLN A C   1 
ATOM   890  O  O   . GLN A 1 112 ? -13.176 -1.281  18.611  1.00 34.80 ? 112 GLN A O   1 
ATOM   891  C  CB  . GLN A 1 112 ? -10.109 -1.203  17.592  1.00 34.67 ? 112 GLN A CB  1 
ATOM   892  C  CG  . GLN A 1 112 ? -10.161 -0.552  18.955  1.00 35.69 ? 112 GLN A CG  1 
ATOM   893  C  CD  . GLN A 1 112 ? -8.848  0.050   19.353  1.00 37.26 ? 112 GLN A CD  1 
ATOM   894  O  OE1 . GLN A 1 112 ? -8.116  0.590   18.519  1.00 39.88 ? 112 GLN A OE1 1 
ATOM   895  N  NE2 . GLN A 1 112 ? -8.536  -0.029  20.638  1.00 38.17 ? 112 GLN A NE2 1 
ATOM   896  N  N   . GLU A 1 113 ? -13.019 -0.384  16.555  1.00 36.42 ? 113 GLU A N   1 
ATOM   897  C  CA  . GLU A 1 113 ? -14.188 0.479   16.726  1.00 37.67 ? 113 GLU A CA  1 
ATOM   898  C  C   . GLU A 1 113 ? -15.440 -0.377  16.873  1.00 38.05 ? 113 GLU A C   1 
ATOM   899  O  O   . GLU A 1 113 ? -16.260 -0.134  17.768  1.00 37.93 ? 113 GLU A O   1 
ATOM   900  C  CB  . GLU A 1 113 ? -14.354 1.473   15.562  1.00 38.08 ? 113 GLU A CB  1 
ATOM   901  C  CG  . GLU A 1 113 ? -15.131 2.750   15.960  1.00 40.54 ? 113 GLU A CG  1 
ATOM   902  C  CD  . GLU A 1 113 ? -16.271 3.119   14.998  1.00 44.19 ? 113 GLU A CD  1 
ATOM   903  O  OE1 . GLU A 1 113 ? -17.344 3.567   15.485  1.00 46.31 ? 113 GLU A OE1 1 
ATOM   904  O  OE2 . GLU A 1 113 ? -16.099 2.966   13.764  1.00 46.16 ? 113 GLU A OE2 1 
ATOM   905  N  N   . ARG A 1 114 ? -15.575 -1.378  16.001  1.00 38.63 ? 114 ARG A N   1 
ATOM   906  C  CA  . ARG A 1 114 ? -16.661 -2.346  16.095  1.00 39.38 ? 114 ARG A CA  1 
ATOM   907  C  C   . ARG A 1 114 ? -16.652 -3.053  17.456  1.00 39.91 ? 114 ARG A C   1 
ATOM   908  O  O   . ARG A 1 114 ? -17.707 -3.234  18.060  1.00 39.99 ? 114 ARG A O   1 
ATOM   909  C  CB  . ARG A 1 114 ? -16.605 -3.370  14.954  1.00 39.57 ? 114 ARG A CB  1 
ATOM   910  C  CG  . ARG A 1 114 ? -16.945 -2.778  13.584  1.00 40.46 ? 114 ARG A CG  1 
ATOM   911  C  CD  . ARG A 1 114 ? -17.351 -3.845  12.562  1.00 42.13 ? 114 ARG A CD  1 
ATOM   912  N  NE  . ARG A 1 114 ? -16.262 -4.771  12.224  1.00 43.25 ? 114 ARG A NE  1 
ATOM   913  C  CZ  . ARG A 1 114 ? -15.361 -4.597  11.253  1.00 44.45 ? 114 ARG A CZ  1 
ATOM   914  N  NH1 . ARG A 1 114 ? -14.429 -5.526  11.066  1.00 44.77 ? 114 ARG A NH1 1 
ATOM   915  N  NH2 . ARG A 1 114 ? -15.371 -3.512  10.470  1.00 44.33 ? 114 ARG A NH2 1 
ATOM   916  N  N   . GLN A 1 115 ? -15.469 -3.415  17.948  1.00 40.30 ? 115 GLN A N   1 
ATOM   917  C  CA  . GLN A 1 115 ? -15.349 -4.065  19.260  1.00 40.90 ? 115 GLN A CA  1 
ATOM   918  C  C   . GLN A 1 115 ? -15.930 -3.173  20.358  1.00 41.08 ? 115 GLN A C   1 
ATOM   919  O  O   . GLN A 1 115 ? -16.807 -3.596  21.105  1.00 40.66 ? 115 GLN A O   1 
ATOM   920  C  CB  . GLN A 1 115 ? -13.879 -4.407  19.575  1.00 40.95 ? 115 GLN A CB  1 
ATOM   921  C  CG  . GLN A 1 115 ? -13.681 -5.573  20.550  1.00 41.89 ? 115 GLN A CG  1 
ATOM   922  C  CD  . GLN A 1 115 ? -14.268 -5.334  21.942  1.00 43.18 ? 115 GLN A CD  1 
ATOM   923  O  OE1 . GLN A 1 115 ? -13.882 -4.397  22.653  1.00 43.71 ? 115 GLN A OE1 1 
ATOM   924  N  NE2 . GLN A 1 115 ? -15.196 -6.203  22.343  1.00 44.66 ? 115 GLN A NE2 1 
ATOM   925  N  N   . LEU A 1 116 ? -15.441 -1.937  20.437  1.00 41.62 ? 116 LEU A N   1 
ATOM   926  C  CA  . LEU A 1 116 ? -15.833 -1.009  21.503  1.00 42.26 ? 116 LEU A CA  1 
ATOM   927  C  C   . LEU A 1 116 ? -17.314 -0.638  21.410  1.00 42.67 ? 116 LEU A C   1 
ATOM   928  O  O   . LEU A 1 116 ? -17.985 -0.458  22.435  1.00 42.57 ? 116 LEU A O   1 
ATOM   929  C  CB  . LEU A 1 116 ? -14.960 0.255   21.486  1.00 42.35 ? 116 LEU A CB  1 
ATOM   930  C  CG  . LEU A 1 116 ? -13.618 0.148   22.224  1.00 42.76 ? 116 LEU A CG  1 
ATOM   931  C  CD1 . LEU A 1 116 ? -13.805 0.126   23.739  1.00 42.95 ? 116 LEU A CD1 1 
ATOM   932  C  CD2 . LEU A 1 116 ? -12.872 -1.081  21.788  1.00 43.40 ? 116 LEU A CD2 1 
ATOM   933  N  N   . LYS A 1 117 ? -17.813 -0.546  20.177  1.00 43.14 ? 117 LYS A N   1 
ATOM   934  C  CA  . LYS A 1 117 ? -19.209 -0.231  19.921  1.00 43.52 ? 117 LYS A CA  1 
ATOM   935  C  C   . LYS A 1 117 ? -20.124 -1.362  20.407  1.00 43.84 ? 117 LYS A C   1 
ATOM   936  O  O   . LYS A 1 117 ? -21.139 -1.110  21.071  1.00 43.32 ? 117 LYS A O   1 
ATOM   937  C  CB  . LYS A 1 117 ? -19.414 0.035   18.427  1.00 43.78 ? 117 LYS A CB  1 
ATOM   938  C  CG  . LYS A 1 117 ? -20.808 0.510   18.041  1.00 44.87 ? 117 LYS A CG  1 
ATOM   939  C  CD  . LYS A 1 117 ? -20.888 0.812   16.551  1.00 46.73 ? 117 LYS A CD  1 
ATOM   940  C  CE  . LYS A 1 117 ? -22.309 1.147   16.113  1.00 47.97 ? 117 LYS A CE  1 
ATOM   941  N  NZ  . LYS A 1 117 ? -22.343 1.742   14.749  1.00 48.77 ? 117 LYS A NZ  1 
ATOM   942  N  N   . ASN A 1 118 ? -19.759 -2.598  20.077  1.00 44.18 ? 118 ASN A N   1 
ATOM   943  C  CA  . ASN A 1 118 ? -20.491 -3.777  20.537  1.00 44.84 ? 118 ASN A CA  1 
ATOM   944  C  C   . ASN A 1 118 ? -20.471 -3.907  22.061  1.00 45.24 ? 118 ASN A C   1 
ATOM   945  O  O   . ASN A 1 118 ? -21.471 -4.278  22.676  1.00 44.98 ? 118 ASN A O   1 
ATOM   946  C  CB  . ASN A 1 118 ? -19.895 -5.050  19.925  1.00 44.92 ? 118 ASN A CB  1 
ATOM   947  C  CG  . ASN A 1 118 ? -20.087 -5.128  18.425  1.00 45.65 ? 118 ASN A CG  1 
ATOM   948  O  OD1 . ASN A 1 118 ? -21.020 -4.545  17.875  1.00 47.30 ? 118 ASN A OD1 1 
ATOM   949  N  ND2 . ASN A 1 118 ? -19.195 -5.848  17.750  1.00 46.68 ? 118 ASN A ND2 1 
ATOM   950  N  N   . LYS A 1 119 ? -19.323 -3.598  22.660  1.00 46.08 ? 119 LYS A N   1 
ATOM   951  C  CA  . LYS A 1 119 ? -19.143 -3.688  24.111  1.00 46.85 ? 119 LYS A CA  1 
ATOM   952  C  C   . LYS A 1 119 ? -19.994 -2.647  24.849  1.00 47.29 ? 119 LYS A C   1 
ATOM   953  O  O   . LYS A 1 119 ? -20.632 -2.961  25.858  1.00 47.20 ? 119 LYS A O   1 
ATOM   954  C  CB  . LYS A 1 119 ? -17.660 -3.525  24.474  1.00 47.00 ? 119 LYS A CB  1 
ATOM   955  C  CG  . LYS A 1 119 ? -17.331 -3.617  25.966  1.00 48.01 ? 119 LYS A CG  1 
ATOM   956  C  CD  . LYS A 1 119 ? -17.787 -4.934  26.592  1.00 49.23 ? 119 LYS A CD  1 
ATOM   957  C  CE  . LYS A 1 119 ? -17.564 -4.926  28.105  1.00 50.83 ? 119 LYS A CE  1 
ATOM   958  N  NZ  . LYS A 1 119 ? -18.232 -6.077  28.796  1.00 52.06 ? 119 LYS A NZ  1 
ATOM   959  N  N   . LYS A 1 120 ? -19.988 -1.415  24.343  1.00 47.92 ? 120 LYS A N   1 
ATOM   960  C  CA  . LYS A 1 120 ? -20.809 -0.336  24.899  1.00 48.52 ? 120 LYS A CA  1 
ATOM   961  C  C   . LYS A 1 120 ? -22.313 -0.604  24.704  1.00 48.78 ? 120 LYS A C   1 
ATOM   962  O  O   . LYS A 1 120 ? -23.134 -0.249  25.545  1.00 48.36 ? 120 LYS A O   1 
ATOM   963  C  CB  . LYS A 1 120 ? -20.411 1.008   24.270  1.00 48.71 ? 120 LYS A CB  1 
ATOM   964  C  CG  . LYS A 1 120 ? -21.009 2.231   24.967  1.00 49.70 ? 120 LYS A CG  1 
ATOM   965  C  CD  . LYS A 1 120 ? -20.573 3.540   24.304  1.00 51.52 ? 120 LYS A CD  1 
ATOM   966  C  CE  . LYS A 1 120 ? -21.339 4.742   24.866  1.00 52.32 ? 120 LYS A CE  1 
ATOM   967  N  NZ  . LYS A 1 120 ? -21.373 5.882   23.898  1.00 53.63 ? 120 LYS A NZ  1 
ATOM   968  N  N   . GLN A 1 121 ? -22.661 -1.238  23.591  1.00 49.53 ? 121 GLN A N   1 
ATOM   969  C  CA  . GLN A 1 121 ? -24.048 -1.606  23.295  1.00 50.39 ? 121 GLN A CA  1 
ATOM   970  C  C   . GLN A 1 121 ? -24.609 -2.586  24.330  1.00 50.87 ? 121 GLN A C   1 
ATOM   971  O  O   . GLN A 1 121 ? -25.732 -2.420  24.807  1.00 50.64 ? 121 GLN A O   1 
ATOM   972  C  CB  . GLN A 1 121 ? -24.118 -2.210  21.890  1.00 50.51 ? 121 GLN A CB  1 
ATOM   973  C  CG  . GLN A 1 121 ? -25.509 -2.522  21.368  1.00 51.40 ? 121 GLN A CG  1 
ATOM   974  C  CD  . GLN A 1 121 ? -25.565 -2.532  19.838  1.00 52.91 ? 121 GLN A CD  1 
ATOM   975  O  OE1 . GLN A 1 121 ? -24.778 -1.853  19.173  1.00 53.28 ? 121 GLN A OE1 1 
ATOM   976  N  NE2 . GLN A 1 121 ? -26.506 -3.292  19.279  1.00 53.94 ? 121 GLN A NE2 1 
ATOM   977  N  N   . THR A 1 122 ? -23.820 -3.602  24.674  1.00 51.74 ? 122 THR A N   1 
ATOM   978  C  CA  . THR A 1 122 ? -24.191 -4.542  25.740  1.00 52.49 ? 122 THR A CA  1 
ATOM   979  C  C   . THR A 1 122 ? -24.206 -3.853  27.112  1.00 52.87 ? 122 THR A C   1 
ATOM   980  O  O   . THR A 1 122 ? -25.099 -4.103  27.910  1.00 52.72 ? 122 THR A O   1 
ATOM   981  C  CB  . THR A 1 122 ? -23.266 -5.794  25.766  1.00 52.52 ? 122 THR A CB  1 
ATOM   982  O  OG1 . THR A 1 122 ? -21.893 -5.390  25.679  1.00 53.15 ? 122 THR A OG1 1 
ATOM   983  C  CG2 . THR A 1 122 ? -23.584 -6.719  24.595  1.00 52.79 ? 122 THR A CG2 1 
ATOM   984  N  N   . GLU A 1 123 ? -23.236 -2.974  27.369  1.00 53.59 ? 123 GLU A N   1 
ATOM   985  C  CA  . GLU A 1 123 ? -23.210 -2.168  28.605  1.00 54.35 ? 123 GLU A CA  1 
ATOM   986  C  C   . GLU A 1 123 ? -24.484 -1.332  28.796  1.00 54.62 ? 123 GLU A C   1 
ATOM   987  O  O   . GLU A 1 123 ? -25.101 -1.350  29.865  1.00 54.49 ? 123 GLU A O   1 
ATOM   988  C  CB  . GLU A 1 123 ? -22.015 -1.208  28.598  1.00 54.52 ? 123 GLU A CB  1 
ATOM   989  C  CG  . GLU A 1 123 ? -21.782 -0.475  29.937  1.00 55.74 ? 123 GLU A CG  1 
ATOM   990  C  CD  . GLU A 1 123 ? -21.271 0.959   29.769  1.00 57.52 ? 123 GLU A CD  1 
ATOM   991  O  OE1 . GLU A 1 123 ? -21.793 1.692   28.890  1.00 59.43 ? 123 GLU A OE1 1 
ATOM   992  O  OE2 . GLU A 1 123 ? -20.364 1.363   30.536  1.00 57.85 ? 123 GLU A OE2 1 
ATOM   993  N  N   . THR A 1 124 ? -24.841 -0.584  27.756  1.00 55.01 ? 124 THR A N   1 
ATOM   994  C  CA  . THR A 1 124 ? -25.981 0.326   27.792  1.00 55.43 ? 124 THR A CA  1 
ATOM   995  C  C   . THR A 1 124 ? -27.315 -0.428  27.799  1.00 55.97 ? 124 THR A C   1 
ATOM   996  O  O   . THR A 1 124 ? -28.292 0.040   28.384  1.00 56.02 ? 124 THR A O   1 
ATOM   997  C  CB  . THR A 1 124 ? -25.922 1.312   26.603  1.00 55.35 ? 124 THR A CB  1 
ATOM   998  O  OG1 . THR A 1 124 ? -24.746 2.121   26.724  1.00 54.77 ? 124 THR A OG1 1 
ATOM   999  C  CG2 . THR A 1 124 ? -27.148 2.215   26.572  1.00 55.48 ? 124 THR A CG2 1 
ATOM   1000 N  N   . GLU A 1 125 ? -27.352 -1.589  27.153  1.00 56.75 ? 125 GLU A N   1 
ATOM   1001 C  CA  . GLU A 1 125 ? -28.540 -2.447  27.181  1.00 57.41 ? 125 GLU A CA  1 
ATOM   1002 C  C   . GLU A 1 125 ? -28.789 -3.019  28.580  1.00 58.03 ? 125 GLU A C   1 
ATOM   1003 O  O   . GLU A 1 125 ? -29.929 -3.330  28.929  1.00 58.14 ? 125 GLU A O   1 
ATOM   1004 C  CB  . GLU A 1 125 ? -28.399 -3.585  26.168  1.00 20.00 ? 125 GLU A CB  1 
HETATM 1005 N  N   . MSE A 1 126 ? -27.724 -3.156  29.370  1.00 58.69 ? 126 MSE A N   1 
HETATM 1006 C  CA  . MSE A 1 126 ? -27.823 -3.710  30.720  1.00 59.41 ? 126 MSE A CA  1 
HETATM 1007 C  C   . MSE A 1 126 ? -28.108 -2.641  31.764  1.00 59.06 ? 126 MSE A C   1 
HETATM 1008 O  O   . MSE A 1 126 ? -28.886 -2.879  32.695  1.00 59.21 ? 126 MSE A O   1 
HETATM 1009 C  CB  . MSE A 1 126 ? -26.543 -4.463  31.095  1.00 59.97 ? 126 MSE A CB  1 
HETATM 1010 C  CG  . MSE A 1 126 ? -26.311 -5.719  30.271  1.00 62.72 ? 126 MSE A CG  1 
HETATM 1011 SE SE  . MSE A 1 126 ? -27.814 -6.986  30.294  1.00 70.03 ? 126 MSE A SE  1 
HETATM 1012 C  CE  . MSE A 1 126 ? -27.918 -7.285  32.238  1.00 68.24 ? 126 MSE A CE  1 
ATOM   1013 N  N   . LEU A 1 127 ? -27.477 -1.474  31.615  1.00 58.57 ? 127 LEU A N   1 
ATOM   1014 C  CA  . LEU A 1 127 ? -27.613 -0.389  32.593  1.00 58.16 ? 127 LEU A CA  1 
ATOM   1015 C  C   . LEU A 1 127 ? -28.989 0.279   32.556  1.00 57.68 ? 127 LEU A C   1 
ATOM   1016 O  O   . LEU A 1 127 ? -29.522 0.660   33.602  1.00 57.43 ? 127 LEU A O   1 
ATOM   1017 C  CB  . LEU A 1 127 ? -26.518 0.675   32.398  1.00 58.15 ? 127 LEU A CB  1 
ATOM   1018 C  CG  . LEU A 1 127 ? -25.258 0.563   33.265  1.00 58.53 ? 127 LEU A CG  1 
ATOM   1019 C  CD1 . LEU A 1 127 ? -24.283 1.695   32.932  1.00 58.84 ? 127 LEU A CD1 1 
ATOM   1020 C  CD2 . LEU A 1 127 ? -25.595 0.574   34.759  1.00 58.31 ? 127 LEU A CD2 1 
ATOM   1021 N  N   . TYR A 1 128 ? -29.547 0.421   31.355  1.00 57.31 ? 128 TYR A N   1 
ATOM   1022 C  CA  . TYR A 1 128 ? -30.776 1.193   31.137  1.00 56.99 ? 128 TYR A CA  1 
ATOM   1023 C  C   . TYR A 1 128 ? -31.922 0.392   30.524  1.00 57.10 ? 128 TYR A C   1 
ATOM   1024 O  O   . TYR A 1 128 ? -33.046 0.890   30.453  1.00 57.05 ? 128 TYR A O   1 
ATOM   1025 C  CB  . TYR A 1 128 ? -30.470 2.405   30.256  1.00 56.75 ? 128 TYR A CB  1 
ATOM   1026 C  CG  . TYR A 1 128 ? -29.270 3.176   30.745  1.00 56.14 ? 128 TYR A CG  1 
ATOM   1027 C  CD1 . TYR A 1 128 ? -29.337 3.916   31.926  1.00 55.53 ? 128 TYR A CD1 1 
ATOM   1028 C  CD2 . TYR A 1 128 ? -28.063 3.147   30.050  1.00 55.49 ? 128 TYR A CD2 1 
ATOM   1029 C  CE1 . TYR A 1 128 ? -28.238 4.622   32.395  1.00 55.35 ? 128 TYR A CE1 1 
ATOM   1030 C  CE2 . TYR A 1 128 ? -26.954 3.845   30.514  1.00 55.55 ? 128 TYR A CE2 1 
ATOM   1031 C  CZ  . TYR A 1 128 ? -27.052 4.584   31.686  1.00 55.44 ? 128 TYR A CZ  1 
ATOM   1032 O  OH  . TYR A 1 128 ? -25.969 5.280   32.154  1.00 55.39 ? 128 TYR A OH  1 
ATOM   1033 N  N   . GLY A 1 129 ? -31.645 -0.834  30.085  1.00 57.25 ? 129 GLY A N   1 
ATOM   1034 C  CA  . GLY A 1 129 ? -32.663 -1.686  29.484  1.00 57.56 ? 129 GLY A CA  1 
ATOM   1035 C  C   . GLY A 1 129 ? -33.728 -2.100  30.481  1.00 57.88 ? 129 GLY A C   1 
ATOM   1036 O  O   . GLY A 1 129 ? -33.473 -2.157  31.688  1.00 58.04 ? 129 GLY A O   1 
ATOM   1037 N  N   . SER A 1 130 ? -34.922 -2.387  29.966  1.00 58.30 ? 130 SER A N   1 
ATOM   1038 C  CA  . SER A 1 130 ? -36.095 -2.685  30.791  1.00 58.57 ? 130 SER A CA  1 
ATOM   1039 C  C   . SER A 1 130 ? -36.358 -4.185  30.838  1.00 58.68 ? 130 SER A C   1 
ATOM   1040 O  O   . SER A 1 130 ? -35.607 -4.934  31.465  1.00 58.97 ? 130 SER A O   1 
ATOM   1041 C  CB  . SER A 1 130 ? -37.323 -1.957  30.236  1.00 58.66 ? 130 SER A CB  1 
ATOM   1042 O  OG  . SER A 1 130 ? -37.477 -2.192  28.845  1.00 58.95 ? 130 SER A OG  1 
HETATM 1043 O  O   . HOH B 2 .   ? 22.123  3.609   -20.218 1.00 20.86 ? 201 HOH A O   1 
HETATM 1044 O  O   . HOH B 2 .   ? 14.897  10.801  -16.378 1.00 24.35 ? 202 HOH A O   1 
HETATM 1045 O  O   . HOH B 2 .   ? 22.413  1.016   -15.802 1.00 19.05 ? 203 HOH A O   1 
HETATM 1046 O  O   . HOH B 2 .   ? 6.828   7.934   -11.368 1.00 40.88 ? 204 HOH A O   1 
HETATM 1047 O  O   . HOH B 2 .   ? 18.368  -0.494  -13.657 1.00 42.60 ? 205 HOH A O   1 
HETATM 1048 O  O   . HOH B 2 .   ? 6.957   -1.641  -10.346 1.00 23.13 ? 206 HOH A O   1 
HETATM 1049 O  O   . HOH B 2 .   ? -7.533  2.774   -3.762  1.00 19.79 ? 207 HOH A O   1 
HETATM 1050 O  O   . HOH B 2 .   ? 13.605  11.881  -8.409  1.00 27.20 ? 208 HOH A O   1 
HETATM 1051 O  O   . HOH B 2 .   ? 3.650   7.223   -5.680  1.00 35.06 ? 209 HOH A O   1 
HETATM 1052 O  O   . HOH B 2 .   ? -22.980 -2.824  7.466   1.00 48.26 ? 210 HOH A O   1 
HETATM 1053 O  O   . HOH B 2 .   ? -5.371  7.313   0.334   1.00 36.43 ? 211 HOH A O   1 
HETATM 1054 O  O   . HOH B 2 .   ? 12.061  2.891   -19.615 1.00 33.63 ? 212 HOH A O   1 
HETATM 1055 O  O   . HOH B 2 .   ? 12.719  10.413  -15.002 1.00 45.10 ? 213 HOH A O   1 
HETATM 1056 O  O   . HOH B 2 .   ? 34.010  12.657  -20.394 1.00 44.65 ? 214 HOH A O   1 
HETATM 1057 O  O   . HOH B 2 .   ? -6.508  4.188   -2.119  1.00 28.10 ? 215 HOH A O   1 
HETATM 1058 O  O   . HOH B 2 .   ? 11.640  -0.004  -12.812 1.00 31.51 ? 216 HOH A O   1 
HETATM 1059 O  O   . HOH B 2 .   ? 25.537  6.784   -15.331 1.00 36.54 ? 217 HOH A O   1 
HETATM 1060 O  O   . HOH B 2 .   ? -12.551 2.217   2.821   1.00 47.45 ? 218 HOH A O   1 
HETATM 1061 O  O   . HOH B 2 .   ? 11.684  1.972   -22.068 1.00 35.23 ? 219 HOH A O   1 
HETATM 1062 O  O   . HOH B 2 .   ? -26.514 -4.581  1.405   1.00 61.34 ? 220 HOH A O   1 
HETATM 1063 O  O   . HOH B 2 .   ? 9.878   0.365   -17.024 1.00 38.33 ? 221 HOH A O   1 
HETATM 1064 O  O   . HOH B 2 .   ? -0.100  8.448   -5.037  1.00 33.90 ? 222 HOH A O   1 
HETATM 1065 O  O   . HOH B 2 .   ? 3.190   -3.010  7.986   1.00 30.63 ? 223 HOH A O   1 
HETATM 1066 O  O   . HOH B 2 .   ? 4.826   11.077  -0.065  1.00 28.84 ? 224 HOH A O   1 
HETATM 1067 O  O   . HOH B 2 .   ? 9.313   -2.814  -9.674  1.00 17.61 ? 225 HOH A O   1 
HETATM 1068 O  O   . HOH B 2 .   ? 15.734  -5.655  -3.388  1.00 22.12 ? 226 HOH A O   1 
HETATM 1069 O  O   . HOH B 2 .   ? -4.433  -5.152  9.800   1.00 34.63 ? 227 HOH A O   1 
HETATM 1070 O  O   . HOH B 2 .   ? -0.821  -2.881  15.768  1.00 24.04 ? 228 HOH A O   1 
HETATM 1071 O  O   . HOH B 2 .   ? 2.442   10.899  -1.834  1.00 23.54 ? 229 HOH A O   1 
HETATM 1072 O  O   . HOH B 2 .   ? 25.480  11.910  -11.829 1.00 39.10 ? 230 HOH A O   1 
HETATM 1073 O  O   . HOH B 2 .   ? 13.558  4.732   -1.625  1.00 24.52 ? 231 HOH A O   1 
HETATM 1074 O  O   . HOH B 2 .   ? -3.753  3.991   9.474   1.00 27.12 ? 232 HOH A O   1 
HETATM 1075 O  O   . HOH B 2 .   ? 14.800  6.850   -2.157  1.00 27.51 ? 233 HOH A O   1 
HETATM 1076 O  O   . HOH B 2 .   ? 7.970   14.046  -7.145  1.00 26.20 ? 234 HOH A O   1 
HETATM 1077 O  O   . HOH B 2 .   ? 5.383   -5.343  1.142   1.00 29.75 ? 235 HOH A O   1 
HETATM 1078 O  O   . HOH B 2 .   ? -0.060  -0.519  16.979  1.00 27.36 ? 236 HOH A O   1 
HETATM 1079 O  O   . HOH B 2 .   ? 5.207   -1.359  6.390   1.00 23.86 ? 237 HOH A O   1 
HETATM 1080 O  O   . HOH B 2 .   ? 0.520   9.020   -2.795  1.00 23.26 ? 238 HOH A O   1 
HETATM 1081 O  O   . HOH B 2 .   ? 22.366  5.345   -13.362 1.00 28.86 ? 239 HOH A O   1 
HETATM 1082 O  O   . HOH B 2 .   ? 19.494  1.344   -11.095 1.00 37.29 ? 240 HOH A O   1 
HETATM 1083 O  O   . HOH B 2 .   ? 15.113  12.602  -6.511  1.00 25.26 ? 241 HOH A O   1 
HETATM 1084 O  O   . HOH B 2 .   ? -33.313 1.385   27.433  1.00 25.46 ? 242 HOH A O   1 
HETATM 1085 O  O   . HOH B 2 .   ? 3.394   -6.157  2.633   1.00 37.29 ? 243 HOH A O   1 
HETATM 1086 O  O   . HOH B 2 .   ? 3.845   9.477   -3.937  1.00 28.53 ? 244 HOH A O   1 
HETATM 1087 O  O   . HOH B 2 .   ? 6.069   -2.651  4.156   1.00 37.14 ? 245 HOH A O   1 
HETATM 1088 O  O   . HOH B 2 .   ? -2.256  10.065  -1.753  1.00 23.76 ? 246 HOH A O   1 
HETATM 1089 O  O   . HOH B 2 .   ? -4.231  -0.530  16.071  1.00 29.24 ? 247 HOH A O   1 
HETATM 1090 O  O   . HOH B 2 .   ? 28.134  8.426   -13.389 1.00 46.80 ? 248 HOH A O   1 
HETATM 1091 O  O   . HOH B 2 .   ? 8.388   4.769   6.303   1.00 32.14 ? 249 HOH A O   1 
HETATM 1092 O  O   . HOH B 2 .   ? 3.207   1.085   13.449  1.00 30.44 ? 250 HOH A O   1 
HETATM 1093 O  O   . HOH B 2 .   ? -19.997 -3.406  29.513  1.00 54.83 ? 251 HOH A O   1 
HETATM 1094 O  O   . HOH B 2 .   ? 9.609   -0.497  1.833   1.00 34.56 ? 252 HOH A O   1 
HETATM 1095 O  O   . HOH B 2 .   ? 29.894  6.019   -9.071  1.00 44.73 ? 253 HOH A O   1 
HETATM 1096 O  O   . HOH B 2 .   ? 9.701   13.250  3.656   1.00 45.73 ? 254 HOH A O   1 
HETATM 1097 O  O   . HOH B 2 .   ? 9.635   8.789   5.302   1.00 39.87 ? 255 HOH A O   1 
HETATM 1098 O  O   . HOH B 2 .   ? -10.270 2.142   17.041  1.00 38.97 ? 256 HOH A O   1 
HETATM 1099 O  O   . HOH B 2 .   ? 11.734  10.564  2.935   1.00 41.20 ? 257 HOH A O   1 
HETATM 1100 O  O   . HOH B 2 .   ? 10.067  14.927  -4.523  1.00 40.80 ? 258 HOH A O   1 
HETATM 1101 O  O   . HOH B 2 .   ? 11.327  -1.732  -10.969 1.00 30.02 ? 259 HOH A O   1 
HETATM 1102 O  O   . HOH B 2 .   ? -10.986 -4.170  9.570   1.00 31.28 ? 260 HOH A O   1 
HETATM 1103 O  O   . HOH B 2 .   ? 16.462  1.244   -0.024  1.00 47.36 ? 261 HOH A O   1 
HETATM 1104 O  O   . HOH B 2 .   ? 22.184  3.189   -11.804 1.00 38.51 ? 262 HOH A O   1 
HETATM 1105 O  O   . HOH B 2 .   ? -15.499 0.067   12.530  1.00 35.42 ? 263 HOH A O   1 
HETATM 1106 O  O   . HOH B 2 .   ? -25.495 4.135   35.392  1.00 38.50 ? 264 HOH A O   1 
HETATM 1107 O  O   . HOH B 2 .   ? -13.461 3.630   18.411  1.00 52.62 ? 265 HOH A O   1 
HETATM 1108 O  O   . HOH B 2 .   ? 12.195  -6.642  -12.691 1.00 49.21 ? 266 HOH A O   1 
HETATM 1109 O  O   . HOH B 2 .   ? -5.369  -7.007  13.872  1.00 45.33 ? 267 HOH A O   1 
HETATM 1110 O  O   . HOH B 2 .   ? -17.733 0.526   27.649  1.00 47.27 ? 268 HOH A O   1 
HETATM 1111 O  O   . HOH B 2 .   ? -6.285  -6.639  10.978  1.00 43.98 ? 269 HOH A O   1 
HETATM 1112 O  O   . HOH B 2 .   ? 4.165   16.597  -3.672  1.00 51.97 ? 270 HOH A O   1 
HETATM 1113 O  O   . HOH B 2 .   ? 21.060  -1.949  -4.470  1.00 44.37 ? 271 HOH A O   1 
HETATM 1114 O  O   . HOH B 2 .   ? -19.066 -0.973  28.757  1.00 46.37 ? 272 HOH A O   1 
# 
